data_5KOD
#
_entry.id   5KOD
#
_cell.length_a   91.609
_cell.length_b   143.523
_cell.length_c   102.322
_cell.angle_alpha   90.00
_cell.angle_beta   114.72
_cell.angle_gamma   90.00
#
_symmetry.space_group_name_H-M   'P 1 21 1'
#
loop_
_entity.id
_entity.type
_entity.pdbx_description
1 polymer 'Indole-3-acetic acid-amido synthetase GH3.5'
2 non-polymer 'ADENOSINE MONOPHOSPHATE'
3 non-polymer '1H-INDOL-3-YLACETIC ACID'
4 non-polymer 'SULFATE ION'
5 water water
#
_entity_poly.entity_id   1
_entity_poly.type   'polypeptide(L)'
_entity_poly.pdbx_seq_one_letter_code
;MPEAPKKESLEVFDLTLDQKNKQKLQLIEELTSNADQVQRQVLEEILTRNADVEYLRRHDLNGRTDRETFKNIMPVITYE
DIEPEINRIANGDKSPILSSKPISEFLTSSGTSGGERKLMPTIEEELDRRSLLYSLLMPVMSQFVPGLENGKGMYFLFIK
SESKTPGGLPARPVLTSYYKSSHFKERPYDPYTNYTSPNETILCSDSYQSMYSQMLCGLCQHQEVLRVGAVFASGFIRAI
KFLEKHWIELVRDIRTGTLSSLITDPSVREAVAKILKPSPKLADFVEFECKKSSWQGIITRLWPNTKYVDVIVTGTMSQY
IPTLDYYSNGLPLVCTMYASSECYFGVNLRPLCKPSEVSYTLIPSMAYFEFLPVHRNNGVTNSINLPKALTEKEQQELVD
LVDVKLGQEYELVVTTYAGLCRYRVGDLLRVTGFKNKAPQFSFICRKNVVLSIDSDKTDEVELQNAVKNAVTHLVPFDAS
LSEYTSYADTSSIPGHYVLFWELCLDGNTPIPPSVFEDCCLAVEESFNTVYRQGRVSDKSIGPLEIKIVEPGTFDKLMDY
AISLGASINQYKTPRCVKFAPIIELLNSRVVDSYFSPKCPKWVPGHKQWGSN
;
_entity_poly.pdbx_strand_id   A,B,C,D
#
loop_
_chem_comp.id
_chem_comp.type
_chem_comp.name
_chem_comp.formula
AMP non-polymer 'ADENOSINE MONOPHOSPHATE' 'C10 H14 N5 O7 P'
IAC non-polymer '1H-INDOL-3-YLACETIC ACID' 'C10 H9 N O2'
SO4 non-polymer 'SULFATE ION' 'O4 S -2'
#
# COMPACT_ATOMS: atom_id res chain seq x y z
N ASP A 18 16.71 5.86 -10.46
CA ASP A 18 18.12 5.96 -10.18
C ASP A 18 18.32 6.53 -8.77
N GLN A 19 18.38 7.83 -8.76
CA GLN A 19 18.07 8.49 -7.57
C GLN A 19 19.16 8.26 -6.60
N LYS A 20 18.81 8.39 -5.37
CA LYS A 20 19.70 8.63 -4.32
C LYS A 20 20.70 7.52 -4.10
N ASN A 21 20.26 6.27 -4.10
CA ASN A 21 21.12 5.20 -3.69
C ASN A 21 22.30 5.10 -4.60
N LYS A 22 22.03 5.15 -5.89
CA LYS A 22 23.02 4.99 -6.93
C LYS A 22 24.02 6.12 -6.91
N GLN A 23 23.54 7.31 -6.68
CA GLN A 23 24.33 8.50 -6.56
C GLN A 23 25.25 8.48 -5.36
N LYS A 24 24.71 8.05 -4.21
CA LYS A 24 25.48 7.92 -3.00
C LYS A 24 26.58 6.84 -3.15
N LEU A 25 26.25 5.74 -3.79
CA LEU A 25 27.20 4.67 -4.03
C LEU A 25 28.28 5.16 -5.01
N GLN A 26 27.88 5.93 -6.02
CA GLN A 26 28.86 6.48 -6.97
C GLN A 26 29.77 7.48 -6.28
N LEU A 27 29.22 8.21 -5.31
CA LEU A 27 29.97 9.19 -4.54
C LEU A 27 31.08 8.50 -3.75
N ILE A 28 30.76 7.37 -3.16
CA ILE A 28 31.75 6.58 -2.44
C ILE A 28 32.88 6.14 -3.37
N GLU A 29 32.52 5.61 -4.54
CA GLU A 29 33.48 5.28 -5.61
C GLU A 29 34.37 6.48 -5.94
N GLU A 30 33.77 7.64 -6.18
CA GLU A 30 34.49 8.87 -6.53
C GLU A 30 35.46 9.29 -5.44
N LEU A 31 34.97 9.33 -4.20
CA LEU A 31 35.77 9.73 -3.06
C LEU A 31 36.92 8.76 -2.76
N THR A 32 36.69 7.46 -2.88
CA THR A 32 37.74 6.50 -2.56
C THR A 32 38.71 6.31 -3.74
N SER A 33 38.27 6.58 -4.97
CA SER A 33 39.15 6.49 -6.14
C SER A 33 40.04 7.72 -6.26
N ASN A 34 39.63 8.81 -5.61
CA ASN A 34 40.42 10.04 -5.62
C ASN A 34 40.74 10.49 -4.20
N ALA A 35 40.93 9.52 -3.31
CA ALA A 35 41.16 9.79 -1.89
C ALA A 35 42.30 10.78 -1.63
N ASP A 36 43.42 10.61 -2.31
CA ASP A 36 44.56 11.48 -2.03
C ASP A 36 44.29 12.90 -2.47
N GLN A 37 43.64 13.05 -3.63
CA GLN A 37 43.28 14.38 -4.10
C GLN A 37 42.29 15.03 -3.13
N VAL A 38 41.23 14.32 -2.74
CA VAL A 38 40.28 14.86 -1.75
C VAL A 38 40.96 15.26 -0.43
N GLN A 39 41.87 14.40 0.04
CA GLN A 39 42.61 14.68 1.26
C GLN A 39 43.36 15.99 1.09
N ARG A 40 43.96 16.17 -0.08
CA ARG A 40 44.66 17.42 -0.34
C ARG A 40 43.72 18.62 -0.36
N GLN A 41 42.47 18.42 -0.79
CA GLN A 41 41.65 19.58 -1.11
C GLN A 41 41.13 20.03 0.26
N VAL A 42 40.87 19.04 1.11
CA VAL A 42 40.37 19.26 2.46
C VAL A 42 41.40 20.07 3.28
N LEU A 43 42.65 19.60 3.32
CA LEU A 43 43.68 20.32 4.06
C LEU A 43 43.89 21.75 3.54
N GLU A 44 43.87 21.92 2.22
CA GLU A 44 44.04 23.23 1.59
C GLU A 44 42.92 24.18 2.00
N GLU A 45 41.69 23.66 2.04
CA GLU A 45 40.54 24.48 2.37
C GLU A 45 40.58 24.92 3.82
N ILE A 46 40.95 24.00 4.70
CA ILE A 46 41.08 24.28 6.12
C ILE A 46 42.14 25.37 6.41
N LEU A 47 43.34 25.18 5.87
CA LEU A 47 44.44 26.10 6.11
C LEU A 47 44.22 27.46 5.43
N THR A 48 43.38 27.50 4.40
CA THR A 48 43.07 28.78 3.76
C THR A 48 42.08 29.56 4.60
N ARG A 49 41.03 28.89 5.09
CA ARG A 49 40.06 29.51 5.98
C ARG A 49 40.67 29.95 7.31
N ASN A 50 41.45 29.07 7.91
CA ASN A 50 41.99 29.32 9.25
C ASN A 50 43.36 29.98 9.22
N ALA A 51 43.79 30.40 8.03
CA ALA A 51 45.09 31.02 7.81
C ALA A 51 45.45 32.09 8.85
N ASP A 52 44.47 32.88 9.27
CA ASP A 52 44.74 33.97 10.21
C ASP A 52 44.41 33.64 11.67
N VAL A 53 43.99 32.42 11.97
CA VAL A 53 43.63 32.13 13.35
C VAL A 53 44.91 32.07 14.17
N GLU A 54 44.77 32.27 15.49
CA GLU A 54 45.91 32.44 16.37
C GLU A 54 46.80 31.20 16.41
N TYR A 55 46.20 30.03 16.42
CA TYR A 55 46.97 28.79 16.55
C TYR A 55 47.93 28.57 15.36
N LEU A 56 47.45 28.77 14.14
CA LEU A 56 48.31 28.62 12.96
C LEU A 56 49.38 29.70 12.92
N ARG A 57 49.04 30.93 13.29
CA ARG A 57 50.01 32.02 13.24
C ARG A 57 51.08 31.90 14.33
N ARG A 58 50.69 31.34 15.47
CA ARG A 58 51.60 31.08 16.57
C ARG A 58 52.74 30.15 16.14
N HIS A 59 52.40 29.19 15.31
CA HIS A 59 53.38 28.25 14.76
C HIS A 59 53.95 28.77 13.42
N ASP A 60 53.72 30.05 13.13
CA ASP A 60 54.33 30.74 12.00
C ASP A 60 54.06 30.09 10.64
N LEU A 61 52.90 29.46 10.49
CA LEU A 61 52.55 28.85 9.21
C LEU A 61 52.50 29.92 8.11
N ASN A 62 52.38 31.17 8.52
CA ASN A 62 52.55 32.32 7.62
C ASN A 62 51.67 32.25 6.38
N GLY A 63 50.45 31.74 6.54
CA GLY A 63 49.49 31.68 5.45
C GLY A 63 49.71 30.60 4.40
N ARG A 64 50.64 29.68 4.66
CA ARG A 64 50.88 28.60 3.70
C ARG A 64 49.82 27.51 3.85
N THR A 65 49.53 26.81 2.75
CA THR A 65 48.43 25.83 2.75
C THR A 65 48.82 24.45 2.26
N ASP A 66 50.09 24.27 1.92
CA ASP A 66 50.57 23.02 1.31
C ASP A 66 50.84 21.93 2.34
N ARG A 67 50.76 20.68 1.88
CA ARG A 67 50.91 19.51 2.75
C ARG A 67 52.29 19.42 3.43
N GLU A 68 53.36 19.60 2.64
CA GLU A 68 54.73 19.49 3.16
C GLU A 68 55.01 20.49 4.26
N THR A 69 54.57 21.73 4.07
CA THR A 69 54.80 22.76 5.08
C THR A 69 54.09 22.39 6.36
N PHE A 70 52.84 21.98 6.23
CA PHE A 70 52.00 21.61 7.35
C PHE A 70 52.60 20.50 8.21
N LYS A 71 53.11 19.47 7.54
CA LYS A 71 53.66 18.29 8.22
C LYS A 71 55.03 18.57 8.86
N ASN A 72 55.80 19.48 8.27
CA ASN A 72 57.09 19.86 8.80
C ASN A 72 56.99 20.87 9.95
N ILE A 73 55.97 21.72 9.91
CA ILE A 73 55.86 22.86 10.83
C ILE A 73 54.95 22.57 12.01
N MET A 74 53.72 22.12 11.74
CA MET A 74 52.74 21.90 12.80
C MET A 74 53.05 20.66 13.64
N PRO A 75 52.93 20.79 14.96
CA PRO A 75 53.23 19.66 15.83
C PRO A 75 52.08 18.66 15.92
N VAL A 76 52.43 17.41 16.19
CA VAL A 76 51.44 16.39 16.47
C VAL A 76 51.05 16.54 17.93
N ILE A 77 49.76 16.69 18.19
CA ILE A 77 49.33 17.07 19.52
C ILE A 77 48.32 16.12 20.17
N THR A 78 48.18 16.30 21.48
CA THR A 78 47.14 15.67 22.26
C THR A 78 46.25 16.82 22.81
N TYR A 79 45.20 16.46 23.54
CA TYR A 79 44.26 17.44 24.08
C TYR A 79 44.92 18.45 25.01
N GLU A 80 45.74 17.95 25.94
CA GLU A 80 46.44 18.78 26.91
C GLU A 80 47.26 19.89 26.25
N ASP A 81 47.76 19.63 25.03
CA ASP A 81 48.51 20.61 24.25
C ASP A 81 47.66 21.81 23.80
N ILE A 82 46.39 21.60 23.46
CA ILE A 82 45.55 22.73 23.06
C ILE A 82 44.50 23.16 24.09
N GLU A 83 44.54 22.60 25.30
CA GLU A 83 43.61 22.97 26.36
C GLU A 83 43.62 24.49 26.69
N PRO A 84 44.82 25.13 26.71
CA PRO A 84 44.72 26.58 26.97
C PRO A 84 43.89 27.32 25.93
N GLU A 85 44.00 26.93 24.67
CA GLU A 85 43.17 27.53 23.62
C GLU A 85 41.70 27.20 23.86
N ILE A 86 41.40 25.93 24.13
CA ILE A 86 40.04 25.47 24.41
C ILE A 86 39.38 26.23 25.57
N ASN A 87 40.08 26.31 26.69
CA ASN A 87 39.61 27.01 27.89
C ASN A 87 39.27 28.46 27.58
N ARG A 88 40.15 29.11 26.83
CA ARG A 88 39.99 30.51 26.49
C ARG A 88 38.71 30.72 25.70
N ILE A 89 38.49 29.88 24.69
CA ILE A 89 37.26 29.92 23.92
C ILE A 89 36.05 29.62 24.82
N ALA A 90 36.18 28.60 25.66
CA ALA A 90 35.08 28.21 26.56
C ALA A 90 34.81 29.31 27.58
N ASN A 91 35.84 30.08 27.92
CA ASN A 91 35.66 31.20 28.85
C ASN A 91 35.10 32.45 28.16
N GLY A 92 34.97 32.42 26.84
CA GLY A 92 34.28 33.49 26.14
C GLY A 92 35.11 34.33 25.18
N ASP A 93 36.39 34.02 25.06
CA ASP A 93 37.27 34.69 24.10
C ASP A 93 36.81 34.36 22.68
N LYS A 94 36.27 35.36 21.97
CA LYS A 94 35.66 35.11 20.66
C LYS A 94 36.53 35.45 19.45
N SER A 95 37.78 35.83 19.68
CA SER A 95 38.72 36.04 18.58
C SER A 95 39.03 34.71 17.88
N PRO A 96 39.44 34.78 16.59
CA PRO A 96 39.78 33.53 15.88
C PRO A 96 41.04 32.87 16.44
N ILE A 97 40.84 31.91 17.34
CA ILE A 97 41.97 31.26 17.99
C ILE A 97 42.28 29.93 17.29
N LEU A 98 41.26 29.12 17.06
CA LEU A 98 41.43 27.85 16.36
C LEU A 98 40.73 27.87 15.01
N SER A 99 39.68 28.69 14.89
CA SER A 99 38.82 28.66 13.72
C SER A 99 38.33 30.05 13.30
N SER A 100 38.25 30.29 12.00
CA SER A 100 37.77 31.58 11.49
C SER A 100 36.25 31.65 11.54
N LYS A 101 35.59 30.53 11.24
CA LYS A 101 34.14 30.45 11.40
C LYS A 101 33.87 30.29 12.87
N PRO A 102 32.76 30.85 13.38
CA PRO A 102 32.54 30.79 14.82
C PRO A 102 32.36 29.37 15.36
N ILE A 103 33.01 29.08 16.48
CA ILE A 103 32.80 27.83 17.19
C ILE A 103 31.38 27.85 17.74
N SER A 104 30.53 26.96 17.24
CA SER A 104 29.11 27.01 17.56
C SER A 104 28.81 26.32 18.89
N GLU A 105 29.59 25.30 19.21
CA GLU A 105 29.46 24.60 20.48
C GLU A 105 30.67 23.73 20.75
N PHE A 106 30.71 23.15 21.94
CA PHE A 106 31.69 22.16 22.29
C PHE A 106 31.01 20.81 22.40
N LEU A 107 31.57 19.83 21.72
CA LEU A 107 31.08 18.46 21.79
C LEU A 107 31.90 17.71 22.84
N THR A 108 31.24 17.37 23.94
CA THR A 108 31.89 16.78 25.09
C THR A 108 32.14 15.30 24.88
N SER A 109 33.40 14.93 24.75
CA SER A 109 33.76 13.56 24.42
C SER A 109 33.61 12.63 25.63
N SER A 110 33.50 11.33 25.39
CA SER A 110 33.54 10.35 26.47
C SER A 110 34.98 10.18 26.99
N GLY A 111 35.94 10.59 26.17
CA GLY A 111 37.33 10.66 26.59
C GLY A 111 37.52 11.81 27.56
N THR A 112 38.27 11.57 28.63
CA THR A 112 38.49 12.58 29.66
C THR A 112 39.93 13.03 29.83
N SER A 113 40.08 14.07 30.63
CA SER A 113 41.34 14.73 30.92
C SER A 113 41.15 15.34 32.29
N GLY A 114 41.97 14.91 33.25
CA GLY A 114 41.81 15.34 34.63
C GLY A 114 40.44 15.00 35.18
N GLY A 115 39.87 13.89 34.73
CA GLY A 115 38.55 13.45 35.17
C GLY A 115 37.36 14.05 34.45
N GLU A 116 37.58 15.11 33.67
CA GLU A 116 36.50 15.84 33.01
C GLU A 116 36.44 15.56 31.50
N ARG A 117 35.24 15.61 30.91
CA ARG A 117 35.10 15.38 29.49
C ARG A 117 35.95 16.36 28.68
N LYS A 118 36.58 15.87 27.62
CA LYS A 118 37.28 16.73 26.68
C LYS A 118 36.27 17.59 25.91
N LEU A 119 36.63 18.84 25.70
CA LEU A 119 35.75 19.72 24.95
C LEU A 119 36.24 19.81 23.51
N MET A 120 35.50 19.21 22.60
CA MET A 120 35.87 19.22 21.19
C MET A 120 35.18 20.36 20.46
N PRO A 121 35.97 21.27 19.87
CA PRO A 121 35.35 22.37 19.14
C PRO A 121 34.69 21.87 17.85
N THR A 122 33.54 22.42 17.55
CA THR A 122 32.90 22.13 16.29
C THR A 122 32.36 23.43 15.71
N ILE A 123 32.00 23.37 14.43
CA ILE A 123 31.38 24.50 13.76
C ILE A 123 30.10 24.03 13.10
N GLU A 124 29.21 24.96 12.78
CA GLU A 124 27.87 24.64 12.28
C GLU A 124 27.94 23.77 11.01
N GLU A 125 28.87 24.14 10.14
CA GLU A 125 29.14 23.43 8.90
C GLU A 125 29.33 21.91 9.11
N GLU A 126 29.86 21.51 10.27
CA GLU A 126 30.18 20.11 10.51
C GLU A 126 28.96 19.19 10.54
N LEU A 127 27.79 19.75 10.85
CA LEU A 127 26.54 18.98 10.78
C LEU A 127 26.32 18.45 9.37
N ASP A 128 26.68 19.26 8.36
CA ASP A 128 26.52 18.85 6.96
C ASP A 128 27.32 17.59 6.69
N ARG A 129 28.52 17.55 7.25
CA ARG A 129 29.38 16.41 7.03
C ARG A 129 28.93 15.19 7.85
N ARG A 130 28.37 15.40 9.04
CA ARG A 130 27.80 14.27 9.79
C ARG A 130 26.63 13.65 9.04
N SER A 131 25.75 14.52 8.51
CA SER A 131 24.59 14.09 7.76
C SER A 131 24.98 13.38 6.46
N LEU A 132 26.04 13.87 5.81
CA LEU A 132 26.55 13.22 4.60
C LEU A 132 26.90 11.77 4.93
N LEU A 133 27.60 11.60 6.05
CA LEU A 133 27.99 10.28 6.53
C LEU A 133 26.75 9.39 6.73
N TYR A 134 25.77 9.87 7.50
CA TYR A 134 24.56 9.09 7.75
C TYR A 134 23.85 8.74 6.42
N SER A 135 23.92 9.65 5.44
CA SER A 135 23.19 9.47 4.18
C SER A 135 23.81 8.36 3.33
N LEU A 136 25.01 7.91 3.69
CA LEU A 136 25.70 6.81 3.01
C LEU A 136 25.25 5.42 3.49
N LEU A 137 24.71 5.36 4.70
CA LEU A 137 24.46 4.10 5.37
C LEU A 137 23.43 3.21 4.64
N MET A 138 22.24 3.73 4.37
CA MET A 138 21.22 2.88 3.74
C MET A 138 21.52 2.52 2.26
N PRO A 139 22.05 3.48 1.44
CA PRO A 139 22.52 3.07 0.11
C PRO A 139 23.51 1.90 0.14
N VAL A 140 24.47 1.93 1.09
CA VAL A 140 25.40 0.83 1.26
C VAL A 140 24.64 -0.45 1.63
N MET A 141 23.76 -0.36 2.62
CA MET A 141 22.96 -1.49 3.04
C MET A 141 21.98 -2.02 1.97
N SER A 142 21.56 -1.16 1.03
CA SER A 142 20.59 -1.59 0.02
C SER A 142 21.16 -2.64 -0.94
N GLN A 143 22.48 -2.81 -0.94
CA GLN A 143 23.13 -3.82 -1.78
C GLN A 143 23.10 -5.24 -1.17
N PHE A 144 22.79 -5.32 0.13
CA PHE A 144 22.92 -6.56 0.88
C PHE A 144 21.61 -7.05 1.49
N VAL A 145 20.74 -6.10 1.85
CA VAL A 145 19.42 -6.40 2.41
C VAL A 145 18.33 -5.60 1.69
N PRO A 146 17.46 -6.28 0.92
CA PRO A 146 16.41 -5.62 0.15
C PRO A 146 15.18 -5.28 1.00
N GLY A 147 14.34 -4.41 0.45
CA GLY A 147 13.03 -4.17 1.00
C GLY A 147 12.97 -3.32 2.26
N LEU A 148 14.09 -2.74 2.67
CA LEU A 148 14.09 -1.97 3.92
C LEU A 148 13.27 -0.69 3.81
N GLU A 149 13.04 -0.23 2.57
CA GLU A 149 12.22 0.97 2.33
C GLU A 149 10.72 0.69 2.48
N ASN A 150 10.36 -0.58 2.63
CA ASN A 150 8.97 -0.99 2.77
C ASN A 150 8.60 -1.26 4.23
N GLY A 151 9.38 -0.72 5.16
CA GLY A 151 9.15 -0.97 6.57
C GLY A 151 9.93 -0.04 7.50
N LYS A 152 9.96 -0.37 8.77
CA LYS A 152 10.52 0.57 9.73
C LYS A 152 11.71 0.01 10.49
N GLY A 153 12.46 0.91 11.12
CA GLY A 153 13.57 0.53 11.95
C GLY A 153 13.23 0.93 13.37
N MET A 154 13.41 0.00 14.31
CA MET A 154 13.15 0.30 15.72
C MET A 154 14.48 0.58 16.42
N TYR A 155 14.82 1.86 16.51
CA TYR A 155 16.04 2.29 17.16
C TYR A 155 15.70 3.03 18.44
N PHE A 156 16.48 2.75 19.48
CA PHE A 156 16.33 3.45 20.75
C PHE A 156 17.42 4.49 20.91
N LEU A 157 17.05 5.75 20.67
CA LEU A 157 17.99 6.85 20.62
C LEU A 157 17.73 7.80 21.78
N PHE A 158 18.79 8.35 22.35
CA PHE A 158 18.64 9.15 23.56
C PHE A 158 19.53 10.39 23.57
N ILE A 159 19.00 11.46 24.11
CA ILE A 159 19.77 12.67 24.36
C ILE A 159 20.32 12.59 25.77
N LYS A 160 21.32 13.40 26.07
CA LYS A 160 21.97 13.37 27.36
C LYS A 160 21.97 14.74 27.97
N SER A 161 22.52 14.85 29.18
CA SER A 161 22.62 16.13 29.87
CA SER A 161 22.59 16.13 29.86
C SER A 161 23.37 17.16 29.03
N GLU A 162 22.90 18.40 29.08
CA GLU A 162 23.60 19.52 28.46
C GLU A 162 24.31 20.33 29.52
N SER A 163 25.11 21.28 29.06
CA SER A 163 25.82 22.17 29.95
C SER A 163 26.22 23.41 29.17
N LYS A 164 26.74 24.41 29.86
CA LYS A 164 27.17 25.62 29.21
C LYS A 164 28.48 26.12 29.78
N THR A 165 29.35 26.59 28.90
CA THR A 165 30.65 27.10 29.27
C THR A 165 30.46 28.48 29.87
N PRO A 166 31.41 28.94 30.71
CA PRO A 166 31.30 30.26 31.34
C PRO A 166 31.08 31.39 30.34
N GLY A 167 31.58 31.25 29.12
CA GLY A 167 31.32 32.24 28.08
C GLY A 167 30.00 32.09 27.33
N GLY A 168 29.18 31.11 27.69
CA GLY A 168 27.86 30.98 27.09
C GLY A 168 27.69 30.00 25.94
N LEU A 169 28.72 29.18 25.66
CA LEU A 169 28.64 28.21 24.56
C LEU A 169 28.12 26.88 25.07
N PRO A 170 27.24 26.24 24.30
CA PRO A 170 26.74 24.92 24.67
C PRO A 170 27.85 23.90 24.71
N ALA A 171 27.76 23.00 25.67
CA ALA A 171 28.71 21.90 25.79
C ALA A 171 27.87 20.67 26.00
N ARG A 172 27.84 19.80 25.00
CA ARG A 172 26.96 18.65 25.05
C ARG A 172 27.49 17.55 24.12
N PRO A 173 27.07 16.30 24.38
CA PRO A 173 27.53 15.17 23.56
C PRO A 173 27.13 15.32 22.09
N VAL A 174 27.97 14.79 21.19
CA VAL A 174 27.78 15.01 19.76
C VAL A 174 26.40 14.55 19.26
N LEU A 175 25.88 13.42 19.75
CA LEU A 175 24.55 12.96 19.34
C LEU A 175 23.43 13.80 19.92
N THR A 176 23.63 14.36 21.11
CA THR A 176 22.62 15.25 21.70
C THR A 176 22.52 16.51 20.83
N SER A 177 23.68 17.03 20.46
CA SER A 177 23.77 18.12 19.50
C SER A 177 23.14 17.77 18.15
N TYR A 178 23.42 16.56 17.64
CA TYR A 178 22.86 16.17 16.34
C TYR A 178 21.35 16.00 16.41
N TYR A 179 20.84 15.22 17.38
CA TYR A 179 19.39 14.99 17.48
C TYR A 179 18.59 16.30 17.58
N LYS A 180 19.13 17.31 18.27
CA LYS A 180 18.39 18.57 18.48
C LYS A 180 18.55 19.55 17.32
N SER A 181 19.40 19.21 16.36
CA SER A 181 19.64 20.04 15.20
C SER A 181 18.58 19.87 14.12
N SER A 182 18.52 20.84 13.21
CA SER A 182 17.57 20.81 12.11
C SER A 182 17.80 19.59 11.20
N HIS A 183 19.03 19.07 11.19
CA HIS A 183 19.38 17.88 10.42
C HIS A 183 18.70 16.59 10.88
N PHE A 184 18.21 16.58 12.11
CA PHE A 184 17.51 15.40 12.63
C PHE A 184 16.08 15.75 13.02
N LYS A 185 15.97 16.74 13.89
CA LYS A 185 14.68 17.19 14.42
C LYS A 185 13.74 17.69 13.30
N GLU A 186 14.30 18.33 12.27
CA GLU A 186 13.46 18.80 11.18
C GLU A 186 13.78 18.09 9.86
N ARG A 187 14.12 16.81 9.94
CA ARG A 187 14.43 16.04 8.73
C ARG A 187 13.16 15.60 7.95
N PRO A 188 13.30 15.44 6.62
CA PRO A 188 12.17 14.97 5.80
C PRO A 188 11.92 13.48 5.95
N TYR A 189 10.78 13.00 5.48
CA TYR A 189 10.49 11.57 5.52
C TYR A 189 11.37 10.83 4.53
N ASP A 190 12.11 9.87 5.08
CA ASP A 190 13.02 8.99 4.35
C ASP A 190 12.53 7.56 4.58
N PRO A 191 12.03 6.90 3.50
CA PRO A 191 11.55 5.51 3.62
C PRO A 191 12.60 4.50 4.11
N TYR A 192 13.88 4.72 3.81
CA TYR A 192 14.95 3.82 4.25
C TYR A 192 15.36 4.04 5.72
N THR A 193 14.88 5.13 6.31
CA THR A 193 15.22 5.41 7.70
C THR A 193 13.95 5.94 8.41
N ASN A 194 12.90 5.14 8.32
CA ASN A 194 11.61 5.42 8.94
C ASN A 194 11.57 4.76 10.33
N TYR A 195 11.82 5.55 11.36
CA TYR A 195 11.89 5.04 12.74
C TYR A 195 10.53 4.94 13.40
N THR A 196 10.39 3.96 14.30
CA THR A 196 9.18 3.82 15.10
C THR A 196 9.07 4.89 16.16
N SER A 197 10.22 5.43 16.59
CA SER A 197 10.29 6.47 17.62
C SER A 197 10.12 7.88 17.07
N PRO A 198 9.00 8.54 17.40
CA PRO A 198 8.81 9.94 16.98
C PRO A 198 9.90 10.84 17.57
N ASN A 199 10.20 11.96 16.92
CA ASN A 199 11.21 12.86 17.43
C ASN A 199 10.98 13.29 18.88
N GLU A 200 9.72 13.55 19.26
CA GLU A 200 9.36 14.01 20.60
C GLU A 200 9.77 13.03 21.70
N THR A 201 9.78 11.75 21.39
CA THR A 201 10.13 10.74 22.37
C THR A 201 11.67 10.64 22.50
N ILE A 202 12.39 10.90 21.41
CA ILE A 202 13.85 10.91 21.45
C ILE A 202 14.34 12.16 22.17
N LEU A 203 13.71 13.30 21.86
CA LEU A 203 14.16 14.58 22.40
C LEU A 203 13.61 14.90 23.80
N CYS A 204 12.79 14.00 24.35
CA CYS A 204 12.34 14.11 25.76
C CYS A 204 13.51 14.18 26.77
N SER A 205 13.50 15.20 27.63
CA SER A 205 14.54 15.34 28.65
C SER A 205 14.46 14.27 29.73
N ASP A 206 13.25 13.76 29.98
CA ASP A 206 13.06 12.71 30.98
C ASP A 206 13.42 11.34 30.39
N SER A 207 14.45 10.70 30.92
CA SER A 207 14.98 9.49 30.30
C SER A 207 14.07 8.27 30.52
N TYR A 208 13.26 8.29 31.57
CA TYR A 208 12.32 7.20 31.79
C TYR A 208 11.17 7.27 30.75
N GLN A 209 10.64 8.47 30.55
CA GLN A 209 9.57 8.73 29.61
C GLN A 209 10.05 8.49 28.18
N SER A 210 11.28 8.90 27.91
CA SER A 210 11.86 8.68 26.59
C SER A 210 11.87 7.17 26.30
N MET A 211 12.40 6.37 27.23
CA MET A 211 12.49 4.92 27.04
C MET A 211 11.11 4.26 26.92
N TYR A 212 10.20 4.59 27.83
CA TYR A 212 8.87 3.98 27.85
C TYR A 212 8.13 4.26 26.54
N SER A 213 8.07 5.53 26.13
CA SER A 213 7.34 5.90 24.94
C SER A 213 7.96 5.29 23.70
N GLN A 214 9.29 5.15 23.69
CA GLN A 214 9.94 4.53 22.54
C GLN A 214 9.61 3.04 22.48
N MET A 215 9.60 2.39 23.63
CA MET A 215 9.27 0.97 23.69
C MET A 215 7.83 0.72 23.26
N LEU A 216 6.92 1.59 23.71
CA LEU A 216 5.52 1.46 23.35
C LEU A 216 5.29 1.63 21.85
N CYS A 217 5.87 2.67 21.26
CA CYS A 217 5.73 2.92 19.83
C CYS A 217 6.30 1.77 19.00
N GLY A 218 7.41 1.19 19.46
CA GLY A 218 8.00 0.06 18.78
C GLY A 218 7.06 -1.14 18.81
N LEU A 219 6.42 -1.35 19.96
CA LEU A 219 5.50 -2.47 20.13
C LEU A 219 4.27 -2.26 19.24
N CYS A 220 3.75 -1.02 19.23
CA CYS A 220 2.55 -0.71 18.46
C CYS A 220 2.75 -0.93 16.95
N GLN A 221 3.97 -0.69 16.49
CA GLN A 221 4.31 -0.82 15.08
C GLN A 221 5.13 -2.09 14.80
N HIS A 222 4.93 -3.12 15.61
CA HIS A 222 5.85 -4.24 15.65
C HIS A 222 5.94 -5.03 14.34
N GLN A 223 4.82 -5.17 13.64
CA GLN A 223 4.80 -5.96 12.39
C GLN A 223 5.57 -5.29 11.27
N GLU A 224 5.68 -3.96 11.33
CA GLU A 224 6.39 -3.18 10.31
C GLU A 224 7.91 -3.10 10.53
N VAL A 225 8.38 -3.61 11.67
CA VAL A 225 9.79 -3.48 12.01
C VAL A 225 10.65 -4.49 11.21
N LEU A 226 11.55 -3.95 10.40
CA LEU A 226 12.43 -4.81 9.60
C LEU A 226 13.88 -4.80 10.12
N ARG A 227 14.18 -3.92 11.07
CA ARG A 227 15.48 -3.91 11.73
C ARG A 227 15.38 -3.22 13.07
N VAL A 228 16.29 -3.53 13.98
CA VAL A 228 16.28 -2.95 15.32
C VAL A 228 17.68 -2.53 15.72
N GLY A 229 17.76 -1.63 16.69
CA GLY A 229 19.03 -1.34 17.31
C GLY A 229 19.08 -0.09 18.16
N ALA A 230 20.29 0.47 18.20
CA ALA A 230 20.68 1.56 19.05
C ALA A 230 22.08 1.91 18.63
N VAL A 231 22.56 3.07 19.04
CA VAL A 231 23.94 3.46 18.72
C VAL A 231 24.91 2.40 19.25
N PHE A 232 24.80 2.07 20.54
CA PHE A 232 25.63 1.04 21.18
C PHE A 232 24.85 -0.24 21.55
N ALA A 233 25.55 -1.37 21.56
CA ALA A 233 25.00 -2.64 22.06
C ALA A 233 24.34 -2.47 23.43
N SER A 234 25.05 -1.81 24.34
CA SER A 234 24.54 -1.58 25.69
C SER A 234 23.17 -0.90 25.69
N GLY A 235 23.00 0.09 24.82
CA GLY A 235 21.77 0.86 24.77
C GLY A 235 20.60 -0.03 24.41
N PHE A 236 20.80 -0.93 23.45
CA PHE A 236 19.73 -1.82 23.03
C PHE A 236 19.39 -2.83 24.12
N ILE A 237 20.41 -3.37 24.78
CA ILE A 237 20.23 -4.30 25.89
C ILE A 237 19.37 -3.65 27.01
N ARG A 238 19.64 -2.37 27.31
CA ARG A 238 18.89 -1.63 28.33
C ARG A 238 17.41 -1.48 27.95
N ALA A 239 17.15 -1.32 26.66
CA ALA A 239 15.79 -1.23 26.16
C ALA A 239 15.06 -2.56 26.35
N ILE A 240 15.76 -3.67 26.09
CA ILE A 240 15.21 -5.01 26.33
C ILE A 240 14.90 -5.23 27.82
N LYS A 241 15.83 -4.82 28.67
CA LYS A 241 15.61 -4.91 30.11
C LYS A 241 14.45 -4.02 30.55
N PHE A 242 14.30 -2.85 29.94
CA PHE A 242 13.20 -1.96 30.28
C PHE A 242 11.85 -2.62 30.00
N LEU A 243 11.78 -3.35 28.89
CA LEU A 243 10.57 -4.11 28.55
C LEU A 243 10.33 -5.23 29.58
N GLU A 244 11.40 -5.88 30.02
CA GLU A 244 11.30 -6.93 31.03
C GLU A 244 10.64 -6.41 32.31
N LYS A 245 10.95 -5.18 32.70
CA LYS A 245 10.38 -4.62 33.94
C LYS A 245 9.01 -3.96 33.76
N HIS A 246 8.72 -3.45 32.57
CA HIS A 246 7.55 -2.60 32.39
C HIS A 246 6.51 -3.11 31.38
N TRP A 247 6.66 -4.35 30.90
CA TRP A 247 5.74 -4.84 29.87
C TRP A 247 4.29 -4.89 30.35
N ILE A 248 4.06 -5.15 31.62
CA ILE A 248 2.69 -5.20 32.14
C ILE A 248 1.97 -3.86 31.93
N GLU A 249 2.64 -2.77 32.31
CA GLU A 249 2.15 -1.42 32.05
C GLU A 249 1.98 -1.15 30.55
N LEU A 250 2.90 -1.67 29.74
CA LEU A 250 2.85 -1.47 28.30
C LEU A 250 1.66 -2.19 27.66
N VAL A 251 1.45 -3.44 28.06
CA VAL A 251 0.31 -4.22 27.58
C VAL A 251 -1.01 -3.50 27.94
N ARG A 252 -1.09 -2.99 29.17
CA ARG A 252 -2.27 -2.23 29.60
C ARG A 252 -2.52 -0.99 28.71
N ASP A 253 -1.47 -0.25 28.36
CA ASP A 253 -1.55 0.89 27.45
C ASP A 253 -2.06 0.50 26.07
N ILE A 254 -1.54 -0.61 25.54
CA ILE A 254 -1.91 -1.10 24.21
C ILE A 254 -3.35 -1.57 24.21
N ARG A 255 -3.73 -2.30 25.25
CA ARG A 255 -5.07 -2.82 25.41
C ARG A 255 -6.12 -1.72 25.48
N THR A 256 -5.86 -0.69 26.28
CA THR A 256 -6.87 0.37 26.43
C THR A 256 -6.73 1.49 25.42
N GLY A 257 -5.58 1.58 24.76
CA GLY A 257 -5.32 2.64 23.80
C GLY A 257 -5.06 3.98 24.46
N THR A 258 -4.68 3.93 25.74
CA THR A 258 -4.40 5.11 26.53
C THR A 258 -3.01 5.04 27.15
N LEU A 259 -2.24 6.10 26.94
CA LEU A 259 -0.85 6.16 27.41
C LEU A 259 -0.78 6.39 28.90
N SER A 260 0.13 5.64 29.53
CA SER A 260 0.39 5.73 30.97
C SER A 260 0.43 7.18 31.47
N SER A 261 -0.26 7.45 32.57
CA SER A 261 -0.30 8.81 33.11
CA SER A 261 -0.31 8.80 33.14
C SER A 261 1.04 9.22 33.72
N LEU A 262 1.95 8.25 33.86
CA LEU A 262 3.30 8.53 34.31
C LEU A 262 4.08 9.33 33.26
N ILE A 263 3.64 9.27 32.01
CA ILE A 263 4.23 10.09 30.95
C ILE A 263 3.66 11.49 31.03
N THR A 264 4.36 12.39 31.70
CA THR A 264 3.75 13.70 31.96
C THR A 264 4.01 14.70 30.83
N ASP A 265 5.16 14.58 30.16
CA ASP A 265 5.56 15.45 29.04
C ASP A 265 4.47 15.55 28.00
N PRO A 266 3.95 16.77 27.74
CA PRO A 266 2.85 16.90 26.78
C PRO A 266 3.24 16.67 25.31
N SER A 267 4.46 17.02 24.90
CA SER A 267 4.84 16.80 23.50
C SER A 267 4.91 15.30 23.25
N VAL A 268 5.57 14.60 24.17
CA VAL A 268 5.44 13.16 24.25
C VAL A 268 3.99 12.95 24.56
N ARG A 269 3.38 11.87 24.07
CA ARG A 269 1.96 11.55 24.35
C ARG A 269 1.01 12.31 23.43
N GLU A 270 1.32 13.53 23.03
CA GLU A 270 0.68 14.06 21.84
C GLU A 270 1.15 13.23 20.65
N ALA A 271 2.46 12.95 20.62
CA ALA A 271 3.07 12.13 19.57
C ALA A 271 2.66 10.66 19.63
N VAL A 272 2.67 10.09 20.83
CA VAL A 272 2.22 8.72 21.05
C VAL A 272 0.76 8.52 20.61
N ALA A 273 -0.07 9.51 20.92
CA ALA A 273 -1.51 9.45 20.65
C ALA A 273 -1.83 9.23 19.16
N LYS A 274 -0.93 9.65 18.27
CA LYS A 274 -1.08 9.43 16.84
C LYS A 274 -0.79 7.98 16.45
N ILE A 275 -0.10 7.26 17.33
CA ILE A 275 0.34 5.90 17.07
C ILE A 275 -0.45 4.88 17.89
N LEU A 276 -0.63 5.16 19.18
CA LEU A 276 -1.32 4.27 20.10
C LEU A 276 -2.82 4.18 19.84
N LYS A 277 -3.31 2.97 19.57
CA LYS A 277 -4.73 2.72 19.41
C LYS A 277 -5.15 1.49 20.24
N PRO A 278 -6.39 1.49 20.76
CA PRO A 278 -6.82 0.34 21.55
C PRO A 278 -6.77 -0.95 20.74
N SER A 279 -6.04 -1.94 21.22
CA SER A 279 -5.91 -3.19 20.50
C SER A 279 -5.60 -4.36 21.45
N PRO A 280 -6.66 -5.01 21.96
CA PRO A 280 -6.51 -6.16 22.87
C PRO A 280 -5.79 -7.33 22.20
N LYS A 281 -5.90 -7.45 20.88
CA LYS A 281 -5.20 -8.51 20.14
C LYS A 281 -3.68 -8.34 20.21
N LEU A 282 -3.20 -7.11 20.07
CA LEU A 282 -1.77 -6.83 20.23
C LEU A 282 -1.36 -6.99 21.68
N ALA A 283 -2.22 -6.54 22.60
CA ALA A 283 -1.93 -6.64 24.01
C ALA A 283 -1.78 -8.09 24.44
N ASP A 284 -2.70 -8.94 23.99
CA ASP A 284 -2.62 -10.39 24.23
C ASP A 284 -1.34 -10.99 23.65
N PHE A 285 -0.99 -10.56 22.44
CA PHE A 285 0.23 -11.01 21.78
C PHE A 285 1.49 -10.65 22.59
N VAL A 286 1.61 -9.40 22.99
CA VAL A 286 2.80 -8.96 23.72
C VAL A 286 2.88 -9.67 25.09
N GLU A 287 1.75 -9.79 25.77
CA GLU A 287 1.68 -10.47 27.06
C GLU A 287 2.17 -11.91 26.94
N PHE A 288 1.63 -12.61 25.96
CA PHE A 288 2.00 -14.00 25.67
C PHE A 288 3.51 -14.19 25.60
N GLU A 289 4.20 -13.38 24.80
CA GLU A 289 5.66 -13.49 24.67
C GLU A 289 6.41 -13.06 25.92
N CYS A 290 6.00 -11.94 26.52
CA CYS A 290 6.69 -11.38 27.67
C CYS A 290 6.53 -12.21 28.95
N LYS A 291 5.41 -12.94 29.04
CA LYS A 291 5.08 -13.82 30.17
C LYS A 291 6.02 -15.03 30.25
N LYS A 292 6.60 -15.37 29.12
CA LYS A 292 7.44 -16.56 29.03
C LYS A 292 8.68 -16.41 29.92
N SER A 293 9.07 -17.47 30.61
CA SER A 293 10.22 -17.42 31.50
C SER A 293 11.54 -17.25 30.75
N SER A 294 11.68 -17.90 29.59
CA SER A 294 12.86 -17.70 28.77
C SER A 294 12.64 -16.57 27.76
N TRP A 295 13.57 -15.60 27.72
CA TRP A 295 13.49 -14.52 26.75
C TRP A 295 14.48 -14.71 25.58
N GLN A 296 15.04 -15.92 25.50
CA GLN A 296 15.85 -16.35 24.37
C GLN A 296 15.06 -16.15 23.07
N GLY A 297 15.60 -15.36 22.16
CA GLY A 297 14.95 -15.12 20.88
C GLY A 297 13.72 -14.22 20.91
N ILE A 298 13.48 -13.50 22.01
CA ILE A 298 12.25 -12.70 22.12
C ILE A 298 12.16 -11.60 21.03
N ILE A 299 13.29 -11.10 20.56
CA ILE A 299 13.26 -10.08 19.48
C ILE A 299 12.56 -10.63 18.23
N THR A 300 12.87 -11.87 17.85
CA THR A 300 12.30 -12.44 16.64
C THR A 300 10.86 -12.94 16.87
N ARG A 301 10.39 -12.88 18.10
CA ARG A 301 8.98 -13.18 18.37
C ARG A 301 8.10 -11.93 18.44
N LEU A 302 8.56 -10.90 19.16
CA LEU A 302 7.83 -9.64 19.23
C LEU A 302 7.94 -8.82 17.93
N TRP A 303 9.08 -8.93 17.25
CA TRP A 303 9.31 -8.27 15.98
C TRP A 303 9.77 -9.31 14.94
N PRO A 304 8.82 -10.12 14.44
CA PRO A 304 9.19 -11.29 13.65
C PRO A 304 9.79 -10.99 12.27
N ASN A 305 9.70 -9.75 11.82
CA ASN A 305 10.22 -9.41 10.50
C ASN A 305 11.59 -8.74 10.58
N THR A 306 12.17 -8.72 11.79
CA THR A 306 13.50 -8.17 12.01
C THR A 306 14.53 -8.96 11.20
N LYS A 307 15.32 -8.26 10.39
CA LYS A 307 16.32 -8.92 9.55
C LYS A 307 17.73 -8.86 10.16
N TYR A 308 18.00 -7.82 10.94
CA TYR A 308 19.29 -7.73 11.64
C TYR A 308 19.22 -6.77 12.84
N VAL A 309 20.26 -6.80 13.65
CA VAL A 309 20.38 -5.93 14.80
C VAL A 309 21.51 -4.91 14.52
N ASP A 310 21.13 -3.64 14.44
CA ASP A 310 22.04 -2.56 14.09
C ASP A 310 22.57 -1.88 15.34
N VAL A 311 23.70 -2.38 15.85
CA VAL A 311 24.35 -1.83 17.05
C VAL A 311 25.88 -1.91 16.91
N ILE A 312 26.61 -0.98 17.53
CA ILE A 312 28.06 -1.11 17.51
C ILE A 312 28.48 -2.28 18.40
N VAL A 313 29.17 -3.27 17.82
CA VAL A 313 29.75 -4.32 18.67
C VAL A 313 31.24 -4.52 18.39
N THR A 314 31.87 -3.49 17.83
CA THR A 314 33.31 -3.42 17.69
C THR A 314 33.87 -2.67 18.90
N GLY A 315 35.15 -2.84 19.18
CA GLY A 315 35.73 -2.26 20.38
C GLY A 315 35.26 -2.98 21.63
N THR A 316 35.23 -2.28 22.76
CA THR A 316 34.78 -2.87 24.01
C THR A 316 33.35 -3.38 23.97
N MET A 317 32.53 -2.87 23.04
CA MET A 317 31.14 -3.32 22.89
C MET A 317 31.03 -4.80 22.46
N SER A 318 32.16 -5.40 22.10
CA SER A 318 32.14 -6.80 21.67
C SER A 318 31.70 -7.74 22.80
N GLN A 319 31.86 -7.28 24.04
CA GLN A 319 31.50 -8.07 25.22
C GLN A 319 30.00 -8.38 25.24
N TYR A 320 29.19 -7.63 24.48
CA TYR A 320 27.74 -7.79 24.46
C TYR A 320 27.21 -8.73 23.40
N ILE A 321 28.10 -9.22 22.53
CA ILE A 321 27.66 -10.11 21.47
C ILE A 321 26.87 -11.34 21.98
N PRO A 322 27.38 -12.09 22.99
CA PRO A 322 26.57 -13.23 23.43
C PRO A 322 25.18 -12.85 23.96
N THR A 323 25.05 -11.68 24.60
CA THR A 323 23.77 -11.21 25.10
C THR A 323 22.77 -10.90 23.96
N LEU A 324 23.23 -10.20 22.91
CA LEU A 324 22.38 -9.88 21.77
C LEU A 324 21.99 -11.14 21.01
N ASP A 325 22.95 -12.07 20.86
CA ASP A 325 22.69 -13.33 20.18
C ASP A 325 21.59 -14.10 20.90
N TYR A 326 21.67 -14.09 22.23
CA TYR A 326 20.67 -14.72 23.08
C TYR A 326 19.26 -14.18 22.78
N TYR A 327 19.10 -12.86 22.84
CA TYR A 327 17.78 -12.24 22.67
C TYR A 327 17.29 -12.28 21.22
N SER A 328 18.22 -12.33 20.26
CA SER A 328 17.88 -12.28 18.84
C SER A 328 17.80 -13.67 18.18
N ASN A 329 18.24 -14.69 18.90
CA ASN A 329 18.34 -16.05 18.34
C ASN A 329 19.34 -16.07 17.17
N GLY A 330 20.41 -15.31 17.33
CA GLY A 330 21.49 -15.30 16.34
C GLY A 330 21.28 -14.51 15.04
N LEU A 331 20.46 -13.46 15.07
CA LEU A 331 20.36 -12.55 13.92
C LEU A 331 21.72 -11.90 13.61
N PRO A 332 21.93 -11.49 12.36
CA PRO A 332 23.16 -10.77 12.01
C PRO A 332 23.37 -9.49 12.84
N LEU A 333 24.58 -9.28 13.34
CA LEU A 333 24.90 -8.04 14.06
C LEU A 333 25.61 -7.11 13.11
N VAL A 334 25.06 -5.92 12.95
CA VAL A 334 25.55 -4.96 11.98
C VAL A 334 26.21 -3.74 12.64
N CYS A 335 27.45 -3.46 12.21
CA CYS A 335 28.22 -2.31 12.67
C CYS A 335 28.35 -1.35 11.51
N THR A 336 27.65 -0.22 11.57
CA THR A 336 27.54 0.61 10.38
C THR A 336 28.58 1.73 10.24
N MET A 337 29.06 2.25 11.36
CA MET A 337 29.91 3.43 11.30
C MET A 337 30.87 3.61 12.46
N TYR A 338 31.83 4.50 12.23
CA TYR A 338 32.93 4.79 13.13
C TYR A 338 33.07 6.31 13.18
N ALA A 339 32.86 6.88 14.36
CA ALA A 339 32.82 8.32 14.52
C ALA A 339 33.05 8.77 15.96
N SER A 340 33.28 10.07 16.14
CA SER A 340 33.56 10.62 17.46
C SER A 340 33.08 12.06 17.60
N SER A 341 33.27 12.62 18.79
CA SER A 341 32.93 14.02 19.08
C SER A 341 33.72 15.00 18.24
N GLU A 342 35.02 14.76 18.12
CA GLU A 342 35.88 15.70 17.43
C GLU A 342 35.73 15.57 15.92
N CYS A 343 35.33 14.39 15.45
CA CYS A 343 35.26 14.11 14.01
C CYS A 343 34.52 12.81 13.64
N TYR A 344 33.70 12.84 12.61
CA TYR A 344 33.11 11.61 12.08
C TYR A 344 34.10 11.02 11.06
N PHE A 345 34.28 9.69 11.10
CA PHE A 345 35.45 9.08 10.44
C PHE A 345 35.11 8.27 9.20
N GLY A 346 34.28 7.25 9.37
CA GLY A 346 34.08 6.31 8.30
C GLY A 346 32.87 5.41 8.39
N VAL A 347 32.76 4.53 7.40
CA VAL A 347 31.64 3.62 7.28
C VAL A 347 32.11 2.20 6.96
N ASN A 348 31.36 1.24 7.47
CA ASN A 348 31.52 -0.16 7.10
C ASN A 348 30.90 -0.42 5.72
N LEU A 349 31.74 -0.63 4.72
CA LEU A 349 31.28 -0.85 3.34
C LEU A 349 30.77 -2.27 3.13
N ARG A 350 30.99 -3.10 4.14
CA ARG A 350 30.53 -4.49 4.17
C ARG A 350 29.71 -4.79 5.45
N PRO A 351 28.53 -4.18 5.59
CA PRO A 351 27.83 -4.25 6.89
C PRO A 351 27.37 -5.66 7.34
N LEU A 352 27.10 -6.58 6.43
CA LEU A 352 26.60 -7.91 6.82
C LEU A 352 27.74 -8.92 7.03
N CYS A 353 28.96 -8.41 7.24
CA CYS A 353 30.10 -9.25 7.57
C CYS A 353 29.99 -9.75 9.01
N LYS A 354 30.89 -10.64 9.42
CA LYS A 354 30.97 -11.08 10.83
C LYS A 354 31.54 -9.96 11.70
N PRO A 355 31.10 -9.89 12.96
CA PRO A 355 31.52 -8.81 13.87
C PRO A 355 33.02 -8.82 14.12
N SER A 356 33.66 -9.98 13.98
CA SER A 356 35.10 -10.11 14.16
C SER A 356 35.89 -9.68 12.92
N GLU A 357 35.18 -9.45 11.82
CA GLU A 357 35.82 -9.06 10.57
C GLU A 357 35.33 -7.70 10.08
N VAL A 358 34.88 -6.85 11.00
CA VAL A 358 34.40 -5.52 10.60
C VAL A 358 35.60 -4.63 10.32
N SER A 359 35.52 -3.93 9.19
CA SER A 359 36.51 -2.92 8.81
C SER A 359 35.78 -1.63 8.44
N TYR A 360 36.35 -0.48 8.77
CA TYR A 360 35.72 0.79 8.45
C TYR A 360 36.53 1.56 7.42
N THR A 361 35.84 2.00 6.37
CA THR A 361 36.44 2.80 5.32
C THR A 361 36.27 4.27 5.66
N LEU A 362 37.39 4.94 5.90
CA LEU A 362 37.38 6.37 6.21
C LEU A 362 36.98 7.21 5.00
N ILE A 363 36.04 8.12 5.22
CA ILE A 363 35.57 9.02 4.18
C ILE A 363 36.52 10.21 4.07
N PRO A 364 37.22 10.32 2.93
CA PRO A 364 38.29 11.30 2.76
C PRO A 364 37.85 12.78 2.78
N SER A 365 36.55 13.07 2.77
CA SER A 365 36.08 14.45 2.80
C SER A 365 35.67 14.95 4.19
N MET A 366 35.78 14.08 5.20
CA MET A 366 35.38 14.44 6.55
C MET A 366 36.41 15.33 7.24
N ALA A 367 37.69 15.07 6.98
CA ALA A 367 38.80 15.74 7.66
C ALA A 367 40.12 15.33 7.03
N TYR A 368 41.21 15.99 7.40
CA TYR A 368 42.52 15.57 6.91
C TYR A 368 43.11 14.52 7.87
N PHE A 369 43.23 13.28 7.39
CA PHE A 369 43.61 12.15 8.25
C PHE A 369 45.09 11.80 8.14
N GLU A 370 45.74 11.61 9.28
CA GLU A 370 47.13 11.19 9.30
C GLU A 370 47.27 9.99 10.21
N PHE A 371 48.40 9.29 10.10
CA PHE A 371 48.54 8.05 10.82
C PHE A 371 49.93 7.93 11.44
N LEU A 372 50.03 7.83 12.70
CA LEU A 372 51.21 7.59 13.53
C LEU A 372 51.47 6.10 13.62
N PRO A 373 52.45 5.54 13.01
CA PRO A 373 52.72 4.11 13.03
C PRO A 373 53.03 3.61 14.43
N VAL A 374 52.43 2.47 14.79
CA VAL A 374 52.61 1.89 16.10
C VAL A 374 53.36 0.56 16.02
N HIS A 375 54.56 0.52 16.59
CA HIS A 375 55.43 -0.65 16.49
C HIS A 375 55.53 -1.40 17.81
N ARG A 376 55.33 -2.72 17.74
CA ARG A 376 55.43 -3.59 18.92
C ARG A 376 56.87 -3.72 19.39
N GLN A 395 62.63 13.16 9.20
CA GLN A 395 61.75 12.43 10.10
C GLN A 395 60.37 13.05 10.17
N GLN A 396 59.65 12.99 9.06
CA GLN A 396 58.28 13.35 9.11
C GLN A 396 57.74 12.06 9.47
N GLU A 397 57.26 12.06 10.67
CA GLU A 397 56.66 10.93 11.23
C GLU A 397 55.36 10.43 10.66
N LEU A 398 54.43 11.29 10.22
CA LEU A 398 53.12 10.79 9.87
C LEU A 398 52.95 10.31 8.45
N VAL A 399 52.03 9.40 8.28
CA VAL A 399 51.74 8.83 7.00
C VAL A 399 50.36 9.23 6.57
N ASP A 400 50.18 9.57 5.30
CA ASP A 400 48.87 9.98 4.80
C ASP A 400 47.96 8.80 4.58
N LEU A 401 46.66 9.09 4.53
CA LEU A 401 45.61 8.12 4.29
C LEU A 401 45.94 7.08 3.21
N VAL A 402 46.32 7.52 2.00
CA VAL A 402 46.56 6.56 0.91
C VAL A 402 47.90 5.79 1.02
N ASP A 403 48.80 6.26 1.88
CA ASP A 403 50.12 5.65 2.03
C ASP A 403 50.24 4.65 3.19
N VAL A 404 49.16 4.43 3.95
CA VAL A 404 49.21 3.42 5.01
C VAL A 404 49.42 2.04 4.39
N LYS A 405 50.08 1.15 5.15
CA LYS A 405 50.47 -0.17 4.67
C LYS A 405 49.56 -1.25 5.24
N LEU A 406 49.17 -2.19 4.38
CA LEU A 406 48.37 -3.35 4.76
C LEU A 406 48.97 -4.10 5.97
N GLY A 407 48.11 -4.35 6.96
CA GLY A 407 48.49 -5.06 8.16
C GLY A 407 49.21 -4.24 9.22
N GLN A 408 49.53 -2.98 8.91
CA GLN A 408 50.27 -2.16 9.87
C GLN A 408 49.29 -1.44 10.82
N GLU A 409 49.68 -1.37 12.10
CA GLU A 409 48.90 -0.69 13.13
C GLU A 409 49.26 0.80 13.22
N TYR A 410 48.23 1.66 13.33
CA TYR A 410 48.44 3.10 13.49
C TYR A 410 47.56 3.72 14.55
N GLU A 411 48.02 4.85 15.05
CA GLU A 411 47.19 5.72 15.87
C GLU A 411 46.57 6.75 14.93
N LEU A 412 45.25 6.94 15.05
CA LEU A 412 44.52 7.90 14.24
C LEU A 412 44.80 9.36 14.63
N VAL A 413 45.20 10.16 13.64
CA VAL A 413 45.52 11.56 13.86
C VAL A 413 44.70 12.44 12.92
N VAL A 414 44.04 13.46 13.46
CA VAL A 414 43.07 14.16 12.64
C VAL A 414 43.26 15.69 12.63
N THR A 415 42.92 16.29 11.50
CA THR A 415 42.97 17.74 11.32
C THR A 415 41.59 18.16 10.82
N THR A 416 40.88 18.91 11.64
CA THR A 416 39.47 19.16 11.39
C THR A 416 39.17 20.60 10.99
N TYR A 417 38.00 20.79 10.41
CA TYR A 417 37.54 22.11 10.00
C TYR A 417 37.43 23.11 11.16
N ALA A 418 37.05 22.64 12.35
CA ALA A 418 36.88 23.54 13.49
C ALA A 418 38.21 23.94 14.13
N GLY A 419 39.33 23.48 13.56
CA GLY A 419 40.62 23.99 13.97
C GLY A 419 41.56 23.05 14.72
N LEU A 420 41.13 21.82 14.99
CA LEU A 420 42.05 20.81 15.54
C LEU A 420 43.12 20.48 14.49
N CYS A 421 44.39 20.62 14.85
CA CYS A 421 45.49 20.37 13.92
C CYS A 421 46.39 19.23 14.39
N ARG A 422 46.35 18.14 13.63
CA ARG A 422 47.12 16.94 13.88
C ARG A 422 46.89 16.42 15.30
N TYR A 423 45.62 16.40 15.72
CA TYR A 423 45.24 15.93 17.06
C TYR A 423 45.19 14.40 17.08
N ARG A 424 45.75 13.82 18.12
CA ARG A 424 45.76 12.37 18.26
C ARG A 424 44.48 11.94 18.94
N VAL A 425 43.74 11.05 18.28
CA VAL A 425 42.44 10.60 18.76
C VAL A 425 42.61 9.65 19.95
N GLY A 426 43.64 8.82 19.88
CA GLY A 426 43.87 7.80 20.89
C GLY A 426 43.37 6.44 20.44
N ASP A 427 42.73 6.41 19.26
CA ASP A 427 42.30 5.17 18.61
C ASP A 427 43.43 4.47 17.83
N LEU A 428 43.60 3.18 18.10
CA LEU A 428 44.52 2.33 17.35
C LEU A 428 43.78 1.56 16.25
N LEU A 429 44.35 1.55 15.05
CA LEU A 429 43.68 0.91 13.92
C LEU A 429 44.64 0.01 13.15
N ARG A 430 44.08 -0.97 12.43
CA ARG A 430 44.89 -1.84 11.58
C ARG A 430 44.32 -1.87 10.16
N VAL A 431 45.16 -1.62 9.17
CA VAL A 431 44.77 -1.69 7.77
C VAL A 431 44.50 -3.14 7.38
N THR A 432 43.32 -3.40 6.84
CA THR A 432 42.92 -4.76 6.42
C THR A 432 42.79 -4.88 4.91
N GLY A 433 42.74 -3.74 4.25
CA GLY A 433 42.51 -3.70 2.81
C GLY A 433 42.25 -2.30 2.32
N PHE A 434 41.90 -2.20 1.04
CA PHE A 434 41.66 -0.93 0.39
C PHE A 434 40.37 -0.95 -0.44
N LYS A 435 39.62 0.14 -0.40
CA LYS A 435 38.52 0.39 -1.32
C LYS A 435 39.00 1.40 -2.34
N ASN A 436 39.23 0.95 -3.57
CA ASN A 436 39.96 1.76 -4.54
C ASN A 436 41.25 2.27 -3.89
N LYS A 437 41.40 3.59 -3.73
CA LYS A 437 42.62 4.13 -3.12
C LYS A 437 42.51 4.35 -1.60
N ALA A 438 41.31 4.31 -1.05
CA ALA A 438 41.06 4.54 0.37
C ALA A 438 41.22 3.28 1.24
N PRO A 439 41.98 3.38 2.35
CA PRO A 439 42.22 2.22 3.21
C PRO A 439 41.02 1.88 4.09
N GLN A 440 41.00 0.62 4.55
CA GLN A 440 39.96 0.12 5.42
C GLN A 440 40.64 -0.38 6.69
N PHE A 441 40.03 -0.08 7.83
CA PHE A 441 40.67 -0.33 9.12
C PHE A 441 39.81 -1.15 10.08
N SER A 442 40.37 -2.18 10.69
CA SER A 442 39.68 -2.77 11.82
C SER A 442 40.01 -1.93 13.04
N PHE A 443 39.01 -1.72 13.89
CA PHE A 443 39.21 -0.96 15.11
C PHE A 443 39.82 -1.86 16.14
N ILE A 444 40.98 -1.49 16.67
CA ILE A 444 41.62 -2.28 17.70
C ILE A 444 41.16 -1.82 19.09
N CYS A 445 41.48 -0.58 19.46
CA CYS A 445 41.07 -0.06 20.76
C CYS A 445 41.19 1.44 20.84
N ARG A 446 40.58 2.00 21.89
CA ARG A 446 40.91 3.33 22.36
C ARG A 446 41.98 3.12 23.44
N LYS A 447 43.13 3.77 23.32
CA LYS A 447 44.26 3.50 24.23
C LYS A 447 43.94 3.63 25.72
N ASN A 448 44.54 2.75 26.51
CA ASN A 448 44.50 2.80 27.98
C ASN A 448 43.12 2.53 28.62
N VAL A 449 42.16 2.04 27.86
CA VAL A 449 40.86 1.71 28.46
C VAL A 449 40.89 0.33 29.11
N VAL A 450 40.62 0.30 30.41
CA VAL A 450 40.64 -0.94 31.17
C VAL A 450 39.24 -1.49 31.41
N LEU A 451 38.35 -0.61 31.86
CA LEU A 451 36.99 -1.00 32.18
C LEU A 451 36.00 -0.12 31.44
N SER A 452 35.00 -0.75 30.85
CA SER A 452 33.99 -0.01 30.11
C SER A 452 32.68 -0.77 30.13
N ILE A 453 31.59 -0.10 30.50
CA ILE A 453 30.26 -0.70 30.38
C ILE A 453 29.49 -0.13 29.18
N ASP A 454 29.37 1.20 29.12
CA ASP A 454 28.71 1.92 28.03
C ASP A 454 29.77 2.84 27.40
N SER A 455 29.54 4.16 27.35
CA SER A 455 30.56 5.05 26.79
C SER A 455 31.70 5.33 27.80
N ASP A 456 31.47 4.99 29.07
CA ASP A 456 32.46 5.16 30.11
C ASP A 456 33.77 4.41 29.85
N LYS A 457 34.89 5.07 30.13
CA LYS A 457 36.22 4.50 29.96
C LYS A 457 37.07 4.76 31.19
N THR A 458 37.48 3.69 31.88
CA THR A 458 38.29 3.78 33.08
C THR A 458 39.68 3.21 32.80
N ASP A 459 40.73 3.96 33.12
CA ASP A 459 42.10 3.51 32.87
C ASP A 459 42.73 2.95 34.17
N GLU A 460 43.95 2.43 34.06
CA GLU A 460 44.59 1.77 35.21
C GLU A 460 44.93 2.77 36.33
N VAL A 461 45.38 3.96 35.97
CA VAL A 461 45.68 5.00 36.97
C VAL A 461 44.43 5.35 37.76
N GLU A 462 43.32 5.57 37.05
CA GLU A 462 42.06 5.90 37.69
C GLU A 462 41.65 4.80 38.64
N LEU A 463 41.67 3.58 38.14
CA LEU A 463 41.34 2.39 38.94
C LEU A 463 42.24 2.27 40.18
N GLN A 464 43.56 2.38 39.99
CA GLN A 464 44.52 2.31 41.09
C GLN A 464 44.25 3.39 42.15
N ASN A 465 44.08 4.63 41.70
CA ASN A 465 43.76 5.75 42.59
C ASN A 465 42.48 5.48 43.38
N ALA A 466 41.49 4.95 42.68
CA ALA A 466 40.19 4.67 43.27
C ALA A 466 40.27 3.63 44.39
N VAL A 467 41.00 2.55 44.14
CA VAL A 467 41.17 1.46 45.10
C VAL A 467 42.01 1.93 46.29
N LYS A 468 42.96 2.82 46.02
CA LYS A 468 43.76 3.41 47.10
C LYS A 468 42.92 4.34 48.01
N ASN A 469 41.92 5.00 47.45
CA ASN A 469 41.09 5.84 48.29
C ASN A 469 40.12 5.02 49.14
N ALA A 470 39.74 3.85 48.63
CA ALA A 470 38.76 3.01 49.30
C ALA A 470 39.34 2.21 50.47
N VAL A 471 40.62 1.82 50.37
CA VAL A 471 41.23 0.98 51.40
C VAL A 471 41.48 1.74 52.72
N THR A 472 41.47 3.08 52.67
CA THR A 472 41.56 3.89 53.90
C THR A 472 40.48 3.52 54.91
N HIS A 473 39.34 3.05 54.39
CA HIS A 473 38.21 2.62 55.19
C HIS A 473 38.49 1.33 55.96
N LEU A 474 39.46 0.55 55.50
CA LEU A 474 39.82 -0.69 56.18
C LEU A 474 40.81 -0.43 57.32
N VAL A 475 41.39 0.77 57.37
CA VAL A 475 42.40 1.10 58.38
C VAL A 475 41.92 1.02 59.84
N PRO A 476 40.70 1.53 60.16
CA PRO A 476 40.27 1.41 61.56
C PRO A 476 40.15 -0.04 62.04
N PHE A 477 39.96 -0.98 61.12
CA PHE A 477 39.83 -2.38 61.46
C PHE A 477 41.18 -3.08 61.38
N ASP A 478 42.22 -2.29 61.16
CA ASP A 478 43.59 -2.74 60.94
C ASP A 478 43.64 -3.89 59.93
N ALA A 479 42.80 -3.78 58.91
CA ALA A 479 42.77 -4.72 57.80
C ALA A 479 43.35 -4.02 56.58
N SER A 480 43.76 -4.81 55.58
CA SER A 480 44.23 -4.23 54.34
C SER A 480 44.02 -5.17 53.17
N LEU A 481 44.23 -4.63 51.97
CA LEU A 481 44.05 -5.38 50.74
C LEU A 481 45.37 -6.00 50.31
N SER A 482 45.39 -7.31 50.15
CA SER A 482 46.62 -7.94 49.68
C SER A 482 46.73 -7.86 48.15
N GLU A 483 45.60 -8.04 47.48
CA GLU A 483 45.54 -8.15 46.02
C GLU A 483 44.14 -7.91 45.50
N TYR A 484 44.05 -7.42 44.27
CA TYR A 484 42.74 -7.23 43.65
C TYR A 484 42.78 -7.34 42.13
N THR A 485 41.62 -7.60 41.55
CA THR A 485 41.44 -7.45 40.12
C THR A 485 40.02 -6.99 39.85
N SER A 486 39.68 -6.81 38.58
CA SER A 486 38.36 -6.28 38.24
C SER A 486 37.84 -6.89 36.94
N TYR A 487 36.53 -6.76 36.72
CA TYR A 487 35.96 -7.05 35.43
C TYR A 487 34.67 -6.28 35.20
N ALA A 488 34.36 -6.10 33.93
CA ALA A 488 33.13 -5.47 33.51
C ALA A 488 32.06 -6.54 33.52
N ASP A 489 31.20 -6.51 34.52
CA ASP A 489 30.17 -7.54 34.64
C ASP A 489 29.00 -7.23 33.73
N THR A 490 28.77 -8.11 32.75
CA THR A 490 27.72 -7.93 31.78
C THR A 490 26.50 -8.85 32.07
N SER A 491 26.54 -9.57 33.18
CA SER A 491 25.46 -10.51 33.50
C SER A 491 24.26 -9.74 34.03
N SER A 492 24.50 -8.50 34.45
CA SER A 492 23.43 -7.64 34.91
C SER A 492 23.17 -6.56 33.87
N ILE A 493 21.93 -6.09 33.80
CA ILE A 493 21.57 -4.96 32.95
C ILE A 493 21.00 -3.85 33.84
N PRO A 494 21.65 -2.68 33.85
CA PRO A 494 22.88 -2.40 33.10
C PRO A 494 24.09 -3.08 33.72
N GLY A 495 25.16 -3.26 32.93
CA GLY A 495 26.39 -3.84 33.45
C GLY A 495 26.96 -3.06 34.63
N HIS A 496 27.90 -3.64 35.36
CA HIS A 496 28.57 -2.90 36.42
C HIS A 496 30.02 -3.35 36.59
N TYR A 497 30.82 -2.53 37.27
CA TYR A 497 32.19 -2.91 37.56
C TYR A 497 32.16 -3.84 38.75
N VAL A 498 32.92 -4.92 38.67
CA VAL A 498 33.14 -5.79 39.80
C VAL A 498 34.61 -5.76 40.19
N LEU A 499 34.88 -5.57 41.48
CA LEU A 499 36.22 -5.70 42.04
C LEU A 499 36.31 -6.97 42.90
N PHE A 500 37.34 -7.77 42.67
CA PHE A 500 37.65 -8.90 43.54
C PHE A 500 38.69 -8.48 44.56
N TRP A 501 38.34 -8.54 45.84
CA TRP A 501 39.26 -8.14 46.91
C TRP A 501 39.69 -9.33 47.76
N GLU A 502 41.00 -9.54 47.85
CA GLU A 502 41.51 -10.52 48.81
C GLU A 502 42.21 -9.75 49.93
N LEU A 503 41.58 -9.77 51.11
CA LEU A 503 42.04 -8.98 52.26
C LEU A 503 43.06 -9.71 53.11
N CYS A 504 43.74 -8.94 53.96
CA CYS A 504 44.60 -9.47 55.01
C CYS A 504 44.16 -8.86 56.34
N LEU A 505 43.65 -9.71 57.23
CA LEU A 505 43.05 -9.25 58.48
C LEU A 505 43.96 -9.44 59.67
N ASP A 506 44.39 -8.33 60.28
CA ASP A 506 45.31 -8.39 61.42
C ASP A 506 44.62 -8.14 62.74
N GLY A 507 43.54 -7.35 62.70
CA GLY A 507 42.76 -7.07 63.89
C GLY A 507 41.86 -8.23 64.27
N ASN A 508 41.12 -8.06 65.37
CA ASN A 508 40.23 -9.11 65.85
C ASN A 508 38.76 -8.67 65.87
N THR A 509 38.41 -7.81 64.91
CA THR A 509 37.04 -7.30 64.79
C THR A 509 36.62 -7.43 63.34
N PRO A 510 35.49 -8.11 63.10
CA PRO A 510 35.00 -8.29 61.73
C PRO A 510 34.57 -6.96 61.13
N ILE A 511 34.76 -6.83 59.82
CA ILE A 511 34.35 -5.61 59.12
C ILE A 511 32.89 -5.71 58.70
N PRO A 512 32.05 -4.80 59.22
CA PRO A 512 30.61 -4.83 58.95
C PRO A 512 30.30 -4.46 57.50
N PRO A 513 29.15 -4.90 57.00
CA PRO A 513 28.76 -4.61 55.61
C PRO A 513 28.77 -3.11 55.27
N SER A 514 28.48 -2.25 56.25
CA SER A 514 28.43 -0.81 56.06
CA SER A 514 28.41 -0.82 55.99
C SER A 514 29.77 -0.26 55.54
N VAL A 515 30.86 -0.82 56.05
CA VAL A 515 32.18 -0.34 55.67
C VAL A 515 32.58 -0.77 54.27
N PHE A 516 32.25 -2.00 53.90
CA PHE A 516 32.52 -2.43 52.54
C PHE A 516 31.68 -1.60 51.58
N GLU A 517 30.48 -1.24 52.00
CA GLU A 517 29.62 -0.39 51.19
C GLU A 517 30.22 1.02 51.05
N ASP A 518 30.88 1.50 52.10
CA ASP A 518 31.65 2.74 52.05
C ASP A 518 32.78 2.63 51.04
N CYS A 519 33.47 1.50 51.08
CA CYS A 519 34.53 1.20 50.14
C CYS A 519 34.01 1.30 48.71
N CYS A 520 32.82 0.75 48.47
CA CYS A 520 32.26 0.73 47.12
C CYS A 520 32.08 2.14 46.57
N LEU A 521 31.39 2.96 47.36
CA LEU A 521 31.12 4.34 47.03
C LEU A 521 32.40 5.12 46.82
N ALA A 522 33.37 4.93 47.73
CA ALA A 522 34.66 5.59 47.61
C ALA A 522 35.36 5.29 46.27
N VAL A 523 35.23 4.06 45.80
CA VAL A 523 35.78 3.71 44.49
C VAL A 523 35.09 4.53 43.42
N GLU A 524 33.76 4.52 43.45
CA GLU A 524 32.94 5.21 42.46
C GLU A 524 33.17 6.73 42.43
N GLU A 525 33.33 7.33 43.60
CA GLU A 525 33.56 8.78 43.69
C GLU A 525 34.89 9.18 43.07
N SER A 526 35.83 8.23 43.01
CA SER A 526 37.15 8.50 42.47
C SER A 526 37.21 8.33 40.95
N PHE A 527 36.17 7.74 40.36
CA PHE A 527 36.08 7.56 38.91
C PHE A 527 35.74 8.88 38.19
N ASN A 528 36.04 8.98 36.90
CA ASN A 528 35.84 10.23 36.16
C ASN A 528 34.34 10.54 35.90
N THR A 529 34.07 11.74 35.38
CA THR A 529 32.71 12.26 35.28
C THR A 529 31.79 11.44 34.33
N VAL A 530 32.35 10.77 33.34
CA VAL A 530 31.54 9.98 32.43
C VAL A 530 30.98 8.75 33.15
N TYR A 531 31.82 8.08 33.95
CA TYR A 531 31.38 6.99 34.81
C TYR A 531 30.28 7.48 35.74
N ARG A 532 30.54 8.58 36.47
CA ARG A 532 29.57 9.07 37.45
C ARG A 532 28.26 9.55 36.79
N GLN A 533 28.35 10.16 35.60
CA GLN A 533 27.16 10.50 34.79
C GLN A 533 26.35 9.25 34.38
N GLY A 534 27.05 8.17 34.05
CA GLY A 534 26.38 6.94 33.65
C GLY A 534 25.62 6.32 34.80
N ARG A 535 26.17 6.45 36.01
CA ARG A 535 25.51 5.98 37.21
C ARG A 535 24.29 6.84 37.59
N VAL A 536 24.45 8.17 37.54
CA VAL A 536 23.49 9.09 38.12
C VAL A 536 22.42 9.57 37.15
N SER A 537 22.83 9.91 35.94
CA SER A 537 21.92 10.50 34.96
C SER A 537 21.45 9.52 33.87
N ASP A 538 22.39 8.92 33.15
CA ASP A 538 22.05 8.05 32.02
C ASP A 538 21.58 6.64 32.42
N LYS A 539 21.79 6.25 33.68
CA LYS A 539 21.44 4.90 34.17
C LYS A 539 22.00 3.78 33.29
N SER A 540 23.17 4.03 32.71
CA SER A 540 23.83 3.12 31.79
C SER A 540 24.80 2.21 32.53
N ILE A 541 24.93 2.43 33.83
CA ILE A 541 25.88 1.70 34.66
C ILE A 541 25.26 1.40 36.03
N GLY A 542 25.28 0.13 36.43
CA GLY A 542 24.80 -0.26 37.75
C GLY A 542 25.81 -0.04 38.86
N PRO A 543 25.39 -0.21 40.12
CA PRO A 543 26.27 0.03 41.28
C PRO A 543 27.53 -0.83 41.23
N LEU A 544 28.68 -0.24 41.54
CA LEU A 544 29.92 -1.00 41.61
C LEU A 544 29.85 -2.04 42.72
N GLU A 545 30.35 -3.23 42.42
CA GLU A 545 30.31 -4.34 43.36
C GLU A 545 31.72 -4.75 43.78
N ILE A 546 31.91 -4.94 45.09
CA ILE A 546 33.14 -5.51 45.59
C ILE A 546 32.87 -6.93 46.07
N LYS A 547 33.60 -7.89 45.50
CA LYS A 547 33.51 -9.29 45.91
C LYS A 547 34.73 -9.71 46.71
N ILE A 548 34.51 -10.03 47.98
CA ILE A 548 35.55 -10.52 48.85
C ILE A 548 35.75 -12.01 48.56
N VAL A 549 37.00 -12.38 48.24
CA VAL A 549 37.36 -13.76 47.92
C VAL A 549 38.17 -14.36 49.06
N GLU A 550 38.09 -15.69 49.23
CA GLU A 550 38.81 -16.35 50.31
C GLU A 550 40.32 -16.36 50.07
N PRO A 551 41.12 -16.51 51.14
CA PRO A 551 42.59 -16.52 51.03
C PRO A 551 43.10 -17.58 50.08
N GLY A 552 44.10 -17.23 49.27
CA GLY A 552 44.66 -18.15 48.32
C GLY A 552 43.95 -18.13 46.97
N THR A 553 43.01 -17.21 46.79
CA THR A 553 42.26 -17.14 45.55
C THR A 553 43.16 -16.63 44.42
N PHE A 554 43.88 -15.55 44.66
CA PHE A 554 44.78 -15.02 43.63
C PHE A 554 46.00 -15.93 43.41
N ASP A 555 46.26 -16.83 44.35
CA ASP A 555 47.26 -17.86 44.11
C ASP A 555 46.77 -18.81 43.02
N LYS A 556 45.48 -19.09 43.05
CA LYS A 556 44.87 -20.02 42.10
C LYS A 556 44.86 -19.40 40.73
N LEU A 557 44.51 -18.12 40.70
CA LEU A 557 44.54 -17.31 39.50
C LEU A 557 45.92 -17.38 38.81
N MET A 558 46.97 -17.16 39.59
CA MET A 558 48.33 -17.25 39.08
C MET A 558 48.60 -18.64 38.52
N ASP A 559 48.33 -19.67 39.31
CA ASP A 559 48.56 -21.05 38.88
C ASP A 559 47.85 -21.33 37.56
N TYR A 560 46.62 -20.84 37.45
CA TYR A 560 45.82 -20.99 36.25
C TYR A 560 46.42 -20.16 35.12
N ALA A 561 46.79 -18.92 35.45
CA ALA A 561 47.45 -18.04 34.48
C ALA A 561 48.77 -18.60 33.96
N ILE A 562 49.44 -19.51 34.65
CA ILE A 562 50.68 -20.12 34.16
C ILE A 562 50.47 -21.31 33.25
N SER A 563 49.45 -22.07 33.51
CA SER A 563 49.07 -23.15 32.66
C SER A 563 48.68 -22.62 31.27
N LEU A 564 48.03 -21.48 31.22
CA LEU A 564 48.01 -20.74 30.01
C LEU A 564 48.93 -19.59 30.30
N GLY A 565 49.89 -19.38 29.43
CA GLY A 565 50.81 -18.27 29.53
C GLY A 565 51.56 -18.28 30.83
N ALA A 566 52.81 -18.68 30.80
CA ALA A 566 53.46 -19.08 32.03
C ALA A 566 54.73 -18.35 32.30
N SER A 567 54.60 -17.07 32.58
CA SER A 567 55.76 -16.30 32.86
C SER A 567 55.75 -15.82 34.26
N ILE A 568 56.50 -16.51 35.10
CA ILE A 568 56.58 -16.25 36.52
C ILE A 568 57.25 -14.95 36.78
N ASN A 569 58.37 -14.74 36.15
CA ASN A 569 59.16 -13.52 36.36
C ASN A 569 58.31 -12.29 36.11
N GLN A 570 57.67 -12.26 34.95
CA GLN A 570 56.79 -11.16 34.59
C GLN A 570 55.36 -11.43 35.01
N TYR A 571 55.12 -11.42 36.33
CA TYR A 571 53.76 -11.67 36.79
C TYR A 571 53.26 -10.71 37.86
N LYS A 572 52.31 -9.88 37.48
CA LYS A 572 51.50 -9.16 38.43
C LYS A 572 50.09 -9.71 38.30
N THR A 573 49.35 -9.69 39.39
CA THR A 573 47.92 -9.96 39.30
C THR A 573 47.37 -8.87 38.39
N PRO A 574 46.77 -9.27 37.26
CA PRO A 574 46.33 -8.23 36.31
C PRO A 574 45.26 -7.34 36.93
N ARG A 575 45.24 -6.07 36.57
CA ARG A 575 44.27 -5.12 37.09
C ARG A 575 42.84 -5.47 36.62
N CYS A 576 42.74 -6.13 35.48
CA CYS A 576 41.45 -6.48 34.92
C CYS A 576 41.49 -7.87 34.29
N VAL A 577 40.39 -8.61 34.38
CA VAL A 577 40.31 -9.93 33.75
C VAL A 577 39.09 -9.98 32.84
N LYS A 578 39.09 -10.89 31.88
CA LYS A 578 38.12 -10.87 30.80
C LYS A 578 37.79 -12.28 30.31
N PHE A 579 38.69 -13.23 30.60
CA PHE A 579 38.55 -14.61 30.16
C PHE A 579 37.55 -15.39 31.03
N ALA A 580 36.47 -15.87 30.42
CA ALA A 580 35.36 -16.50 31.15
C ALA A 580 35.79 -17.53 32.21
N PRO A 581 36.68 -18.50 31.88
CA PRO A 581 37.06 -19.46 32.93
C PRO A 581 37.76 -18.84 34.14
N ILE A 582 38.53 -17.79 33.90
CA ILE A 582 39.18 -17.08 34.99
C ILE A 582 38.12 -16.41 35.86
N ILE A 583 37.16 -15.76 35.22
CA ILE A 583 36.09 -15.09 35.97
C ILE A 583 35.24 -16.09 36.73
N GLU A 584 34.94 -17.25 36.14
CA GLU A 584 34.16 -18.28 36.83
C GLU A 584 34.95 -18.79 38.05
N LEU A 585 36.26 -18.93 37.89
CA LEU A 585 37.15 -19.32 38.99
C LEU A 585 37.07 -18.32 40.14
N LEU A 586 37.12 -17.03 39.80
CA LEU A 586 37.14 -16.01 40.83
C LEU A 586 35.79 -15.91 41.54
N ASN A 587 34.71 -16.02 40.76
CA ASN A 587 33.36 -15.98 41.29
C ASN A 587 33.05 -17.16 42.19
N SER A 588 33.67 -18.30 41.91
CA SER A 588 33.46 -19.52 42.70
C SER A 588 34.10 -19.44 44.08
N ARG A 589 34.97 -18.46 44.27
CA ARG A 589 35.70 -18.30 45.51
C ARG A 589 35.28 -17.04 46.24
N VAL A 590 34.11 -16.51 45.90
CA VAL A 590 33.57 -15.34 46.57
C VAL A 590 32.91 -15.71 47.89
N VAL A 591 33.38 -15.06 48.95
CA VAL A 591 32.87 -15.25 50.30
C VAL A 591 31.71 -14.28 50.60
N ASP A 592 31.85 -13.03 50.17
CA ASP A 592 30.82 -12.00 50.35
C ASP A 592 30.87 -11.00 49.20
N SER A 593 29.74 -10.37 48.90
CA SER A 593 29.71 -9.26 47.95
C SER A 593 28.88 -8.09 48.45
N TYR A 594 29.22 -6.89 47.98
CA TYR A 594 28.61 -5.65 48.44
C TYR A 594 28.50 -4.60 47.33
N PHE A 595 27.39 -3.87 47.30
CA PHE A 595 27.16 -2.68 46.48
C PHE A 595 26.80 -1.52 47.41
N SER A 596 27.13 -0.28 47.04
CA SER A 596 26.62 0.85 47.84
C SER A 596 25.17 1.17 47.47
N PRO A 597 24.33 1.49 48.47
CA PRO A 597 22.95 1.91 48.20
C PRO A 597 22.90 3.35 47.67
N LYS A 598 24.05 4.00 47.71
CA LYS A 598 24.18 5.39 47.40
C LYS A 598 24.75 5.57 46.00
N CYS A 599 24.60 6.77 45.43
CA CYS A 599 25.18 7.10 44.14
C CYS A 599 26.38 8.01 44.33
N PRO A 600 27.34 7.99 43.38
CA PRO A 600 28.45 8.95 43.43
C PRO A 600 27.97 10.35 43.06
N LYS A 601 28.72 11.38 43.46
CA LYS A 601 28.42 12.74 43.03
C LYS A 601 28.52 12.86 41.52
N TRP A 602 27.64 13.66 40.94
CA TRP A 602 27.78 14.08 39.56
C TRP A 602 27.08 15.40 39.29
N VAL A 603 27.80 16.28 38.60
CA VAL A 603 27.30 17.59 38.23
C VAL A 603 27.72 17.82 36.76
N PRO A 604 26.76 18.16 35.89
CA PRO A 604 27.06 18.36 34.46
C PRO A 604 28.07 19.48 34.21
N GLY A 605 28.96 19.26 33.26
CA GLY A 605 29.95 20.28 32.88
C GLY A 605 31.32 20.03 33.49
N HIS A 606 32.25 20.92 33.21
CA HIS A 606 33.61 20.80 33.72
C HIS A 606 33.67 21.18 35.21
N LYS A 607 34.63 20.58 35.91
CA LYS A 607 34.91 20.90 37.31
C LYS A 607 35.19 22.39 37.52
N GLN A 608 35.91 22.96 36.56
CA GLN A 608 36.40 24.34 36.65
C GLN A 608 35.45 25.32 35.95
N THR B 16 -9.34 -3.76 10.53
CA THR B 16 -8.56 -2.59 10.14
C THR B 16 -9.06 -2.09 8.80
N LEU B 17 -8.29 -1.19 8.18
CA LEU B 17 -8.65 -0.45 6.96
C LEU B 17 -9.71 0.59 7.26
N ASP B 18 -10.80 0.19 7.91
CA ASP B 18 -11.83 1.10 8.42
C ASP B 18 -11.37 2.05 9.51
N GLN B 19 -10.58 1.54 10.42
CA GLN B 19 -10.03 2.32 11.52
C GLN B 19 -9.16 3.44 10.95
N LYS B 20 -8.36 3.13 9.94
CA LYS B 20 -7.51 4.10 9.27
C LYS B 20 -8.31 5.23 8.63
N ASN B 21 -9.43 4.91 8.00
CA ASN B 21 -10.34 5.93 7.48
C ASN B 21 -10.86 6.77 8.62
N LYS B 22 -11.21 6.11 9.71
CA LYS B 22 -11.76 6.81 10.83
C LYS B 22 -10.72 7.81 11.39
N GLN B 23 -9.44 7.45 11.39
CA GLN B 23 -8.37 8.30 11.86
C GLN B 23 -8.13 9.60 11.08
N LYS B 24 -8.13 9.50 9.75
CA LYS B 24 -7.98 10.64 8.86
C LYS B 24 -9.16 11.55 9.02
N LEU B 25 -10.35 10.98 9.14
CA LEU B 25 -11.53 11.76 9.36
C LEU B 25 -11.58 12.53 10.69
N GLN B 26 -11.16 11.89 11.75
CA GLN B 26 -11.01 12.51 13.03
C GLN B 26 -9.95 13.57 12.94
N LEU B 27 -8.93 13.30 12.14
CA LEU B 27 -7.86 14.28 11.99
C LEU B 27 -8.42 15.57 11.41
N ILE B 28 -9.28 15.45 10.40
CA ILE B 28 -9.94 16.60 9.79
C ILE B 28 -10.76 17.37 10.83
N GLU B 29 -11.53 16.66 11.63
CA GLU B 29 -12.34 17.26 12.69
C GLU B 29 -11.47 18.01 13.70
N GLU B 30 -10.35 17.42 14.11
CA GLU B 30 -9.44 18.10 15.05
C GLU B 30 -8.82 19.34 14.41
N LEU B 31 -8.34 19.22 13.18
CA LEU B 31 -7.73 20.34 12.47
C LEU B 31 -8.73 21.49 12.26
N THR B 32 -9.96 21.16 11.86
CA THR B 32 -10.94 22.20 11.61
C THR B 32 -11.57 22.78 12.88
N SER B 33 -11.64 21.99 13.96
CA SER B 33 -12.21 22.50 15.22
C SER B 33 -11.24 23.39 15.95
N ASN B 34 -9.95 23.20 15.66
CA ASN B 34 -8.87 23.97 16.27
C ASN B 34 -8.08 24.72 15.21
N ALA B 35 -8.76 25.15 14.16
CA ALA B 35 -8.11 25.78 13.01
C ALA B 35 -7.20 26.95 13.37
N ASP B 36 -7.66 27.84 14.26
CA ASP B 36 -6.84 29.00 14.63
C ASP B 36 -5.56 28.59 15.38
N GLN B 37 -5.69 27.65 16.31
CA GLN B 37 -4.54 27.15 17.05
C GLN B 37 -3.55 26.46 16.09
N VAL B 38 -4.06 25.71 15.13
CA VAL B 38 -3.19 25.04 14.17
C VAL B 38 -2.49 26.06 13.27
N GLN B 39 -3.21 27.10 12.87
CA GLN B 39 -2.64 28.18 12.07
C GLN B 39 -1.54 28.90 12.84
N ARG B 40 -1.81 29.16 14.11
CA ARG B 40 -0.85 29.74 15.03
C ARG B 40 0.42 28.86 15.09
N GLN B 41 0.25 27.58 15.39
CA GLN B 41 1.37 26.64 15.49
C GLN B 41 2.19 26.52 14.20
N VAL B 42 1.54 26.63 13.05
CA VAL B 42 2.25 26.50 11.77
C VAL B 42 3.18 27.71 11.56
N LEU B 43 2.68 28.93 11.80
CA LEU B 43 3.49 30.12 11.69
C LEU B 43 4.63 30.15 12.74
N GLU B 44 4.31 29.82 13.98
CA GLU B 44 5.32 29.76 15.04
C GLU B 44 6.45 28.80 14.67
N GLU B 45 6.09 27.64 14.11
CA GLU B 45 7.05 26.64 13.64
C GLU B 45 7.89 27.17 12.46
N ILE B 46 7.24 27.78 11.48
CA ILE B 46 7.94 28.29 10.30
C ILE B 46 8.95 29.37 10.69
N LEU B 47 8.49 30.37 11.44
CA LEU B 47 9.33 31.49 11.87
C LEU B 47 10.41 31.08 12.87
N THR B 48 10.20 29.99 13.61
CA THR B 48 11.23 29.47 14.49
C THR B 48 12.33 28.77 13.69
N ARG B 49 11.91 27.86 12.82
CA ARG B 49 12.83 27.14 11.96
C ARG B 49 13.64 28.09 11.05
N ASN B 50 12.95 29.05 10.46
CA ASN B 50 13.54 29.96 9.48
C ASN B 50 14.04 31.29 10.07
N ALA B 51 14.10 31.39 11.40
CA ALA B 51 14.41 32.65 12.08
C ALA B 51 15.66 33.36 11.55
N ASP B 52 16.67 32.59 11.14
CA ASP B 52 17.95 33.15 10.73
C ASP B 52 18.17 33.21 9.20
N VAL B 53 17.19 32.79 8.41
CA VAL B 53 17.33 32.88 6.95
C VAL B 53 17.39 34.35 6.50
N GLU B 54 17.99 34.60 5.34
CA GLU B 54 18.20 35.97 4.86
C GLU B 54 16.93 36.80 4.78
N TYR B 55 15.86 36.21 4.26
CA TYR B 55 14.62 36.94 4.01
C TYR B 55 13.97 37.49 5.28
N LEU B 56 14.00 36.70 6.36
CA LEU B 56 13.44 37.15 7.64
C LEU B 56 14.37 38.12 8.35
N ARG B 57 15.67 37.91 8.21
CA ARG B 57 16.63 38.87 8.77
C ARG B 57 16.48 40.21 8.07
N ARG B 58 16.34 40.16 6.76
CA ARG B 58 16.14 41.31 5.89
C ARG B 58 15.08 42.25 6.44
N HIS B 59 13.96 41.68 6.87
CA HIS B 59 12.87 42.49 7.37
C HIS B 59 12.91 42.66 8.90
N ASP B 60 14.05 42.32 9.49
CA ASP B 60 14.31 42.54 10.91
C ASP B 60 13.26 41.94 11.84
N LEU B 61 12.82 40.72 11.52
CA LEU B 61 11.88 40.02 12.39
C LEU B 61 12.56 39.70 13.73
N ASN B 62 13.86 39.44 13.68
CA ASN B 62 14.70 39.23 14.87
C ASN B 62 14.20 38.09 15.74
N GLY B 63 13.98 36.94 15.12
CA GLY B 63 13.57 35.74 15.85
C GLY B 63 12.15 35.71 16.37
N ARG B 64 11.39 36.77 16.11
CA ARG B 64 10.03 36.85 16.66
C ARG B 64 9.13 35.86 15.92
N THR B 65 8.24 35.20 16.66
CA THR B 65 7.44 34.15 16.06
C THR B 65 5.93 34.42 16.13
N ASP B 66 5.56 35.57 16.68
CA ASP B 66 4.16 35.86 16.93
C ASP B 66 3.46 36.45 15.71
N ARG B 67 2.16 36.25 15.65
CA ARG B 67 1.30 36.68 14.55
C ARG B 67 1.23 38.20 14.36
N GLU B 68 1.06 38.94 15.45
CA GLU B 68 0.94 40.40 15.41
C GLU B 68 2.15 41.06 14.73
N THR B 69 3.33 40.69 15.19
CA THR B 69 4.57 41.23 14.65
C THR B 69 4.74 40.85 13.17
N PHE B 70 4.51 39.58 12.85
CA PHE B 70 4.57 39.07 11.48
C PHE B 70 3.74 39.92 10.50
N LYS B 71 2.50 40.25 10.89
CA LYS B 71 1.59 41.05 10.06
C LYS B 71 1.98 42.52 9.97
N ASN B 72 2.58 43.04 11.03
CA ASN B 72 2.97 44.44 11.09
C ASN B 72 4.23 44.78 10.33
N ILE B 73 5.14 43.82 10.23
CA ILE B 73 6.46 44.05 9.67
C ILE B 73 6.69 43.39 8.31
N MET B 74 6.32 42.13 8.18
CA MET B 74 6.52 41.39 6.93
C MET B 74 5.57 41.87 5.85
N PRO B 75 6.12 42.21 4.67
CA PRO B 75 5.32 42.74 3.56
C PRO B 75 4.55 41.67 2.79
N VAL B 76 3.47 42.09 2.16
CA VAL B 76 2.68 41.22 1.34
C VAL B 76 3.27 41.30 -0.06
N ILE B 77 3.72 40.18 -0.59
CA ILE B 77 4.53 40.18 -1.80
C ILE B 77 3.94 39.40 -2.96
N THR B 78 4.46 39.69 -4.15
CA THR B 78 4.22 38.88 -5.34
C THR B 78 5.54 38.24 -5.77
N TYR B 79 5.47 37.46 -6.84
CA TYR B 79 6.63 36.71 -7.31
C TYR B 79 7.83 37.60 -7.61
N GLU B 80 7.57 38.73 -8.28
CA GLU B 80 8.61 39.66 -8.69
C GLU B 80 9.35 40.30 -7.51
N ASP B 81 8.76 40.25 -6.33
CA ASP B 81 9.41 40.75 -5.12
C ASP B 81 10.50 39.80 -4.66
N ILE B 82 10.29 38.49 -4.82
CA ILE B 82 11.29 37.53 -4.34
C ILE B 82 12.05 36.81 -5.45
N GLU B 83 11.83 37.24 -6.69
CA GLU B 83 12.58 36.68 -7.80
C GLU B 83 14.12 36.78 -7.64
N PRO B 84 14.64 37.91 -7.09
CA PRO B 84 16.11 37.91 -6.87
C PRO B 84 16.60 36.77 -5.97
N GLU B 85 15.85 36.46 -4.91
CA GLU B 85 16.20 35.35 -4.03
C GLU B 85 16.03 34.00 -4.76
N ILE B 86 14.94 33.86 -5.51
CA ILE B 86 14.70 32.63 -6.26
C ILE B 86 15.86 32.36 -7.23
N ASN B 87 16.22 33.35 -8.03
CA ASN B 87 17.32 33.24 -8.99
C ASN B 87 18.68 32.87 -8.34
N ARG B 88 18.97 33.43 -7.17
CA ARG B 88 20.21 33.12 -6.47
C ARG B 88 20.27 31.65 -6.05
N ILE B 89 19.16 31.16 -5.49
CA ILE B 89 19.01 29.75 -5.13
C ILE B 89 19.11 28.87 -6.40
N ALA B 90 18.44 29.31 -7.46
CA ALA B 90 18.43 28.62 -8.73
C ALA B 90 19.81 28.57 -9.31
N ASN B 91 20.58 29.62 -9.08
CA ASN B 91 21.95 29.65 -9.59
C ASN B 91 22.91 28.80 -8.78
N GLY B 92 22.46 28.33 -7.62
CA GLY B 92 23.25 27.39 -6.83
C GLY B 92 23.68 27.86 -5.45
N ASP B 93 23.08 28.94 -4.97
CA ASP B 93 23.33 29.41 -3.62
C ASP B 93 22.74 28.45 -2.58
N LYS B 94 23.58 27.69 -1.90
CA LYS B 94 23.12 26.71 -0.91
C LYS B 94 22.84 27.37 0.45
N SER B 95 23.23 28.63 0.57
CA SER B 95 23.01 29.42 1.79
C SER B 95 21.52 29.49 2.18
N PRO B 96 21.23 29.66 3.48
CA PRO B 96 19.81 29.78 3.89
C PRO B 96 19.19 31.13 3.54
N ILE B 97 18.50 31.20 2.41
CA ILE B 97 17.97 32.47 1.95
C ILE B 97 16.47 32.58 2.25
N LEU B 98 15.71 31.56 1.86
CA LEU B 98 14.30 31.52 2.14
C LEU B 98 13.96 30.50 3.21
N SER B 99 14.71 29.39 3.23
CA SER B 99 14.43 28.26 4.13
C SER B 99 15.66 27.77 4.88
N SER B 100 15.47 27.29 6.11
CA SER B 100 16.58 26.75 6.88
C SER B 100 16.98 25.38 6.36
N LYS B 101 16.04 24.74 5.66
CA LYS B 101 16.29 23.48 4.97
C LYS B 101 16.71 23.72 3.53
N PRO B 102 17.56 22.83 2.97
CA PRO B 102 17.93 23.03 1.56
C PRO B 102 16.72 22.99 0.62
N ILE B 103 16.74 23.88 -0.39
CA ILE B 103 15.73 23.90 -1.42
C ILE B 103 15.99 22.70 -2.33
N SER B 104 15.06 21.77 -2.39
CA SER B 104 15.31 20.49 -3.06
C SER B 104 15.06 20.58 -4.55
N GLU B 105 14.07 21.40 -4.94
CA GLU B 105 13.76 21.63 -6.34
C GLU B 105 12.87 22.86 -6.48
N PHE B 106 12.62 23.22 -7.74
CA PHE B 106 11.72 24.30 -8.06
C PHE B 106 10.52 23.72 -8.78
N LEU B 107 9.33 24.00 -8.25
CA LEU B 107 8.11 23.56 -8.85
C LEU B 107 7.62 24.64 -9.79
N THR B 108 7.74 24.38 -11.09
CA THR B 108 7.43 25.34 -12.13
C THR B 108 5.92 25.54 -12.28
N SER B 109 5.44 26.70 -11.87
CA SER B 109 4.02 27.01 -11.87
C SER B 109 3.49 27.17 -13.29
N SER B 110 2.19 26.97 -13.47
CA SER B 110 1.57 27.32 -14.75
C SER B 110 1.43 28.84 -14.82
N GLY B 111 1.58 29.50 -13.69
CA GLY B 111 1.56 30.96 -13.68
C GLY B 111 2.91 31.44 -14.17
N THR B 112 2.91 32.53 -14.94
CA THR B 112 4.16 33.00 -15.53
C THR B 112 4.55 34.42 -15.11
N SER B 113 5.83 34.72 -15.31
CA SER B 113 6.36 36.06 -15.15
C SER B 113 7.31 36.33 -16.32
N GLY B 114 7.04 37.41 -17.06
CA GLY B 114 7.81 37.70 -18.26
C GLY B 114 7.78 36.54 -19.23
N GLY B 115 6.63 35.86 -19.31
CA GLY B 115 6.44 34.76 -20.22
C GLY B 115 6.96 33.39 -19.78
N GLU B 116 7.78 33.36 -18.72
CA GLU B 116 8.40 32.13 -18.24
C GLU B 116 7.70 31.61 -16.98
N ARG B 117 7.70 30.30 -16.79
CA ARG B 117 7.08 29.72 -15.61
C ARG B 117 7.70 30.27 -14.32
N LYS B 118 6.87 30.49 -13.31
CA LYS B 118 7.36 30.88 -12.00
C LYS B 118 8.00 29.69 -11.29
N LEU B 119 9.13 29.96 -10.64
CA LEU B 119 9.88 28.92 -9.96
C LEU B 119 9.57 28.96 -8.46
N MET B 120 8.71 28.04 -8.04
CA MET B 120 8.28 27.99 -6.65
C MET B 120 9.21 27.09 -5.89
N PRO B 121 9.84 27.65 -4.85
CA PRO B 121 10.79 26.85 -4.08
C PRO B 121 10.05 25.89 -3.19
N THR B 122 10.60 24.68 -3.02
CA THR B 122 10.03 23.73 -2.09
C THR B 122 11.18 23.01 -1.40
N ILE B 123 10.85 22.31 -0.32
CA ILE B 123 11.80 21.53 0.44
C ILE B 123 11.25 20.12 0.55
N GLU B 124 12.13 19.15 0.83
CA GLU B 124 11.78 17.73 0.78
C GLU B 124 10.56 17.41 1.68
N GLU B 125 10.56 18.00 2.87
CA GLU B 125 9.44 17.98 3.80
C GLU B 125 8.04 18.22 3.19
N GLU B 126 7.94 19.10 2.20
CA GLU B 126 6.64 19.47 1.66
C GLU B 126 5.96 18.31 0.93
N LEU B 127 6.77 17.39 0.40
CA LEU B 127 6.25 16.14 -0.19
C LEU B 127 5.37 15.36 0.78
N ASP B 128 5.78 15.34 2.06
CA ASP B 128 5.04 14.67 3.11
C ASP B 128 3.70 15.35 3.34
N ARG B 129 3.68 16.68 3.30
CA ARG B 129 2.42 17.41 3.45
C ARG B 129 1.50 17.22 2.24
N ARG B 130 2.06 17.10 1.02
CA ARG B 130 1.21 16.85 -0.17
C ARG B 130 0.55 15.48 -0.05
N SER B 131 1.33 14.49 0.38
CA SER B 131 0.80 13.16 0.63
C SER B 131 -0.24 13.12 1.75
N LEU B 132 -0.03 13.95 2.78
CA LEU B 132 -1.02 14.07 3.85
C LEU B 132 -2.35 14.48 3.22
N LEU B 133 -2.31 15.52 2.39
CA LEU B 133 -3.49 16.01 1.70
C LEU B 133 -4.11 14.86 0.88
N TYR B 134 -3.32 14.18 0.05
CA TYR B 134 -3.85 13.11 -0.80
C TYR B 134 -4.53 12.01 0.01
N SER B 135 -3.95 11.70 1.17
CA SER B 135 -4.43 10.63 2.03
C SER B 135 -5.74 10.97 2.76
N LEU B 136 -6.21 12.21 2.60
CA LEU B 136 -7.50 12.63 3.14
C LEU B 136 -8.66 12.33 2.18
N LEU B 137 -8.34 12.21 0.89
CA LEU B 137 -9.36 12.23 -0.16
C LEU B 137 -10.31 11.03 -0.12
N MET B 138 -9.74 9.83 -0.08
CA MET B 138 -10.53 8.61 -0.07
C MET B 138 -11.25 8.36 1.27
N PRO B 139 -10.59 8.61 2.43
CA PRO B 139 -11.42 8.54 3.64
C PRO B 139 -12.61 9.53 3.58
N VAL B 140 -12.41 10.72 3.03
CA VAL B 140 -13.54 11.66 2.85
C VAL B 140 -14.58 11.02 1.92
N MET B 141 -14.14 10.50 0.78
CA MET B 141 -15.01 9.81 -0.17
C MET B 141 -15.75 8.60 0.40
N SER B 142 -15.15 7.92 1.38
CA SER B 142 -15.75 6.71 1.93
C SER B 142 -17.03 7.01 2.71
N GLN B 143 -17.28 8.28 2.98
CA GLN B 143 -18.52 8.70 3.64
C GLN B 143 -19.68 8.87 2.66
N PHE B 144 -19.39 8.81 1.36
CA PHE B 144 -20.38 9.13 0.33
C PHE B 144 -20.51 8.03 -0.72
N VAL B 145 -19.38 7.40 -1.05
CA VAL B 145 -19.36 6.30 -2.00
C VAL B 145 -18.59 5.11 -1.44
N PRO B 146 -19.28 4.02 -1.10
CA PRO B 146 -18.58 2.87 -0.51
C PRO B 146 -18.02 1.89 -1.54
N GLY B 147 -17.20 0.94 -1.08
CA GLY B 147 -16.77 -0.19 -1.87
C GLY B 147 -15.68 0.12 -2.88
N LEU B 148 -15.18 1.34 -2.88
CA LEU B 148 -14.16 1.75 -3.83
C LEU B 148 -12.86 0.97 -3.60
N GLU B 149 -12.67 0.43 -2.41
CA GLU B 149 -11.51 -0.42 -2.10
C GLU B 149 -11.58 -1.80 -2.76
N ASN B 150 -12.76 -2.17 -3.26
CA ASN B 150 -12.98 -3.46 -3.92
C ASN B 150 -12.78 -3.45 -5.43
N GLY B 151 -12.08 -2.44 -5.95
CA GLY B 151 -11.83 -2.37 -7.38
C GLY B 151 -10.80 -1.30 -7.72
N LYS B 152 -10.79 -0.86 -8.97
CA LYS B 152 -9.73 0.02 -9.43
C LYS B 152 -10.23 1.38 -9.90
N GLY B 153 -9.31 2.34 -9.94
CA GLY B 153 -9.57 3.65 -10.49
C GLY B 153 -8.81 3.77 -11.79
N MET B 154 -9.50 4.24 -12.84
CA MET B 154 -8.83 4.47 -14.11
C MET B 154 -8.50 5.95 -14.24
N TYR B 155 -7.29 6.29 -13.85
CA TYR B 155 -6.83 7.66 -13.92
C TYR B 155 -5.73 7.81 -14.96
N PHE B 156 -5.88 8.81 -15.82
CA PHE B 156 -4.87 9.12 -16.80
C PHE B 156 -4.00 10.23 -16.23
N LEU B 157 -2.86 9.83 -15.67
CA LEU B 157 -1.92 10.75 -15.06
C LEU B 157 -0.71 10.91 -15.97
N PHE B 158 -0.14 12.10 -15.99
CA PHE B 158 0.96 12.36 -16.90
C PHE B 158 2.08 13.17 -16.25
N ILE B 159 3.32 12.82 -16.55
CA ILE B 159 4.46 13.66 -16.22
C ILE B 159 4.74 14.61 -17.38
N LYS B 160 5.51 15.66 -17.11
CA LYS B 160 5.81 16.67 -18.12
C LYS B 160 7.30 16.87 -18.27
N SER B 161 7.69 17.70 -19.24
CA SER B 161 9.09 18.02 -19.44
C SER B 161 9.74 18.51 -18.15
N GLU B 162 11.00 18.13 -18.00
CA GLU B 162 11.75 18.41 -16.79
C GLU B 162 12.96 19.23 -17.19
N SER B 163 13.49 20.04 -16.28
CA SER B 163 14.63 20.90 -16.57
C SER B 163 15.57 21.00 -15.35
N LYS B 164 16.76 21.55 -15.53
CA LYS B 164 17.70 21.72 -14.43
C LYS B 164 18.23 23.15 -14.37
N THR B 165 18.22 23.73 -13.18
CA THR B 165 18.74 25.08 -12.99
C THR B 165 20.27 25.04 -13.08
N PRO B 166 20.92 26.21 -13.26
CA PRO B 166 22.39 26.17 -13.34
C PRO B 166 23.05 25.70 -12.03
N GLY B 167 22.31 25.75 -10.92
CA GLY B 167 22.82 25.20 -9.67
C GLY B 167 22.63 23.70 -9.54
N GLY B 168 22.02 23.08 -10.53
CA GLY B 168 21.85 21.63 -10.52
C GLY B 168 20.58 21.14 -9.87
N LEU B 169 19.67 22.07 -9.58
CA LEU B 169 18.39 21.71 -8.99
C LEU B 169 17.34 21.43 -10.07
N PRO B 170 16.54 20.36 -9.85
CA PRO B 170 15.46 20.06 -10.80
C PRO B 170 14.46 21.21 -10.84
N ALA B 171 14.01 21.56 -12.04
CA ALA B 171 12.95 22.53 -12.23
C ALA B 171 11.85 21.83 -13.02
N ARG B 172 10.71 21.56 -12.38
CA ARG B 172 9.71 20.70 -13.00
C ARG B 172 8.34 20.92 -12.33
N PRO B 173 7.25 20.53 -13.03
CA PRO B 173 5.90 20.75 -12.49
C PRO B 173 5.64 19.91 -11.24
N VAL B 174 4.81 20.41 -10.32
CA VAL B 174 4.66 19.78 -9.01
C VAL B 174 4.24 18.30 -9.10
N LEU B 175 3.37 17.95 -10.05
CA LEU B 175 2.91 16.57 -10.20
C LEU B 175 4.00 15.69 -10.82
N THR B 176 4.84 16.26 -11.67
CA THR B 176 5.95 15.49 -12.22
C THR B 176 6.91 15.16 -11.06
N SER B 177 7.16 16.15 -10.20
CA SER B 177 7.91 15.91 -8.98
C SER B 177 7.24 14.88 -8.08
N TYR B 178 5.91 14.97 -7.94
CA TYR B 178 5.20 14.07 -7.04
C TYR B 178 5.20 12.63 -7.57
N TYR B 179 4.87 12.46 -8.84
CA TYR B 179 4.78 11.13 -9.44
C TYR B 179 6.12 10.40 -9.40
N LYS B 180 7.20 11.16 -9.44
CA LYS B 180 8.53 10.56 -9.44
C LYS B 180 9.09 10.37 -8.03
N SER B 181 8.38 10.86 -7.03
CA SER B 181 8.80 10.72 -5.63
C SER B 181 8.40 9.37 -5.05
N SER B 182 9.05 8.98 -3.95
CA SER B 182 8.80 7.68 -3.33
C SER B 182 7.41 7.62 -2.71
N HIS B 183 6.83 8.80 -2.50
CA HIS B 183 5.43 8.93 -2.08
C HIS B 183 4.43 8.44 -3.12
N PHE B 184 4.84 8.32 -4.37
CA PHE B 184 3.95 7.80 -5.41
C PHE B 184 4.57 6.57 -6.06
N LYS B 185 5.80 6.73 -6.55
CA LYS B 185 6.44 5.69 -7.35
C LYS B 185 6.74 4.45 -6.52
N GLU B 186 7.11 4.64 -5.27
CA GLU B 186 7.30 3.51 -4.34
C GLU B 186 6.29 3.53 -3.20
N ARG B 187 5.03 3.85 -3.50
CA ARG B 187 4.04 4.05 -2.45
C ARG B 187 3.67 2.71 -1.81
N PRO B 188 3.30 2.75 -0.52
CA PRO B 188 2.84 1.52 0.14
C PRO B 188 1.55 1.02 -0.45
N TYR B 189 1.22 -0.24 -0.19
CA TYR B 189 -0.02 -0.82 -0.67
C TYR B 189 -1.18 -0.03 -0.10
N ASP B 190 -2.20 0.17 -0.92
CA ASP B 190 -3.38 0.91 -0.52
C ASP B 190 -4.50 0.53 -1.49
N PRO B 191 -5.54 -0.15 -1.00
CA PRO B 191 -6.65 -0.56 -1.86
C PRO B 191 -7.36 0.63 -2.53
N TYR B 192 -7.02 1.84 -2.05
CA TYR B 192 -7.53 3.11 -2.57
C TYR B 192 -6.60 3.76 -3.61
N THR B 193 -5.38 3.23 -3.74
CA THR B 193 -4.40 3.75 -4.70
C THR B 193 -4.22 2.75 -5.86
N ASN B 194 -5.21 1.87 -6.03
CA ASN B 194 -5.10 0.80 -7.02
C ASN B 194 -5.56 1.27 -8.41
N TYR B 195 -4.61 1.77 -9.20
CA TYR B 195 -4.89 2.36 -10.50
C TYR B 195 -4.72 1.35 -11.63
N THR B 196 -5.46 1.55 -12.73
CA THR B 196 -5.28 0.69 -13.90
C THR B 196 -3.95 0.97 -14.60
N SER B 197 -3.41 2.18 -14.42
CA SER B 197 -2.13 2.54 -15.05
C SER B 197 -0.94 2.20 -14.16
N PRO B 198 -0.08 1.27 -14.63
CA PRO B 198 1.17 0.96 -13.90
C PRO B 198 2.06 2.20 -13.81
N ASN B 199 2.93 2.28 -12.80
CA ASN B 199 3.79 3.43 -12.62
C ASN B 199 4.66 3.72 -13.84
N GLU B 200 5.26 2.68 -14.42
CA GLU B 200 6.13 2.79 -15.61
C GLU B 200 5.43 3.51 -16.75
N THR B 201 4.14 3.25 -16.84
CA THR B 201 3.30 3.78 -17.87
C THR B 201 2.99 5.28 -17.64
N ILE B 202 2.92 5.66 -16.37
CA ILE B 202 2.73 7.06 -15.98
C ILE B 202 4.03 7.86 -16.10
N LEU B 203 5.14 7.24 -15.70
CA LEU B 203 6.44 7.91 -15.72
C LEU B 203 7.10 7.92 -17.11
N CYS B 204 6.36 7.47 -18.12
CA CYS B 204 6.88 7.43 -19.49
C CYS B 204 7.04 8.85 -20.03
N SER B 205 8.25 9.16 -20.48
CA SER B 205 8.57 10.50 -20.98
C SER B 205 7.86 10.85 -22.30
N ASP B 206 7.52 9.83 -23.09
CA ASP B 206 6.83 10.01 -24.37
C ASP B 206 5.31 10.08 -24.18
N SER B 207 4.73 11.25 -24.43
CA SER B 207 3.32 11.50 -24.14
C SER B 207 2.32 10.59 -24.90
N TYR B 208 2.65 10.21 -26.13
CA TYR B 208 1.79 9.32 -26.92
C TYR B 208 1.78 7.90 -26.33
N GLN B 209 2.99 7.37 -26.10
CA GLN B 209 3.17 6.04 -25.50
C GLN B 209 2.51 5.95 -24.13
N SER B 210 2.72 6.97 -23.30
CA SER B 210 2.07 7.03 -22.01
C SER B 210 0.54 6.93 -22.15
N MET B 211 -0.03 7.73 -23.04
CA MET B 211 -1.47 7.77 -23.25
C MET B 211 -2.00 6.45 -23.83
N TYR B 212 -1.35 5.97 -24.89
CA TYR B 212 -1.75 4.73 -25.54
C TYR B 212 -1.73 3.56 -24.54
N SER B 213 -0.63 3.42 -23.80
CA SER B 213 -0.47 2.31 -22.87
C SER B 213 -1.38 2.41 -21.65
N GLN B 214 -1.72 3.62 -21.21
CA GLN B 214 -2.65 3.81 -20.10
C GLN B 214 -4.07 3.43 -20.52
N MET B 215 -4.42 3.78 -21.74
CA MET B 215 -5.73 3.47 -22.30
C MET B 215 -5.90 1.97 -22.50
N LEU B 216 -4.83 1.32 -22.97
CA LEU B 216 -4.85 -0.14 -23.15
C LEU B 216 -5.10 -0.82 -21.81
N CYS B 217 -4.34 -0.44 -20.79
CA CYS B 217 -4.47 -1.01 -19.47
C CYS B 217 -5.84 -0.72 -18.85
N GLY B 218 -6.39 0.46 -19.14
CA GLY B 218 -7.76 0.80 -18.73
C GLY B 218 -8.81 -0.11 -19.37
N LEU B 219 -8.61 -0.42 -20.64
CA LEU B 219 -9.48 -1.37 -21.35
C LEU B 219 -9.31 -2.81 -20.85
N CYS B 220 -8.07 -3.23 -20.61
CA CYS B 220 -7.79 -4.60 -20.19
C CYS B 220 -8.39 -4.93 -18.83
N GLN B 221 -8.50 -3.92 -17.97
CA GLN B 221 -9.05 -4.08 -16.63
C GLN B 221 -10.44 -3.44 -16.46
N HIS B 222 -11.18 -3.28 -17.56
CA HIS B 222 -12.39 -2.46 -17.60
C HIS B 222 -13.52 -2.83 -16.61
N GLN B 223 -13.71 -4.12 -16.33
CA GLN B 223 -14.75 -4.53 -15.39
C GLN B 223 -14.39 -4.18 -13.92
N GLU B 224 -13.10 -4.00 -13.65
CA GLU B 224 -12.63 -3.69 -12.29
C GLU B 224 -12.77 -2.21 -11.95
N VAL B 225 -12.92 -1.38 -12.97
CA VAL B 225 -13.00 0.08 -12.84
C VAL B 225 -14.26 0.59 -12.12
N LEU B 226 -14.06 1.23 -10.97
CA LEU B 226 -15.17 1.77 -10.18
C LEU B 226 -15.24 3.30 -10.23
N ARG B 227 -14.17 3.92 -10.74
CA ARG B 227 -14.12 5.37 -10.93
C ARG B 227 -13.15 5.70 -12.05
N VAL B 228 -13.41 6.80 -12.76
CA VAL B 228 -12.56 7.24 -13.85
C VAL B 228 -12.20 8.72 -13.67
N GLY B 229 -11.06 9.12 -14.21
CA GLY B 229 -10.69 10.51 -14.22
C GLY B 229 -9.26 10.85 -14.57
N ALA B 230 -8.87 12.05 -14.15
CA ALA B 230 -7.59 12.67 -14.43
C ALA B 230 -7.57 13.88 -13.50
N VAL B 231 -6.42 14.52 -13.37
CA VAL B 231 -6.34 15.71 -12.52
C VAL B 231 -7.32 16.78 -13.04
N PHE B 232 -7.30 17.04 -14.35
CA PHE B 232 -8.20 18.00 -15.01
C PHE B 232 -9.23 17.39 -15.96
N ALA B 233 -10.37 18.06 -16.11
CA ALA B 233 -11.39 17.66 -17.06
C ALA B 233 -10.79 17.51 -18.46
N SER B 234 -9.94 18.46 -18.82
CA SER B 234 -9.33 18.51 -20.14
C SER B 234 -8.51 17.25 -20.42
N GLY B 235 -7.70 16.86 -19.44
CA GLY B 235 -6.93 15.64 -19.53
C GLY B 235 -7.77 14.39 -19.77
N PHE B 236 -8.94 14.30 -19.13
CA PHE B 236 -9.80 13.14 -19.31
C PHE B 236 -10.45 13.13 -20.68
N ILE B 237 -10.85 14.30 -21.15
CA ILE B 237 -11.45 14.47 -22.47
C ILE B 237 -10.47 14.05 -23.56
N ARG B 238 -9.20 14.41 -23.38
CA ARG B 238 -8.14 14.04 -24.32
C ARG B 238 -7.95 12.52 -24.36
N ALA B 239 -8.16 11.86 -23.23
CA ALA B 239 -8.03 10.42 -23.16
C ALA B 239 -9.13 9.76 -23.97
N ILE B 240 -10.35 10.27 -23.82
CA ILE B 240 -11.49 9.77 -24.57
C ILE B 240 -11.29 10.01 -26.06
N LYS B 241 -10.78 11.19 -26.42
CA LYS B 241 -10.52 11.52 -27.82
C LYS B 241 -9.43 10.62 -28.39
N PHE B 242 -8.41 10.31 -27.59
CA PHE B 242 -7.39 9.35 -28.01
C PHE B 242 -8.02 7.99 -28.33
N LEU B 243 -8.95 7.56 -27.49
CA LEU B 243 -9.66 6.29 -27.73
C LEU B 243 -10.37 6.36 -29.07
N GLU B 244 -11.07 7.48 -29.30
CA GLU B 244 -11.84 7.69 -30.52
C GLU B 244 -11.01 7.51 -31.77
N LYS B 245 -9.75 7.92 -31.69
CA LYS B 245 -8.87 7.98 -32.85
C LYS B 245 -8.05 6.70 -32.96
N HIS B 246 -7.79 6.02 -31.85
CA HIS B 246 -6.86 4.90 -31.85
C HIS B 246 -7.44 3.57 -31.39
N TRP B 247 -8.76 3.48 -31.18
CA TRP B 247 -9.35 2.25 -30.66
C TRP B 247 -9.09 1.04 -31.57
N ILE B 248 -8.98 1.26 -32.88
CA ILE B 248 -8.81 0.15 -33.83
C ILE B 248 -7.47 -0.54 -33.61
N GLU B 249 -6.44 0.25 -33.31
CA GLU B 249 -5.11 -0.27 -32.99
C GLU B 249 -5.12 -0.94 -31.62
N LEU B 250 -5.81 -0.32 -30.67
CA LEU B 250 -5.96 -0.86 -29.32
C LEU B 250 -6.74 -2.17 -29.33
N VAL B 251 -7.74 -2.27 -30.20
CA VAL B 251 -8.49 -3.50 -30.30
C VAL B 251 -7.60 -4.65 -30.81
N ARG B 252 -6.80 -4.37 -31.84
CA ARG B 252 -5.92 -5.37 -32.45
C ARG B 252 -4.93 -5.91 -31.42
N ASP B 253 -4.41 -5.02 -30.58
CA ASP B 253 -3.54 -5.35 -29.45
C ASP B 253 -4.20 -6.32 -28.45
N ILE B 254 -5.42 -5.99 -28.03
CA ILE B 254 -6.16 -6.84 -27.11
C ILE B 254 -6.39 -8.22 -27.73
N ARG B 255 -6.75 -8.22 -29.00
CA ARG B 255 -7.04 -9.44 -29.75
C ARG B 255 -5.82 -10.34 -29.79
N THR B 256 -4.68 -9.78 -30.18
CA THR B 256 -3.46 -10.55 -30.38
C THR B 256 -2.68 -10.76 -29.08
N GLY B 257 -2.98 -9.96 -28.08
CA GLY B 257 -2.23 -10.01 -26.83
C GLY B 257 -0.83 -9.45 -26.98
N THR B 258 -0.61 -8.70 -28.06
CA THR B 258 0.70 -8.14 -28.35
C THR B 258 0.62 -6.62 -28.54
N LEU B 259 1.46 -5.91 -27.79
CA LEU B 259 1.46 -4.46 -27.81
C LEU B 259 2.02 -3.89 -29.12
N SER B 260 1.35 -2.84 -29.62
CA SER B 260 1.77 -2.11 -30.82
C SER B 260 3.27 -1.83 -30.86
N SER B 261 3.88 -2.04 -32.02
CA SER B 261 5.32 -1.85 -32.21
C SER B 261 5.72 -0.39 -32.09
N LEU B 262 4.73 0.49 -32.14
CA LEU B 262 4.97 1.92 -31.99
C LEU B 262 5.38 2.29 -30.56
N ILE B 263 5.01 1.45 -29.61
CA ILE B 263 5.42 1.67 -28.21
C ILE B 263 6.81 1.09 -28.00
N THR B 264 7.82 1.94 -28.12
CA THR B 264 9.22 1.48 -28.15
C THR B 264 9.85 1.42 -26.75
N ASP B 265 9.32 2.21 -25.83
CA ASP B 265 9.82 2.27 -24.46
C ASP B 265 9.77 0.90 -23.79
N PRO B 266 10.95 0.32 -23.50
CA PRO B 266 11.01 -1.07 -23.00
C PRO B 266 10.35 -1.24 -21.63
N SER B 267 10.53 -0.25 -20.75
CA SER B 267 9.89 -0.22 -19.44
C SER B 267 8.36 -0.22 -19.55
N VAL B 268 7.83 0.47 -20.54
CA VAL B 268 6.39 0.47 -20.75
C VAL B 268 5.92 -0.88 -21.31
N ARG B 269 6.70 -1.47 -22.22
CA ARG B 269 6.31 -2.74 -22.86
C ARG B 269 6.13 -3.77 -21.79
N GLU B 270 7.14 -3.84 -20.93
CA GLU B 270 7.17 -4.79 -19.85
C GLU B 270 5.99 -4.67 -18.88
N ALA B 271 5.67 -3.43 -18.50
CA ALA B 271 4.56 -3.20 -17.59
C ALA B 271 3.26 -3.61 -18.25
N VAL B 272 3.13 -3.33 -19.55
CA VAL B 272 1.94 -3.71 -20.29
C VAL B 272 1.88 -5.22 -20.46
N ALA B 273 3.04 -5.86 -20.66
CA ALA B 273 3.15 -7.31 -20.82
C ALA B 273 2.57 -8.07 -19.63
N LYS B 274 2.64 -7.46 -18.44
CA LYS B 274 2.10 -8.06 -17.23
C LYS B 274 0.56 -8.08 -17.24
N ILE B 275 -0.02 -7.14 -17.97
CA ILE B 275 -1.47 -6.95 -17.98
C ILE B 275 -2.12 -7.46 -19.27
N LEU B 276 -1.50 -7.20 -20.42
CA LEU B 276 -2.11 -7.54 -21.70
C LEU B 276 -2.09 -9.05 -21.98
N LYS B 277 -3.28 -9.60 -22.26
CA LYS B 277 -3.49 -10.99 -22.67
C LYS B 277 -4.29 -11.05 -23.98
N PRO B 278 -4.06 -12.08 -24.81
CA PRO B 278 -4.94 -12.22 -25.97
C PRO B 278 -6.38 -12.52 -25.54
N SER B 279 -7.33 -11.69 -25.97
CA SER B 279 -8.72 -11.87 -25.58
C SER B 279 -9.71 -11.39 -26.64
N PRO B 280 -10.02 -12.27 -27.62
CA PRO B 280 -11.01 -11.97 -28.67
C PRO B 280 -12.33 -11.48 -28.09
N LYS B 281 -12.73 -12.06 -26.97
CA LYS B 281 -13.93 -11.63 -26.26
C LYS B 281 -13.91 -10.14 -25.89
N LEU B 282 -12.80 -9.66 -25.33
CA LEU B 282 -12.68 -8.25 -24.96
C LEU B 282 -12.55 -7.38 -26.21
N ALA B 283 -11.75 -7.81 -27.17
CA ALA B 283 -11.56 -7.08 -28.42
C ALA B 283 -12.89 -6.82 -29.14
N ASP B 284 -13.75 -7.83 -29.16
CA ASP B 284 -15.06 -7.68 -29.79
C ASP B 284 -16.00 -6.79 -28.96
N PHE B 285 -15.90 -6.87 -27.64
CA PHE B 285 -16.73 -6.04 -26.79
C PHE B 285 -16.36 -4.57 -26.96
N VAL B 286 -15.07 -4.28 -26.92
CA VAL B 286 -14.56 -2.93 -27.12
C VAL B 286 -14.90 -2.39 -28.52
N GLU B 287 -14.71 -3.21 -29.54
CA GLU B 287 -15.04 -2.86 -30.92
C GLU B 287 -16.53 -2.52 -31.07
N PHE B 288 -17.38 -3.33 -30.46
CA PHE B 288 -18.83 -3.14 -30.48
C PHE B 288 -19.26 -1.76 -29.96
N GLU B 289 -18.67 -1.31 -28.85
CA GLU B 289 -19.02 0.00 -28.31
C GLU B 289 -18.38 1.15 -29.10
N CYS B 290 -17.12 1.00 -29.47
CA CYS B 290 -16.40 2.06 -30.17
C CYS B 290 -16.91 2.33 -31.59
N LYS B 291 -17.39 1.29 -32.27
CA LYS B 291 -17.89 1.41 -33.64
C LYS B 291 -19.19 2.20 -33.74
N LYS B 292 -19.95 2.24 -32.64
CA LYS B 292 -21.18 3.00 -32.60
C LYS B 292 -20.96 4.47 -32.96
N SER B 293 -21.79 4.99 -33.85
CA SER B 293 -21.65 6.35 -34.34
C SER B 293 -21.84 7.40 -33.25
N SER B 294 -22.75 7.15 -32.29
CA SER B 294 -22.85 8.04 -31.13
C SER B 294 -22.03 7.51 -29.97
N TRP B 295 -21.28 8.41 -29.33
CA TRP B 295 -20.41 8.03 -28.23
C TRP B 295 -20.96 8.53 -26.91
N GLN B 296 -22.20 9.01 -26.95
CA GLN B 296 -22.85 9.44 -25.72
C GLN B 296 -23.02 8.28 -24.76
N GLY B 297 -22.51 8.46 -23.54
CA GLY B 297 -22.52 7.42 -22.54
C GLY B 297 -21.49 6.33 -22.77
N ILE B 298 -20.53 6.56 -23.66
CA ILE B 298 -19.51 5.55 -23.95
C ILE B 298 -18.78 5.07 -22.66
N ILE B 299 -18.53 5.98 -21.73
CA ILE B 299 -17.83 5.62 -20.49
C ILE B 299 -18.56 4.54 -19.68
N THR B 300 -19.87 4.66 -19.53
CA THR B 300 -20.60 3.68 -18.72
C THR B 300 -20.89 2.40 -19.47
N ARG B 301 -20.46 2.32 -20.73
CA ARG B 301 -20.59 1.08 -21.49
C ARG B 301 -19.27 0.33 -21.55
N LEU B 302 -18.19 1.04 -21.83
CA LEU B 302 -16.86 0.43 -21.73
C LEU B 302 -16.51 0.12 -20.27
N TRP B 303 -16.89 1.02 -19.35
CA TRP B 303 -16.63 0.79 -17.92
C TRP B 303 -17.95 0.89 -17.13
N PRO B 304 -18.74 -0.19 -17.15
CA PRO B 304 -20.12 -0.18 -16.63
C PRO B 304 -20.24 -0.06 -15.10
N ASN B 305 -19.13 -0.23 -14.39
CA ASN B 305 -19.17 -0.15 -12.93
C ASN B 305 -18.65 1.17 -12.42
N THR B 306 -18.47 2.12 -13.34
CA THR B 306 -17.98 3.43 -12.96
C THR B 306 -19.03 4.19 -12.16
N LYS B 307 -18.67 4.59 -10.95
CA LYS B 307 -19.60 5.28 -10.07
C LYS B 307 -19.57 6.79 -10.27
N TYR B 308 -18.39 7.32 -10.62
CA TYR B 308 -18.23 8.76 -10.85
C TYR B 308 -16.97 9.11 -11.66
N VAL B 309 -16.94 10.36 -12.13
CA VAL B 309 -15.82 10.91 -12.86
C VAL B 309 -15.09 11.92 -11.98
N ASP B 310 -13.88 11.55 -11.57
CA ASP B 310 -13.03 12.38 -10.72
C ASP B 310 -12.10 13.24 -11.57
N VAL B 311 -12.52 14.50 -11.78
CA VAL B 311 -11.79 15.50 -12.57
C VAL B 311 -12.04 16.87 -11.96
N ILE B 312 -11.10 17.80 -12.09
CA ILE B 312 -11.38 19.16 -11.68
C ILE B 312 -12.29 19.85 -12.72
N VAL B 313 -13.47 20.30 -12.30
CA VAL B 313 -14.34 21.09 -13.18
C VAL B 313 -14.77 22.43 -12.56
N THR B 314 -14.07 22.86 -11.52
CA THR B 314 -14.23 24.22 -11.00
C THR B 314 -13.26 25.12 -11.74
N GLY B 315 -13.41 26.43 -11.60
CA GLY B 315 -12.56 27.34 -12.33
C GLY B 315 -12.84 27.30 -13.82
N THR B 316 -11.83 27.57 -14.64
CA THR B 316 -12.02 27.59 -16.10
C THR B 316 -12.37 26.22 -16.63
N MET B 317 -12.10 25.17 -15.85
CA MET B 317 -12.40 23.78 -16.25
C MET B 317 -13.89 23.50 -16.33
N SER B 318 -14.72 24.43 -15.84
CA SER B 318 -16.17 24.24 -15.90
C SER B 318 -16.70 24.21 -17.34
N GLN B 319 -15.94 24.78 -18.28
CA GLN B 319 -16.32 24.83 -19.68
C GLN B 319 -16.49 23.42 -20.26
N TYR B 320 -15.90 22.44 -19.59
CA TYR B 320 -15.91 21.05 -20.03
C TYR B 320 -17.06 20.19 -19.49
N ILE B 321 -17.89 20.73 -18.60
CA ILE B 321 -18.91 19.90 -17.96
C ILE B 321 -19.91 19.28 -18.97
N PRO B 322 -20.43 20.08 -19.95
CA PRO B 322 -21.33 19.43 -20.93
C PRO B 322 -20.69 18.29 -21.73
N THR B 323 -19.39 18.38 -22.01
CA THR B 323 -18.68 17.33 -22.73
C THR B 323 -18.57 16.05 -21.90
N LEU B 324 -18.26 16.23 -20.63
CA LEU B 324 -18.14 15.12 -19.69
C LEU B 324 -19.48 14.45 -19.47
N ASP B 325 -20.54 15.26 -19.30
CA ASP B 325 -21.89 14.71 -19.13
C ASP B 325 -22.28 13.89 -20.35
N TYR B 326 -21.94 14.41 -21.52
CA TYR B 326 -22.23 13.72 -22.77
C TYR B 326 -21.60 12.32 -22.81
N TYR B 327 -20.29 12.21 -22.54
CA TYR B 327 -19.59 10.92 -22.61
C TYR B 327 -19.90 9.97 -21.44
N SER B 328 -20.29 10.54 -20.32
CA SER B 328 -20.53 9.73 -19.12
C SER B 328 -22.00 9.40 -18.89
N ASN B 329 -22.88 10.01 -19.69
CA ASN B 329 -24.34 9.90 -19.56
C ASN B 329 -24.82 10.48 -18.24
N GLY B 330 -24.22 11.60 -17.83
CA GLY B 330 -24.65 12.33 -16.65
C GLY B 330 -24.22 11.73 -15.31
N LEU B 331 -23.08 11.05 -15.30
CA LEU B 331 -22.48 10.52 -14.06
C LEU B 331 -22.14 11.67 -13.12
N PRO B 332 -22.07 11.40 -11.82
CA PRO B 332 -21.56 12.41 -10.88
C PRO B 332 -20.17 12.92 -11.28
N LEU B 333 -19.97 14.23 -11.21
CA LEU B 333 -18.67 14.84 -11.44
C LEU B 333 -18.07 15.27 -10.09
N VAL B 334 -16.88 14.79 -9.79
CA VAL B 334 -16.30 14.99 -8.48
C VAL B 334 -15.02 15.80 -8.54
N CYS B 335 -14.99 16.89 -7.76
CA CYS B 335 -13.82 17.74 -7.63
C CYS B 335 -13.24 17.56 -6.24
N THR B 336 -12.13 16.84 -6.12
CA THR B 336 -11.70 16.40 -4.80
C THR B 336 -10.82 17.39 -4.06
N MET B 337 -10.05 18.20 -4.79
CA MET B 337 -9.07 19.05 -4.11
C MET B 337 -8.66 20.33 -4.83
N TYR B 338 -8.02 21.20 -4.05
CA TYR B 338 -7.57 22.52 -4.45
C TYR B 338 -6.10 22.68 -4.06
N ALA B 339 -5.22 22.88 -5.04
CA ALA B 339 -3.77 22.87 -4.81
C ALA B 339 -2.97 23.64 -5.88
N SER B 340 -1.72 23.95 -5.57
CA SER B 340 -0.83 24.68 -6.49
C SER B 340 0.66 24.25 -6.35
N SER B 341 1.52 24.83 -7.20
CA SER B 341 2.96 24.60 -7.14
C SER B 341 3.59 25.10 -5.84
N GLU B 342 3.20 26.30 -5.43
CA GLU B 342 3.75 26.88 -4.22
C GLU B 342 3.22 26.24 -2.93
N CYS B 343 2.00 25.67 -2.99
CA CYS B 343 1.36 25.17 -1.79
C CYS B 343 0.09 24.37 -2.08
N TYR B 344 -0.09 23.27 -1.37
CA TYR B 344 -1.33 22.52 -1.44
C TYR B 344 -2.33 23.13 -0.44
N PHE B 345 -3.56 23.38 -0.87
CA PHE B 345 -4.47 24.23 -0.10
C PHE B 345 -5.52 23.48 0.71
N GLY B 346 -6.36 22.71 0.02
CA GLY B 346 -7.49 22.11 0.71
C GLY B 346 -8.23 21.03 -0.05
N VAL B 347 -9.32 20.58 0.56
CA VAL B 347 -10.10 19.47 0.04
C VAL B 347 -11.59 19.77 0.05
N ASN B 348 -12.29 19.17 -0.91
CA ASN B 348 -13.74 19.20 -0.96
C ASN B 348 -14.33 18.17 0.02
N LEU B 349 -14.87 18.68 1.13
CA LEU B 349 -15.45 17.82 2.16
C LEU B 349 -16.83 17.28 1.78
N ARG B 350 -17.38 17.78 0.67
CA ARG B 350 -18.63 17.26 0.10
C ARG B 350 -18.47 16.93 -1.37
N PRO B 351 -17.70 15.87 -1.69
CA PRO B 351 -17.30 15.61 -3.08
C PRO B 351 -18.47 15.28 -4.03
N LEU B 352 -19.59 14.75 -3.54
CA LEU B 352 -20.75 14.43 -4.40
C LEU B 352 -21.77 15.57 -4.56
N CYS B 353 -21.38 16.79 -4.23
CA CYS B 353 -22.18 17.99 -4.46
C CYS B 353 -22.23 18.34 -5.96
N LYS B 354 -23.14 19.23 -6.37
CA LYS B 354 -23.18 19.71 -7.75
C LYS B 354 -21.91 20.48 -8.09
N PRO B 355 -21.42 20.34 -9.33
CA PRO B 355 -20.18 21.01 -9.76
C PRO B 355 -20.23 22.53 -9.57
N SER B 356 -21.42 23.12 -9.73
CA SER B 356 -21.60 24.56 -9.53
C SER B 356 -21.62 24.99 -8.06
N GLU B 357 -21.60 24.05 -7.12
CA GLU B 357 -21.63 24.36 -5.68
C GLU B 357 -20.46 23.77 -4.90
N VAL B 358 -19.34 23.56 -5.57
CA VAL B 358 -18.16 23.01 -4.96
C VAL B 358 -17.51 24.07 -4.06
N SER B 359 -17.18 23.67 -2.84
CA SER B 359 -16.43 24.49 -1.90
C SER B 359 -15.24 23.70 -1.37
N TYR B 360 -14.09 24.33 -1.35
CA TYR B 360 -12.92 23.68 -0.84
C TYR B 360 -12.65 24.13 0.59
N THR B 361 -12.38 23.16 1.46
CA THR B 361 -12.01 23.42 2.86
C THR B 361 -10.49 23.37 2.99
N LEU B 362 -9.89 24.53 3.30
CA LEU B 362 -8.45 24.62 3.49
C LEU B 362 -8.03 23.82 4.72
N ILE B 363 -6.99 23.01 4.55
CA ILE B 363 -6.41 22.22 5.65
C ILE B 363 -5.43 23.10 6.44
N PRO B 364 -5.77 23.42 7.70
CA PRO B 364 -5.05 24.43 8.50
C PRO B 364 -3.56 24.09 8.76
N SER B 365 -3.12 22.88 8.48
CA SER B 365 -1.75 22.52 8.77
C SER B 365 -0.80 22.63 7.56
N MET B 366 -1.34 23.00 6.41
CA MET B 366 -0.56 23.01 5.17
C MET B 366 0.39 24.18 5.08
N ALA B 367 -0.07 25.31 5.62
CA ALA B 367 0.62 26.58 5.50
C ALA B 367 -0.11 27.62 6.35
N TYR B 368 0.52 28.78 6.55
CA TYR B 368 -0.17 29.87 7.21
C TYR B 368 -0.97 30.69 6.18
N PHE B 369 -2.28 30.63 6.29
CA PHE B 369 -3.19 31.23 5.28
C PHE B 369 -3.72 32.60 5.69
N GLU B 370 -3.63 33.57 4.79
CA GLU B 370 -4.14 34.92 5.01
C GLU B 370 -5.01 35.35 3.83
N PHE B 371 -5.83 36.36 4.03
CA PHE B 371 -6.82 36.71 3.03
C PHE B 371 -6.96 38.22 2.81
N LEU B 372 -6.66 38.64 1.59
CA LEU B 372 -6.77 40.03 1.19
C LEU B 372 -8.19 40.33 0.66
N PRO B 373 -8.94 41.15 1.41
CA PRO B 373 -10.32 41.52 1.07
C PRO B 373 -10.41 42.19 -0.28
N VAL B 374 -11.31 41.70 -1.12
CA VAL B 374 -11.53 42.21 -2.46
C VAL B 374 -12.90 42.87 -2.50
N HIS B 375 -12.93 44.15 -2.87
CA HIS B 375 -14.17 44.90 -2.93
C HIS B 375 -14.42 45.49 -4.31
N LEU B 390 -0.09 48.86 -5.95
CA LEU B 390 0.40 48.88 -4.57
C LEU B 390 -0.70 48.55 -3.57
N THR B 391 -0.47 47.55 -2.73
CA THR B 391 -1.26 47.42 -1.51
C THR B 391 -0.62 48.34 -0.47
N GLU B 392 -1.45 49.02 0.32
CA GLU B 392 -0.98 49.97 1.33
C GLU B 392 -0.47 49.26 2.58
N LYS B 393 0.32 49.97 3.39
CA LYS B 393 0.75 49.46 4.69
C LYS B 393 -0.45 48.99 5.50
N GLU B 394 -1.48 49.83 5.57
CA GLU B 394 -2.69 49.47 6.30
C GLU B 394 -3.36 48.22 5.72
N GLN B 395 -3.46 48.14 4.39
CA GLN B 395 -4.06 46.98 3.73
C GLN B 395 -3.31 45.69 4.04
N GLN B 396 -2.00 45.80 4.26
CA GLN B 396 -1.18 44.61 4.39
C GLN B 396 -1.43 43.89 5.73
N GLU B 397 -2.24 44.46 6.61
CA GLU B 397 -2.78 43.64 7.69
C GLU B 397 -4.07 42.89 7.24
N LEU B 398 -3.85 41.69 6.70
CA LEU B 398 -4.88 40.85 6.11
C LEU B 398 -5.71 40.06 7.11
N VAL B 399 -6.77 39.42 6.64
CA VAL B 399 -7.66 38.64 7.48
C VAL B 399 -7.15 37.21 7.64
N ASP B 400 -7.16 36.71 8.88
CA ASP B 400 -6.79 35.33 9.18
C ASP B 400 -7.87 34.31 8.79
N LEU B 401 -7.45 33.05 8.71
CA LEU B 401 -8.28 31.95 8.22
C LEU B 401 -9.64 31.84 8.92
N VAL B 402 -9.64 31.85 10.24
CA VAL B 402 -10.89 31.70 10.99
C VAL B 402 -11.74 32.98 11.03
N ASP B 403 -11.16 34.11 10.65
CA ASP B 403 -11.83 35.41 10.76
C ASP B 403 -12.51 35.87 9.46
N VAL B 404 -12.37 35.09 8.37
CA VAL B 404 -13.01 35.47 7.12
C VAL B 404 -14.53 35.50 7.28
N LYS B 405 -15.20 36.37 6.53
CA LYS B 405 -16.63 36.51 6.64
C LYS B 405 -17.37 35.82 5.50
N LEU B 406 -18.47 35.18 5.86
CA LEU B 406 -19.37 34.49 4.94
C LEU B 406 -19.80 35.41 3.80
N GLY B 407 -19.64 34.93 2.57
CA GLY B 407 -20.02 35.71 1.40
C GLY B 407 -19.01 36.75 0.93
N GLN B 408 -17.89 36.90 1.64
CA GLN B 408 -16.89 37.88 1.24
C GLN B 408 -15.82 37.25 0.34
N GLU B 409 -15.38 38.03 -0.63
CA GLU B 409 -14.37 37.61 -1.59
C GLU B 409 -13.00 38.05 -1.11
N TYR B 410 -12.04 37.15 -1.21
CA TYR B 410 -10.67 37.43 -0.79
C TYR B 410 -9.71 36.93 -1.83
N GLU B 411 -8.55 37.55 -1.86
CA GLU B 411 -7.42 36.99 -2.59
C GLU B 411 -6.63 36.13 -1.60
N LEU B 412 -6.25 34.93 -2.00
CA LEU B 412 -5.52 34.02 -1.10
C LEU B 412 -4.04 34.43 -0.94
N VAL B 413 -3.58 34.52 0.30
CA VAL B 413 -2.19 34.88 0.59
C VAL B 413 -1.54 33.78 1.46
N VAL B 414 -0.38 33.28 1.05
CA VAL B 414 0.16 32.12 1.76
C VAL B 414 1.60 32.32 2.30
N THR B 415 1.85 31.71 3.45
CA THR B 415 3.18 31.65 4.05
C THR B 415 3.53 30.19 4.24
N THR B 416 4.56 29.73 3.52
CA THR B 416 4.94 28.31 3.46
C THR B 416 6.24 27.98 4.19
N TYR B 417 6.43 26.70 4.47
CA TYR B 417 7.63 26.18 5.12
C TYR B 417 8.92 26.40 4.30
N ALA B 418 8.81 26.36 2.96
CA ALA B 418 9.94 26.58 2.07
C ALA B 418 10.38 28.04 2.06
N GLY B 419 9.58 28.91 2.69
CA GLY B 419 10.02 30.27 2.95
C GLY B 419 9.31 31.41 2.24
N LEU B 420 8.30 31.11 1.43
CA LEU B 420 7.42 32.16 0.93
C LEU B 420 6.73 32.81 2.11
N CYS B 421 6.81 34.13 2.22
CA CYS B 421 6.16 34.82 3.33
C CYS B 421 5.12 35.79 2.82
N ARG B 422 3.86 35.51 3.12
CA ARG B 422 2.76 36.38 2.73
C ARG B 422 2.74 36.59 1.22
N TYR B 423 2.85 35.47 0.50
CA TYR B 423 2.93 35.45 -0.95
C TYR B 423 1.53 35.35 -1.56
N ARG B 424 1.23 36.27 -2.48
CA ARG B 424 -0.07 36.34 -3.11
C ARG B 424 -0.20 35.29 -4.21
N VAL B 425 -1.09 34.35 -4.00
CA VAL B 425 -1.35 33.31 -4.99
C VAL B 425 -1.94 33.87 -6.29
N GLY B 426 -2.87 34.82 -6.17
CA GLY B 426 -3.55 35.40 -7.32
C GLY B 426 -4.92 34.75 -7.52
N ASP B 427 -5.28 33.84 -6.62
CA ASP B 427 -6.54 33.12 -6.63
C ASP B 427 -7.59 33.92 -5.86
N LEU B 428 -8.76 34.14 -6.46
CA LEU B 428 -9.85 34.82 -5.80
C LEU B 428 -10.86 33.79 -5.26
N LEU B 429 -11.26 33.96 -4.00
CA LEU B 429 -12.09 32.98 -3.32
C LEU B 429 -13.26 33.64 -2.57
N ARG B 430 -14.35 32.89 -2.41
CA ARG B 430 -15.49 33.40 -1.67
C ARG B 430 -15.89 32.40 -0.59
N VAL B 431 -16.11 32.92 0.62
CA VAL B 431 -16.50 32.08 1.74
C VAL B 431 -17.93 31.62 1.55
N THR B 432 -18.19 30.33 1.62
CA THR B 432 -19.56 29.83 1.42
C THR B 432 -20.13 29.27 2.73
N GLY B 433 -19.24 28.97 3.66
CA GLY B 433 -19.64 28.38 4.91
C GLY B 433 -18.43 27.89 5.68
N PHE B 434 -18.68 27.18 6.76
CA PHE B 434 -17.63 26.74 7.66
C PHE B 434 -17.75 25.26 7.99
N LYS B 435 -16.61 24.58 8.10
CA LYS B 435 -16.56 23.27 8.70
C LYS B 435 -15.93 23.46 10.07
N ASN B 436 -16.75 23.31 11.12
CA ASN B 436 -16.36 23.72 12.47
C ASN B 436 -15.81 25.15 12.45
N LYS B 437 -14.54 25.35 12.78
CA LYS B 437 -13.95 26.69 12.74
C LYS B 437 -13.29 27.04 11.40
N ALA B 438 -13.06 26.05 10.54
CA ALA B 438 -12.35 26.28 9.28
C ALA B 438 -13.30 26.71 8.16
N PRO B 439 -12.94 27.79 7.43
CA PRO B 439 -13.82 28.20 6.34
C PRO B 439 -13.73 27.31 5.10
N GLN B 440 -14.80 27.40 4.32
CA GLN B 440 -14.92 26.70 3.05
C GLN B 440 -15.04 27.75 1.96
N PHE B 441 -14.36 27.51 0.84
CA PHE B 441 -14.21 28.49 -0.22
C PHE B 441 -14.63 28.01 -1.59
N SER B 442 -15.51 28.74 -2.25
CA SER B 442 -15.76 28.50 -3.66
C SER B 442 -14.65 29.16 -4.46
N PHE B 443 -14.18 28.50 -5.50
CA PHE B 443 -13.13 29.06 -6.31
C PHE B 443 -13.75 30.00 -7.32
N ILE B 444 -13.29 31.25 -7.38
CA ILE B 444 -13.82 32.17 -8.37
C ILE B 444 -12.92 32.17 -9.60
N CYS B 445 -11.66 32.51 -9.42
CA CYS B 445 -10.75 32.62 -10.55
C CYS B 445 -9.30 32.81 -10.11
N ARG B 446 -8.39 32.58 -11.05
CA ARG B 446 -7.03 33.10 -10.95
C ARG B 446 -7.09 34.42 -11.71
N LYS B 447 -6.61 35.48 -11.08
CA LYS B 447 -6.71 36.84 -11.64
C LYS B 447 -6.10 36.97 -13.04
N ASN B 448 -6.74 37.82 -13.83
CA ASN B 448 -6.29 38.22 -15.16
C ASN B 448 -6.36 37.13 -16.23
N VAL B 449 -6.80 35.94 -15.88
CA VAL B 449 -6.90 34.88 -16.87
C VAL B 449 -8.06 35.14 -17.83
N VAL B 450 -7.75 35.28 -19.11
CA VAL B 450 -8.75 35.52 -20.14
C VAL B 450 -9.08 34.26 -20.97
N LEU B 451 -8.03 33.54 -21.35
CA LEU B 451 -8.18 32.34 -22.20
C LEU B 451 -7.40 31.19 -21.60
N SER B 452 -8.02 30.02 -21.58
CA SER B 452 -7.38 28.82 -21.04
C SER B 452 -8.01 27.57 -21.63
N ILE B 453 -7.17 26.60 -22.02
CA ILE B 453 -7.67 25.31 -22.48
C ILE B 453 -7.41 24.22 -21.44
N ASP B 454 -6.14 24.06 -21.08
CA ASP B 454 -5.67 23.10 -20.09
C ASP B 454 -5.08 23.91 -18.91
N SER B 455 -3.80 23.75 -18.60
CA SER B 455 -3.26 24.56 -17.52
C SER B 455 -2.73 25.92 -17.99
N ASP B 456 -2.60 26.10 -19.30
CA ASP B 456 -2.27 27.38 -19.90
C ASP B 456 -3.18 28.52 -19.45
N LYS B 457 -2.59 29.71 -19.26
CA LYS B 457 -3.34 30.89 -18.87
C LYS B 457 -2.88 32.12 -19.65
N THR B 458 -3.74 32.61 -20.53
CA THR B 458 -3.43 33.79 -21.32
C THR B 458 -4.24 34.99 -20.85
N ASP B 459 -3.53 36.07 -20.50
CA ASP B 459 -4.18 37.28 -20.00
C ASP B 459 -4.38 38.31 -21.13
N GLU B 460 -4.98 39.44 -20.78
CA GLU B 460 -5.38 40.44 -21.76
C GLU B 460 -4.16 41.17 -22.38
N VAL B 461 -3.16 41.46 -21.56
CA VAL B 461 -1.94 42.09 -22.05
C VAL B 461 -1.23 41.16 -23.04
N GLU B 462 -1.13 39.86 -22.71
CA GLU B 462 -0.49 38.89 -23.60
C GLU B 462 -1.21 38.80 -24.93
N LEU B 463 -2.53 38.67 -24.88
CA LEU B 463 -3.37 38.64 -26.07
C LEU B 463 -3.20 39.84 -26.99
N GLN B 464 -3.32 41.04 -26.40
CA GLN B 464 -3.13 42.31 -27.10
C GLN B 464 -1.79 42.40 -27.82
N ASN B 465 -0.71 42.10 -27.10
CA ASN B 465 0.64 42.11 -27.65
C ASN B 465 0.80 41.07 -28.76
N ALA B 466 0.17 39.91 -28.56
CA ALA B 466 0.24 38.83 -29.53
C ALA B 466 -0.46 39.20 -30.85
N VAL B 467 -1.65 39.79 -30.74
CA VAL B 467 -2.41 40.25 -31.93
C VAL B 467 -1.69 41.44 -32.59
N LYS B 468 -1.07 42.29 -31.76
CA LYS B 468 -0.25 43.39 -32.24
C LYS B 468 0.95 42.90 -33.06
N ASN B 469 1.59 41.82 -32.62
CA ASN B 469 2.69 41.24 -33.38
C ASN B 469 2.21 40.62 -34.70
N ALA B 470 1.02 40.02 -34.67
CA ALA B 470 0.47 39.34 -35.85
C ALA B 470 0.09 40.28 -37.00
N VAL B 471 -0.52 41.43 -36.71
CA VAL B 471 -1.03 42.32 -37.77
C VAL B 471 0.05 42.98 -38.63
N THR B 472 1.31 42.89 -38.21
CA THR B 472 2.42 43.36 -39.03
C THR B 472 2.48 42.57 -40.34
N HIS B 473 2.01 41.33 -40.28
CA HIS B 473 1.98 40.46 -41.46
C HIS B 473 0.93 40.91 -42.49
N LEU B 474 0.03 41.80 -42.09
CA LEU B 474 -1.01 42.36 -42.96
C LEU B 474 -0.55 43.66 -43.67
N VAL B 475 0.47 44.30 -43.13
CA VAL B 475 1.00 45.55 -43.70
C VAL B 475 1.42 45.48 -45.18
N PRO B 476 2.06 44.38 -45.64
CA PRO B 476 2.42 44.35 -47.07
C PRO B 476 1.21 44.39 -47.99
N PHE B 477 0.05 44.08 -47.44
CA PHE B 477 -1.17 44.01 -48.21
C PHE B 477 -2.04 45.24 -48.00
N ASP B 478 -1.49 46.24 -47.31
CA ASP B 478 -2.20 47.48 -46.97
C ASP B 478 -3.53 47.16 -46.31
N ALA B 479 -3.52 46.11 -45.53
CA ALA B 479 -4.68 45.68 -44.80
C ALA B 479 -4.43 45.94 -43.33
N SER B 480 -5.51 46.17 -42.57
CA SER B 480 -5.40 46.34 -41.12
C SER B 480 -6.53 45.66 -40.36
N LEU B 481 -6.35 45.53 -39.05
CA LEU B 481 -7.34 44.91 -38.20
C LEU B 481 -8.23 45.97 -37.56
N SER B 482 -9.49 45.99 -37.95
CA SER B 482 -10.43 46.95 -37.40
C SER B 482 -10.80 46.55 -35.97
N GLU B 483 -11.23 45.30 -35.80
CA GLU B 483 -11.59 44.79 -34.47
C GLU B 483 -11.38 43.30 -34.33
N TYR B 484 -11.31 42.86 -33.08
CA TYR B 484 -11.16 41.44 -32.79
C TYR B 484 -11.72 41.05 -31.44
N THR B 485 -12.09 39.79 -31.33
CA THR B 485 -12.37 39.16 -30.04
C THR B 485 -11.89 37.71 -30.09
N SER B 486 -12.04 37.00 -28.98
CA SER B 486 -11.47 35.67 -28.84
C SER B 486 -12.41 34.74 -28.09
N TYR B 487 -12.22 33.44 -28.28
CA TYR B 487 -12.81 32.48 -27.36
C TYR B 487 -12.05 31.15 -27.30
N ALA B 488 -12.31 30.45 -26.22
CA ALA B 488 -11.72 29.13 -25.98
C ALA B 488 -12.63 28.09 -26.61
N ASP B 489 -12.22 27.56 -27.76
CA ASP B 489 -13.01 26.61 -28.50
C ASP B 489 -12.86 25.23 -27.91
N THR B 490 -13.95 24.75 -27.33
CA THR B 490 -14.03 23.43 -26.73
C THR B 490 -14.67 22.40 -27.67
N SER B 491 -15.15 22.84 -28.84
CA SER B 491 -15.83 21.87 -29.71
C SER B 491 -14.83 20.92 -30.34
N SER B 492 -13.55 21.27 -30.29
CA SER B 492 -12.48 20.38 -30.72
C SER B 492 -11.74 19.81 -29.50
N ILE B 493 -11.17 18.62 -29.67
CA ILE B 493 -10.31 18.03 -28.65
C ILE B 493 -8.93 17.67 -29.24
N PRO B 494 -7.85 18.26 -28.71
CA PRO B 494 -7.82 19.23 -27.61
C PRO B 494 -8.46 20.54 -28.01
N GLY B 495 -8.93 21.31 -27.05
CA GLY B 495 -9.48 22.63 -27.34
C GLY B 495 -8.45 23.54 -27.98
N HIS B 496 -8.90 24.68 -28.49
CA HIS B 496 -7.97 25.65 -29.06
C HIS B 496 -8.55 27.06 -28.95
N TYR B 497 -7.67 28.05 -29.07
CA TYR B 497 -8.05 29.45 -29.04
C TYR B 497 -8.57 29.85 -30.41
N VAL B 498 -9.68 30.57 -30.44
CA VAL B 498 -10.20 31.13 -31.68
C VAL B 498 -10.22 32.65 -31.59
N LEU B 499 -9.67 33.30 -32.61
CA LEU B 499 -9.79 34.75 -32.73
C LEU B 499 -10.70 35.10 -33.90
N PHE B 500 -11.63 35.97 -33.68
CA PHE B 500 -12.45 36.50 -34.71
C PHE B 500 -11.88 37.86 -35.14
N TRP B 501 -11.65 38.04 -36.42
CA TRP B 501 -11.02 39.23 -36.98
C TRP B 501 -11.91 39.88 -37.99
N GLU B 502 -12.16 41.16 -37.84
CA GLU B 502 -12.89 41.90 -38.84
C GLU B 502 -11.88 42.85 -39.42
N LEU B 503 -11.65 42.73 -40.69
CA LEU B 503 -10.53 43.41 -41.33
C LEU B 503 -10.88 44.77 -41.96
N CYS B 504 -9.85 45.57 -42.22
CA CYS B 504 -9.94 46.81 -42.99
C CYS B 504 -9.21 46.80 -44.35
N LEU B 505 -9.96 47.22 -45.36
CA LEU B 505 -9.78 47.08 -46.81
C LEU B 505 -8.68 46.27 -47.35
N ASP B 506 -7.56 46.95 -47.64
CA ASP B 506 -6.43 46.50 -48.51
C ASP B 506 -6.32 47.10 -49.96
N GLY B 507 -5.09 47.25 -50.44
CA GLY B 507 -4.86 47.89 -51.69
C GLY B 507 -4.97 47.04 -52.92
N ASN B 508 -6.15 46.43 -53.07
CA ASN B 508 -6.56 45.73 -54.28
C ASN B 508 -6.16 44.29 -54.51
N THR B 509 -5.53 43.71 -53.53
CA THR B 509 -5.16 42.34 -53.61
C THR B 509 -5.61 41.67 -52.37
N PRO B 510 -6.28 40.47 -52.61
CA PRO B 510 -6.69 39.77 -51.39
C PRO B 510 -5.53 39.19 -50.62
N ILE B 511 -5.70 38.98 -49.33
CA ILE B 511 -4.68 38.38 -48.46
C ILE B 511 -4.70 36.85 -48.65
N PRO B 512 -3.57 36.27 -49.07
CA PRO B 512 -3.55 34.82 -49.30
C PRO B 512 -3.66 34.06 -47.98
N PRO B 513 -4.22 32.84 -48.01
CA PRO B 513 -4.31 32.01 -46.82
C PRO B 513 -3.00 31.84 -46.02
N SER B 514 -1.85 31.68 -46.69
CA SER B 514 -0.58 31.49 -45.97
C SER B 514 -0.25 32.68 -45.04
N VAL B 515 -0.66 33.88 -45.41
CA VAL B 515 -0.43 35.05 -44.58
C VAL B 515 -1.32 35.06 -43.32
N PHE B 516 -2.61 34.70 -43.43
CA PHE B 516 -3.42 34.55 -42.21
C PHE B 516 -2.81 33.44 -41.32
N GLU B 517 -2.24 32.41 -41.94
CA GLU B 517 -1.59 31.35 -41.18
C GLU B 517 -0.32 31.89 -40.48
N ASP B 518 0.41 32.78 -41.16
CA ASP B 518 1.56 33.45 -40.56
C ASP B 518 1.14 34.24 -39.34
N CYS B 519 -0.01 34.90 -39.46
CA CYS B 519 -0.63 35.62 -38.36
C CYS B 519 -0.94 34.68 -37.17
N CYS B 520 -1.51 33.52 -37.48
CA CYS B 520 -1.83 32.52 -36.44
C CYS B 520 -0.59 32.13 -35.66
N LEU B 521 0.45 31.78 -36.41
CA LEU B 521 1.73 31.40 -35.84
C LEU B 521 2.31 32.55 -35.00
N ALA B 522 2.37 33.75 -35.57
CA ALA B 522 2.91 34.89 -34.84
C ALA B 522 2.15 35.16 -33.51
N VAL B 523 0.84 34.91 -33.50
CA VAL B 523 0.07 35.04 -32.28
C VAL B 523 0.57 34.03 -31.28
N GLU B 524 0.66 32.77 -31.73
CA GLU B 524 1.14 31.67 -30.89
C GLU B 524 2.58 31.90 -30.37
N GLU B 525 3.46 32.48 -31.18
CA GLU B 525 4.86 32.70 -30.78
C GLU B 525 4.97 33.77 -29.69
N SER B 526 3.96 34.61 -29.59
CA SER B 526 3.94 35.69 -28.62
C SER B 526 3.34 35.27 -27.29
N PHE B 527 2.70 34.10 -27.25
CA PHE B 527 2.10 33.59 -26.02
C PHE B 527 3.17 33.04 -25.10
N ASN B 528 2.86 32.87 -23.82
CA ASN B 528 3.85 32.47 -22.84
C ASN B 528 4.24 30.99 -22.97
N THR B 529 5.26 30.58 -22.22
CA THR B 529 5.88 29.27 -22.37
C THR B 529 4.96 28.08 -22.01
N VAL B 530 3.95 28.30 -21.17
CA VAL B 530 3.03 27.23 -20.79
C VAL B 530 2.09 26.90 -21.96
N TYR B 531 1.59 27.93 -22.64
CA TYR B 531 0.83 27.75 -23.87
C TYR B 531 1.66 26.98 -24.91
N ARG B 532 2.87 27.49 -25.15
CA ARG B 532 3.72 26.91 -26.18
C ARG B 532 4.14 25.47 -25.85
N GLN B 533 4.30 25.17 -24.56
CA GLN B 533 4.57 23.81 -24.11
C GLN B 533 3.33 22.90 -24.30
N GLY B 534 2.15 23.44 -24.02
CA GLY B 534 0.91 22.71 -24.28
C GLY B 534 0.77 22.29 -25.73
N ARG B 535 1.18 23.17 -26.64
CA ARG B 535 1.13 22.92 -28.08
C ARG B 535 2.19 21.92 -28.53
N VAL B 536 3.43 22.09 -28.06
CA VAL B 536 4.57 21.31 -28.56
C VAL B 536 4.79 19.98 -27.86
N SER B 537 4.70 19.98 -26.54
CA SER B 537 5.10 18.80 -25.76
C SER B 537 3.92 17.99 -25.17
N ASP B 538 3.04 18.65 -24.41
CA ASP B 538 1.91 17.95 -23.78
C ASP B 538 0.74 17.67 -24.75
N LYS B 539 0.70 18.33 -25.91
CA LYS B 539 -0.40 18.17 -26.90
C LYS B 539 -1.77 18.43 -26.25
N SER B 540 -1.79 19.40 -25.34
CA SER B 540 -2.99 19.72 -24.58
C SER B 540 -3.75 20.89 -25.20
N ILE B 541 -3.17 21.51 -26.22
CA ILE B 541 -3.75 22.65 -26.90
C ILE B 541 -3.64 22.48 -28.39
N GLY B 542 -4.75 22.61 -29.13
CA GLY B 542 -4.73 22.53 -30.57
C GLY B 542 -4.25 23.82 -31.23
N PRO B 543 -3.91 23.75 -32.53
CA PRO B 543 -3.43 24.93 -33.28
C PRO B 543 -4.40 26.10 -33.17
N LEU B 544 -3.91 27.33 -32.97
CA LEU B 544 -4.79 28.49 -32.84
C LEU B 544 -5.49 28.76 -34.18
N GLU B 545 -6.73 29.24 -34.09
CA GLU B 545 -7.57 29.49 -35.26
C GLU B 545 -7.97 30.97 -35.37
N ILE B 546 -7.82 31.54 -36.56
CA ILE B 546 -8.32 32.87 -36.81
C ILE B 546 -9.51 32.74 -37.75
N LYS B 547 -10.63 33.32 -37.33
CA LYS B 547 -11.82 33.37 -38.17
C LYS B 547 -12.04 34.79 -38.66
N ILE B 548 -12.10 34.95 -39.98
CA ILE B 548 -12.38 36.24 -40.58
C ILE B 548 -13.88 36.40 -40.76
N VAL B 549 -14.44 37.49 -40.22
CA VAL B 549 -15.88 37.70 -40.25
C VAL B 549 -16.26 38.79 -41.25
N GLU B 550 -17.50 38.74 -41.71
CA GLU B 550 -18.08 39.78 -42.58
C GLU B 550 -17.96 41.19 -42.00
N PRO B 551 -17.71 42.20 -42.87
CA PRO B 551 -17.77 43.60 -42.41
C PRO B 551 -19.11 43.86 -41.73
N GLY B 552 -19.10 44.55 -40.59
CA GLY B 552 -20.35 44.83 -39.91
C GLY B 552 -20.74 43.84 -38.83
N THR B 553 -19.95 42.78 -38.68
CA THR B 553 -20.23 41.73 -37.70
C THR B 553 -20.08 42.24 -36.26
N PHE B 554 -19.04 43.02 -36.01
CA PHE B 554 -18.85 43.59 -34.69
C PHE B 554 -19.85 44.72 -34.38
N ASP B 555 -20.46 45.31 -35.41
CA ASP B 555 -21.56 46.24 -35.18
C ASP B 555 -22.77 45.50 -34.63
N LYS B 556 -23.05 44.33 -35.22
CA LYS B 556 -24.12 43.47 -34.75
C LYS B 556 -23.84 42.97 -33.33
N LEU B 557 -22.58 42.60 -33.06
CA LEU B 557 -22.20 42.22 -31.72
C LEU B 557 -22.48 43.37 -30.73
N MET B 558 -22.16 44.59 -31.12
CA MET B 558 -22.45 45.76 -30.27
C MET B 558 -23.96 45.89 -30.00
N ASP B 559 -24.75 45.81 -31.03
CA ASP B 559 -26.14 45.93 -30.93
C ASP B 559 -26.72 44.86 -30.02
N TYR B 560 -26.25 43.62 -30.14
CA TYR B 560 -26.66 42.52 -29.26
C TYR B 560 -26.24 42.77 -27.83
N ALA B 561 -25.02 43.19 -27.64
CA ALA B 561 -24.52 43.43 -26.32
C ALA B 561 -25.32 44.51 -25.60
N ILE B 562 -25.70 45.52 -26.34
CA ILE B 562 -26.44 46.61 -25.82
C ILE B 562 -27.78 46.13 -25.32
N SER B 563 -28.41 45.27 -26.07
CA SER B 563 -29.70 44.74 -25.62
C SER B 563 -29.53 43.82 -24.40
N LEU B 564 -28.35 43.24 -24.26
CA LEU B 564 -28.04 42.41 -23.10
C LEU B 564 -27.84 43.27 -21.85
N GLY B 565 -27.58 44.56 -22.07
CA GLY B 565 -27.44 45.47 -20.97
C GLY B 565 -26.14 46.25 -20.95
N ALA B 566 -25.27 45.98 -21.92
CA ALA B 566 -24.08 46.80 -22.07
C ALA B 566 -24.46 48.25 -22.35
N ASN B 569 -22.15 55.54 -22.57
CA ASN B 569 -21.82 54.25 -23.17
C ASN B 569 -20.34 54.15 -23.54
N GLN B 570 -19.51 53.81 -22.56
CA GLN B 570 -18.12 53.48 -22.81
C GLN B 570 -17.95 52.04 -23.30
N TYR B 571 -18.77 51.60 -24.26
CA TYR B 571 -18.66 50.23 -24.77
C TYR B 571 -17.37 50.01 -25.53
N LYS B 572 -16.45 48.89 -25.25
CA LYS B 572 -15.37 48.38 -26.07
C LYS B 572 -15.78 46.98 -26.55
N THR B 573 -15.32 46.60 -27.66
CA THR B 573 -15.47 45.22 -28.07
C THR B 573 -14.67 44.40 -27.06
N PRO B 574 -15.32 43.41 -26.44
CA PRO B 574 -14.63 42.61 -25.42
C PRO B 574 -13.53 41.78 -26.05
N ARG B 575 -12.41 41.64 -25.35
CA ARG B 575 -11.29 40.85 -25.82
C ARG B 575 -11.63 39.37 -25.90
N CYS B 576 -12.58 38.95 -25.07
CA CYS B 576 -12.97 37.55 -25.03
C CYS B 576 -14.47 37.46 -24.92
N VAL B 577 -15.06 36.41 -25.50
CA VAL B 577 -16.49 36.18 -25.36
C VAL B 577 -16.74 34.72 -24.94
N LYS B 578 -17.85 34.50 -24.25
CA LYS B 578 -18.15 33.20 -23.67
C LYS B 578 -19.63 32.82 -23.83
N PHE B 579 -20.49 33.82 -23.99
CA PHE B 579 -21.93 33.59 -24.13
C PHE B 579 -22.23 32.90 -25.47
N ALA B 580 -22.94 31.78 -25.39
CA ALA B 580 -23.16 30.91 -26.54
C ALA B 580 -23.91 31.58 -27.70
N PRO B 581 -25.00 32.34 -27.42
CA PRO B 581 -25.62 33.04 -28.55
C PRO B 581 -24.71 34.04 -29.27
N ILE B 582 -23.83 34.72 -28.54
CA ILE B 582 -22.86 35.62 -29.13
C ILE B 582 -21.88 34.86 -30.03
N ILE B 583 -21.31 33.78 -29.52
CA ILE B 583 -20.38 32.97 -30.30
C ILE B 583 -21.07 32.39 -31.55
N GLU B 584 -22.33 32.00 -31.42
CA GLU B 584 -23.07 31.55 -32.60
C GLU B 584 -23.24 32.65 -33.64
N LEU B 585 -23.56 33.86 -33.18
CA LEU B 585 -23.69 35.00 -34.09
C LEU B 585 -22.40 35.21 -34.88
N LEU B 586 -21.27 35.28 -34.17
CA LEU B 586 -19.96 35.51 -34.78
C LEU B 586 -19.57 34.39 -35.77
N ASN B 587 -19.75 33.15 -35.33
CA ASN B 587 -19.52 31.98 -36.18
C ASN B 587 -20.38 31.97 -37.45
N SER B 588 -21.60 32.50 -37.34
CA SER B 588 -22.52 32.53 -38.48
C SER B 588 -22.13 33.53 -39.56
N ARG B 589 -21.20 34.43 -39.24
CA ARG B 589 -20.74 35.44 -40.19
C ARG B 589 -19.31 35.20 -40.69
N VAL B 590 -18.75 34.02 -40.42
CA VAL B 590 -17.37 33.72 -40.75
C VAL B 590 -17.21 33.47 -42.25
N VAL B 591 -16.31 34.22 -42.90
CA VAL B 591 -16.14 34.06 -44.34
C VAL B 591 -15.01 33.08 -44.65
N ASP B 592 -14.03 33.04 -43.75
CA ASP B 592 -12.83 32.22 -43.89
C ASP B 592 -12.24 31.87 -42.51
N SER B 593 -11.64 30.69 -42.40
CA SER B 593 -10.90 30.36 -41.18
C SER B 593 -9.55 29.72 -41.53
N TYR B 594 -8.58 29.93 -40.65
CA TYR B 594 -7.21 29.48 -40.85
C TYR B 594 -6.58 29.01 -39.53
N PHE B 595 -5.65 28.08 -39.62
CA PHE B 595 -5.03 27.48 -38.44
C PHE B 595 -3.52 27.70 -38.47
N SER B 596 -2.90 27.76 -37.30
CA SER B 596 -1.44 27.83 -37.26
C SER B 596 -0.90 26.60 -38.00
N PRO B 597 0.02 26.80 -38.96
CA PRO B 597 0.51 25.73 -39.83
C PRO B 597 1.50 24.80 -39.12
N LYS B 598 2.13 25.30 -38.07
CA LYS B 598 3.06 24.49 -37.27
C LYS B 598 3.08 24.95 -35.81
N CYS B 599 3.73 24.17 -34.94
CA CYS B 599 3.83 24.54 -33.53
C CYS B 599 4.71 25.76 -33.35
N PRO B 600 4.39 26.57 -32.34
CA PRO B 600 5.31 27.65 -31.94
C PRO B 600 6.61 27.09 -31.36
N LYS B 601 7.61 27.91 -31.19
CA LYS B 601 8.84 27.51 -30.56
C LYS B 601 8.63 27.20 -29.09
N TRP B 602 9.29 26.31 -28.40
CA TRP B 602 9.42 25.96 -27.01
C TRP B 602 10.60 25.06 -26.79
N VAL B 603 11.37 25.45 -25.88
CA VAL B 603 12.33 24.49 -25.29
C VAL B 603 12.30 24.51 -23.78
N PRO B 604 12.56 23.30 -23.13
CA PRO B 604 12.68 23.44 -21.66
C PRO B 604 13.85 24.30 -21.20
N THR C 16 -21.11 -6.31 13.16
CA THR C 16 -22.37 -7.03 13.24
C THR C 16 -23.45 -6.36 12.38
N LEU C 17 -23.42 -5.04 12.25
CA LEU C 17 -24.31 -4.32 11.34
C LEU C 17 -24.01 -4.71 9.95
N ASP C 18 -22.75 -4.75 9.67
CA ASP C 18 -22.24 -5.17 8.42
C ASP C 18 -22.56 -6.65 8.12
N GLN C 19 -22.48 -7.50 9.13
CA GLN C 19 -22.91 -8.85 8.99
C GLN C 19 -24.43 -8.99 8.70
N LYS C 20 -25.16 -8.21 9.37
CA LYS C 20 -26.62 -8.19 9.23
C LYS C 20 -27.03 -7.74 7.83
N ASN C 21 -26.33 -6.72 7.31
CA ASN C 21 -26.55 -6.23 5.96
C ASN C 21 -26.26 -7.30 4.91
N LYS C 22 -25.17 -8.04 5.10
CA LYS C 22 -24.75 -9.06 4.14
C LYS C 22 -25.71 -10.23 4.09
N GLN C 23 -26.29 -10.58 5.24
CA GLN C 23 -27.39 -11.56 5.28
C GLN C 23 -28.57 -11.14 4.41
N LYS C 24 -28.96 -9.86 4.52
CA LYS C 24 -30.10 -9.34 3.74
C LYS C 24 -29.77 -9.32 2.26
N LEU C 25 -28.56 -8.88 1.92
CA LEU C 25 -28.12 -8.88 0.53
C LEU C 25 -28.02 -10.30 -0.03
N GLN C 26 -27.54 -11.26 0.78
CA GLN C 26 -27.45 -12.63 0.30
C GLN C 26 -28.84 -13.24 0.15
N LEU C 27 -29.80 -12.73 0.91
CA LEU C 27 -31.18 -13.20 0.81
C LEU C 27 -31.81 -12.75 -0.52
N ILE C 28 -31.51 -11.52 -0.94
CA ILE C 28 -31.97 -11.06 -2.24
C ILE C 28 -31.37 -11.95 -3.34
N GLU C 29 -30.06 -12.21 -3.23
CA GLU C 29 -29.37 -13.10 -4.16
C GLU C 29 -30.07 -14.47 -4.26
N GLU C 30 -30.37 -15.07 -3.11
CA GLU C 30 -31.02 -16.39 -3.08
C GLU C 30 -32.45 -16.36 -3.65
N LEU C 31 -33.23 -15.38 -3.22
CA LEU C 31 -34.60 -15.22 -3.70
C LEU C 31 -34.62 -14.98 -5.20
N THR C 32 -33.77 -14.08 -5.68
CA THR C 32 -33.73 -13.73 -7.10
C THR C 32 -33.13 -14.86 -7.96
N SER C 33 -32.15 -15.60 -7.43
CA SER C 33 -31.54 -16.71 -8.17
C SER C 33 -32.47 -17.92 -8.30
N ASN C 34 -33.41 -18.07 -7.37
CA ASN C 34 -34.37 -19.18 -7.44
C ASN C 34 -35.81 -18.69 -7.58
N ALA C 35 -35.99 -17.58 -8.27
CA ALA C 35 -37.27 -16.89 -8.35
C ALA C 35 -38.43 -17.79 -8.80
N ASP C 36 -38.16 -18.71 -9.72
CA ASP C 36 -39.24 -19.56 -10.23
C ASP C 36 -39.69 -20.57 -9.19
N GLN C 37 -38.73 -21.23 -8.54
CA GLN C 37 -39.01 -22.17 -7.46
C GLN C 37 -39.73 -21.49 -6.27
N VAL C 38 -39.29 -20.28 -5.91
CA VAL C 38 -39.97 -19.52 -4.86
C VAL C 38 -41.42 -19.18 -5.25
N GLN C 39 -41.61 -18.72 -6.49
CA GLN C 39 -42.94 -18.44 -7.04
C GLN C 39 -43.87 -19.66 -6.96
N ARG C 40 -43.36 -20.83 -7.37
CA ARG C 40 -44.13 -22.08 -7.30
C ARG C 40 -44.46 -22.45 -5.86
N GLN C 41 -43.50 -22.24 -4.98
CA GLN C 41 -43.64 -22.50 -3.56
C GLN C 41 -44.74 -21.63 -2.91
N VAL C 42 -44.70 -20.33 -3.19
CA VAL C 42 -45.69 -19.38 -2.69
C VAL C 42 -47.10 -19.80 -3.11
N LEU C 43 -47.25 -20.14 -4.39
CA LEU C 43 -48.52 -20.54 -4.95
C LEU C 43 -49.02 -21.78 -4.23
N GLU C 44 -48.13 -22.74 -4.03
CA GLU C 44 -48.48 -24.00 -3.39
C GLU C 44 -48.91 -23.79 -1.93
N GLU C 45 -48.24 -22.87 -1.24
CA GLU C 45 -48.63 -22.50 0.13
C GLU C 45 -50.04 -21.91 0.16
N ILE C 46 -50.29 -20.96 -0.73
CA ILE C 46 -51.58 -20.30 -0.81
C ILE C 46 -52.71 -21.27 -1.12
N LEU C 47 -52.54 -22.06 -2.18
CA LEU C 47 -53.56 -22.98 -2.64
C LEU C 47 -53.81 -24.15 -1.70
N THR C 48 -52.80 -24.48 -0.89
CA THR C 48 -52.93 -25.54 0.09
C THR C 48 -53.71 -24.96 1.27
N ARG C 49 -53.31 -23.76 1.71
CA ARG C 49 -53.93 -23.15 2.89
C ARG C 49 -55.40 -22.85 2.62
N ASN C 50 -55.69 -22.32 1.42
CA ASN C 50 -57.03 -21.88 1.07
C ASN C 50 -57.82 -22.89 0.24
N ALA C 51 -57.34 -24.14 0.19
CA ALA C 51 -57.88 -25.19 -0.67
C ALA C 51 -59.39 -25.36 -0.57
N ASP C 52 -59.92 -25.20 0.64
CA ASP C 52 -61.34 -25.47 0.87
C ASP C 52 -62.22 -24.23 0.96
N VAL C 53 -61.66 -23.05 0.70
CA VAL C 53 -62.46 -21.82 0.80
C VAL C 53 -63.50 -21.76 -0.32
N GLU C 54 -64.58 -21.02 -0.08
CA GLU C 54 -65.69 -20.95 -1.02
C GLU C 54 -65.25 -20.60 -2.47
N TYR C 55 -64.30 -19.66 -2.61
CA TYR C 55 -63.87 -19.19 -3.93
C TYR C 55 -63.19 -20.29 -4.76
N LEU C 56 -62.31 -21.07 -4.15
CA LEU C 56 -61.61 -22.16 -4.83
C LEU C 56 -62.55 -23.34 -5.12
N ARG C 57 -63.51 -23.57 -4.22
CA ARG C 57 -64.48 -24.65 -4.42
C ARG C 57 -65.40 -24.33 -5.60
N ARG C 58 -65.79 -23.06 -5.73
CA ARG C 58 -66.59 -22.59 -6.86
C ARG C 58 -65.99 -23.01 -8.19
N HIS C 59 -64.66 -22.96 -8.32
CA HIS C 59 -64.07 -23.24 -9.62
C HIS C 59 -63.51 -24.66 -9.72
N ASP C 60 -63.84 -25.50 -8.72
CA ASP C 60 -63.42 -26.90 -8.66
C ASP C 60 -61.90 -27.07 -8.76
N LEU C 61 -61.15 -26.27 -8.02
CA LEU C 61 -59.69 -26.43 -8.00
C LEU C 61 -59.32 -27.78 -7.35
N ASN C 62 -60.19 -28.27 -6.50
CA ASN C 62 -60.13 -29.62 -5.93
C ASN C 62 -58.84 -29.89 -5.12
N GLY C 63 -58.36 -28.88 -4.41
CA GLY C 63 -57.16 -29.04 -3.60
C GLY C 63 -55.86 -29.10 -4.38
N ARG C 64 -55.92 -28.91 -5.70
CA ARG C 64 -54.72 -28.97 -6.52
C ARG C 64 -53.93 -27.69 -6.32
N THR C 65 -52.60 -27.81 -6.27
CA THR C 65 -51.76 -26.70 -5.90
C THR C 65 -50.69 -26.40 -6.95
N ASP C 66 -50.75 -27.12 -8.06
CA ASP C 66 -49.81 -26.93 -9.17
C ASP C 66 -50.21 -25.75 -10.06
N ARG C 67 -49.18 -25.08 -10.58
CA ARG C 67 -49.29 -23.87 -11.40
C ARG C 67 -50.12 -24.04 -12.67
N GLU C 68 -49.83 -25.11 -13.41
CA GLU C 68 -50.53 -25.43 -14.65
C GLU C 68 -52.04 -25.53 -14.47
N THR C 69 -52.48 -26.23 -13.44
CA THR C 69 -53.92 -26.37 -13.20
C THR C 69 -54.51 -25.04 -12.77
N PHE C 70 -53.79 -24.37 -11.88
CA PHE C 70 -54.17 -23.03 -11.39
C PHE C 70 -54.45 -22.06 -12.53
N LYS C 71 -53.54 -21.99 -13.51
CA LYS C 71 -53.66 -21.06 -14.62
C LYS C 71 -54.77 -21.48 -15.57
N ASN C 72 -55.00 -22.78 -15.68
CA ASN C 72 -55.99 -23.34 -16.59
C ASN C 72 -57.41 -23.13 -16.10
N ILE C 73 -57.56 -23.22 -14.78
CA ILE C 73 -58.86 -23.29 -14.12
C ILE C 73 -59.32 -21.93 -13.55
N MET C 74 -58.44 -21.20 -12.87
CA MET C 74 -58.87 -19.97 -12.19
C MET C 74 -58.94 -18.76 -13.14
N PRO C 75 -60.04 -18.01 -13.07
CA PRO C 75 -60.17 -16.88 -14.00
C PRO C 75 -59.34 -15.68 -13.57
N VAL C 76 -58.99 -14.82 -14.53
CA VAL C 76 -58.29 -13.58 -14.25
C VAL C 76 -59.33 -12.52 -13.96
N ILE C 77 -59.26 -11.92 -12.78
CA ILE C 77 -60.35 -11.09 -12.30
C ILE C 77 -59.97 -9.63 -12.01
N THR C 78 -60.99 -8.80 -11.97
CA THR C 78 -60.88 -7.44 -11.45
C THR C 78 -61.63 -7.36 -10.11
N TYR C 79 -61.55 -6.20 -9.45
CA TYR C 79 -62.21 -6.00 -8.17
C TYR C 79 -63.71 -6.27 -8.24
N GLU C 80 -64.33 -5.82 -9.33
CA GLU C 80 -65.78 -5.94 -9.47
C GLU C 80 -66.23 -7.40 -9.57
N ASP C 81 -65.31 -8.29 -9.95
CA ASP C 81 -65.57 -9.73 -10.01
C ASP C 81 -65.70 -10.41 -8.64
N ILE C 82 -64.87 -9.99 -7.68
CA ILE C 82 -64.97 -10.52 -6.31
C ILE C 82 -65.52 -9.55 -5.27
N GLU C 83 -66.04 -8.41 -5.72
CA GLU C 83 -66.70 -7.48 -4.80
C GLU C 83 -67.80 -8.14 -3.94
N PRO C 84 -68.65 -9.02 -4.53
CA PRO C 84 -69.66 -9.64 -3.65
C PRO C 84 -69.06 -10.47 -2.52
N GLU C 85 -67.94 -11.16 -2.77
CA GLU C 85 -67.27 -11.86 -1.69
C GLU C 85 -66.71 -10.89 -0.69
N ILE C 86 -66.06 -9.83 -1.19
CA ILE C 86 -65.45 -8.81 -0.33
C ILE C 86 -66.50 -8.19 0.58
N ASN C 87 -67.63 -7.82 0.01
CA ASN C 87 -68.71 -7.22 0.76
C ASN C 87 -69.30 -8.14 1.82
N ARG C 88 -69.45 -9.41 1.48
CA ARG C 88 -69.97 -10.38 2.45
C ARG C 88 -69.05 -10.45 3.67
N ILE C 89 -67.74 -10.52 3.42
CA ILE C 89 -66.77 -10.51 4.52
C ILE C 89 -66.85 -9.21 5.29
N ALA C 90 -66.91 -8.09 4.57
CA ALA C 90 -66.97 -6.75 5.17
C ALA C 90 -68.17 -6.60 6.06
N ASN C 91 -69.28 -7.21 5.67
CA ASN C 91 -70.51 -7.05 6.44
C ASN C 91 -70.65 -8.07 7.54
N GLY C 92 -69.71 -9.00 7.64
CA GLY C 92 -69.69 -9.87 8.79
C GLY C 92 -69.64 -11.38 8.59
N ASP C 93 -69.83 -11.88 7.37
CA ASP C 93 -69.70 -13.30 7.07
C ASP C 93 -68.26 -13.77 7.37
N LYS C 94 -68.11 -14.64 8.39
CA LYS C 94 -66.77 -15.06 8.84
C LYS C 94 -66.32 -16.44 8.33
N SER C 95 -67.13 -17.11 7.51
CA SER C 95 -66.75 -18.42 7.00
C SER C 95 -65.58 -18.37 5.98
N PRO C 96 -64.97 -19.51 5.67
CA PRO C 96 -63.87 -19.38 4.71
C PRO C 96 -64.34 -19.13 3.26
N ILE C 97 -64.29 -17.87 2.83
CA ILE C 97 -64.77 -17.48 1.51
C ILE C 97 -63.58 -17.23 0.56
N LEU C 98 -62.67 -16.37 0.98
CA LEU C 98 -61.45 -16.10 0.22
C LEU C 98 -60.20 -16.70 0.89
N SER C 99 -60.24 -16.75 2.23
CA SER C 99 -59.12 -17.18 3.03
C SER C 99 -59.56 -18.10 4.17
N SER C 100 -58.75 -19.11 4.48
CA SER C 100 -59.08 -20.03 5.56
C SER C 100 -58.62 -19.47 6.89
N LYS C 101 -57.51 -18.72 6.86
CA LYS C 101 -57.14 -17.87 8.00
C LYS C 101 -58.09 -16.66 8.04
N PRO C 102 -58.36 -16.12 9.24
CA PRO C 102 -59.31 -15.00 9.33
C PRO C 102 -58.78 -13.70 8.71
N ILE C 103 -59.63 -12.99 7.99
CA ILE C 103 -59.30 -11.69 7.46
C ILE C 103 -59.18 -10.71 8.62
N SER C 104 -57.99 -10.14 8.80
CA SER C 104 -57.72 -9.33 9.99
C SER C 104 -58.25 -7.90 9.82
N GLU C 105 -58.21 -7.39 8.59
CA GLU C 105 -58.68 -6.06 8.28
C GLU C 105 -58.74 -5.89 6.76
N PHE C 106 -59.38 -4.82 6.32
CA PHE C 106 -59.38 -4.45 4.94
C PHE C 106 -58.45 -3.26 4.79
N LEU C 107 -57.60 -3.35 3.79
CA LEU C 107 -56.71 -2.27 3.46
C LEU C 107 -57.38 -1.47 2.33
N THR C 108 -57.72 -0.22 2.64
CA THR C 108 -58.47 0.63 1.73
C THR C 108 -57.55 1.23 0.69
N SER C 109 -57.79 0.89 -0.58
CA SER C 109 -56.95 1.34 -1.66
C SER C 109 -57.32 2.77 -2.07
N SER C 110 -56.37 3.46 -2.70
CA SER C 110 -56.66 4.76 -3.30
C SER C 110 -57.37 4.54 -4.64
N GLY C 111 -57.26 3.33 -5.17
CA GLY C 111 -58.04 2.97 -6.33
C GLY C 111 -59.48 2.74 -5.91
N THR C 112 -60.43 3.21 -6.72
CA THR C 112 -61.83 3.14 -6.35
C THR C 112 -62.67 2.30 -7.31
N SER C 113 -63.87 1.96 -6.86
CA SER C 113 -64.87 1.22 -7.63
C SER C 113 -66.22 1.74 -7.21
N GLY C 114 -67.03 2.14 -8.18
CA GLY C 114 -68.31 2.76 -7.90
C GLY C 114 -68.19 4.02 -7.07
N GLY C 115 -67.06 4.71 -7.23
CA GLY C 115 -66.78 5.91 -6.46
C GLY C 115 -66.17 5.68 -5.09
N GLU C 116 -66.14 4.43 -4.62
CA GLU C 116 -65.67 4.09 -3.26
C GLU C 116 -64.31 3.41 -3.25
N ARG C 117 -63.55 3.57 -2.16
CA ARG C 117 -62.26 2.91 -2.01
C ARG C 117 -62.41 1.41 -2.05
N LYS C 118 -61.59 0.75 -2.87
CA LYS C 118 -61.56 -0.70 -2.89
C LYS C 118 -61.06 -1.26 -1.55
N LEU C 119 -61.72 -2.31 -1.09
CA LEU C 119 -61.34 -2.96 0.15
C LEU C 119 -60.53 -4.22 -0.15
N MET C 120 -59.24 -4.17 0.16
CA MET C 120 -58.33 -5.30 -0.09
C MET C 120 -58.17 -6.12 1.18
N PRO C 121 -58.53 -7.40 1.12
CA PRO C 121 -58.41 -8.25 2.30
C PRO C 121 -56.94 -8.55 2.60
N THR C 122 -56.59 -8.60 3.88
CA THR C 122 -55.26 -9.00 4.29
C THR C 122 -55.40 -9.93 5.49
N ILE C 123 -54.31 -10.61 5.83
CA ILE C 123 -54.23 -11.45 7.02
C ILE C 123 -53.02 -11.01 7.86
N GLU C 124 -53.00 -11.41 9.13
CA GLU C 124 -51.98 -10.94 10.07
C GLU C 124 -50.57 -11.35 9.63
N GLU C 125 -50.46 -12.51 9.00
CA GLU C 125 -49.21 -13.01 8.43
C GLU C 125 -48.57 -12.01 7.43
N GLU C 126 -49.39 -11.27 6.70
CA GLU C 126 -48.88 -10.36 5.67
C GLU C 126 -48.00 -9.23 6.23
N LEU C 127 -48.19 -8.86 7.49
CA LEU C 127 -47.34 -7.85 8.13
C LEU C 127 -45.87 -8.27 8.17
N ASP C 128 -45.64 -9.57 8.37
CA ASP C 128 -44.29 -10.13 8.39
C ASP C 128 -43.63 -10.00 7.03
N ARG C 129 -44.44 -10.12 5.97
CA ARG C 129 -43.89 -9.99 4.64
C ARG C 129 -43.64 -8.52 4.29
N ARG C 130 -44.48 -7.61 4.79
CA ARG C 130 -44.23 -6.19 4.59
C ARG C 130 -42.96 -5.74 5.31
N SER C 131 -42.76 -6.21 6.54
CA SER C 131 -41.54 -5.86 7.27
C SER C 131 -40.29 -6.48 6.63
N LEU C 132 -40.45 -7.66 6.03
CA LEU C 132 -39.34 -8.27 5.27
C LEU C 132 -38.89 -7.34 4.16
N LEU C 133 -39.85 -6.89 3.35
CA LEU C 133 -39.61 -5.90 2.31
C LEU C 133 -38.84 -4.68 2.87
N TYR C 134 -39.38 -4.01 3.89
CA TYR C 134 -38.72 -2.84 4.48
C TYR C 134 -37.30 -3.16 4.99
N SER C 135 -37.12 -4.36 5.52
CA SER C 135 -35.83 -4.73 6.08
C SER C 135 -34.77 -4.87 5.00
N LEU C 136 -35.19 -4.86 3.74
CA LEU C 136 -34.25 -4.97 2.64
C LEU C 136 -33.69 -3.62 2.21
N LEU C 137 -34.40 -2.54 2.54
CA LEU C 137 -34.13 -1.22 1.97
C LEU C 137 -32.80 -0.59 2.39
N MET C 138 -32.51 -0.58 3.69
CA MET C 138 -31.27 -0.03 4.19
C MET C 138 -30.03 -0.88 3.85
N PRO C 139 -30.10 -2.22 3.92
CA PRO C 139 -28.97 -3.02 3.44
C PRO C 139 -28.65 -2.80 1.96
N VAL C 140 -29.68 -2.59 1.13
CA VAL C 140 -29.48 -2.29 -0.29
C VAL C 140 -28.82 -0.91 -0.42
N MET C 141 -29.35 0.06 0.34
CA MET C 141 -28.85 1.42 0.33
C MET C 141 -27.39 1.54 0.85
N SER C 142 -26.99 0.61 1.72
CA SER C 142 -25.65 0.65 2.30
C SER C 142 -24.54 0.37 1.29
N GLN C 143 -24.90 -0.08 0.09
CA GLN C 143 -23.92 -0.24 -0.98
C GLN C 143 -23.73 1.03 -1.79
N PHE C 144 -24.46 2.09 -1.46
CA PHE C 144 -24.41 3.30 -2.27
C PHE C 144 -24.24 4.56 -1.42
N VAL C 145 -24.81 4.56 -0.22
CA VAL C 145 -24.66 5.67 0.71
C VAL C 145 -24.27 5.11 2.08
N PRO C 146 -23.05 5.42 2.53
CA PRO C 146 -22.55 4.93 3.81
C PRO C 146 -22.91 5.85 4.98
N GLY C 147 -22.73 5.36 6.20
CA GLY C 147 -22.88 6.18 7.38
C GLY C 147 -24.28 6.56 7.83
N LEU C 148 -25.32 6.02 7.20
CA LEU C 148 -26.69 6.38 7.58
C LEU C 148 -27.03 5.90 8.99
N GLU C 149 -26.27 4.90 9.48
CA GLU C 149 -26.41 4.39 10.85
C GLU C 149 -25.90 5.38 11.91
N ASN C 150 -25.17 6.40 11.48
CA ASN C 150 -24.57 7.33 12.42
C ASN C 150 -25.32 8.66 12.52
N GLY C 151 -26.58 8.65 12.12
CA GLY C 151 -27.36 9.86 12.12
C GLY C 151 -28.82 9.51 12.01
N LYS C 152 -29.65 10.49 11.64
CA LYS C 152 -31.07 10.24 11.59
C LYS C 152 -31.66 10.55 10.23
N GLY C 153 -32.86 10.01 9.98
CA GLY C 153 -33.62 10.36 8.80
C GLY C 153 -34.79 11.21 9.22
N MET C 154 -35.08 12.29 8.48
CA MET C 154 -36.26 13.10 8.81
C MET C 154 -37.37 12.79 7.81
N TYR C 155 -38.26 11.90 8.23
CA TYR C 155 -39.37 11.46 7.41
C TYR C 155 -40.69 11.97 7.95
N PHE C 156 -41.50 12.53 7.06
CA PHE C 156 -42.80 13.01 7.43
C PHE C 156 -43.81 11.93 7.06
N LEU C 157 -44.18 11.14 8.06
CA LEU C 157 -45.05 9.98 7.87
C LEU C 157 -46.38 10.24 8.53
N PHE C 158 -47.46 9.75 7.93
CA PHE C 158 -48.79 10.11 8.41
C PHE C 158 -49.74 8.93 8.36
N ILE C 159 -50.56 8.81 9.41
CA ILE C 159 -51.69 7.90 9.36
C ILE C 159 -52.85 8.67 8.75
N LYS C 160 -53.80 7.96 8.16
CA LYS C 160 -54.88 8.61 7.45
C LYS C 160 -56.19 8.20 8.12
N SER C 161 -57.30 8.74 7.64
CA SER C 161 -58.61 8.42 8.19
C SER C 161 -58.82 6.90 8.23
N GLU C 162 -59.50 6.45 9.29
CA GLU C 162 -59.64 5.03 9.58
C GLU C 162 -61.12 4.72 9.82
N SER C 163 -61.54 3.50 9.47
CA SER C 163 -62.96 3.15 9.53
C SER C 163 -63.20 1.72 10.01
N LYS C 164 -64.48 1.40 10.18
CA LYS C 164 -64.90 0.07 10.58
C LYS C 164 -66.02 -0.38 9.65
N THR C 165 -65.87 -1.56 9.08
CA THR C 165 -66.87 -2.13 8.19
C THR C 165 -68.09 -2.51 9.03
N PRO C 166 -69.26 -2.62 8.39
CA PRO C 166 -70.51 -2.93 9.12
C PRO C 166 -70.42 -4.18 10.01
N GLY C 167 -69.61 -5.15 9.61
CA GLY C 167 -69.39 -6.35 10.40
C GLY C 167 -68.31 -6.25 11.47
N GLY C 168 -67.67 -5.08 11.60
CA GLY C 168 -66.72 -4.87 12.67
C GLY C 168 -65.23 -4.96 12.32
N LEU C 169 -64.92 -5.21 11.05
CA LEU C 169 -63.53 -5.29 10.63
C LEU C 169 -62.95 -3.89 10.36
N PRO C 170 -61.72 -3.66 10.82
CA PRO C 170 -60.99 -2.42 10.54
C PRO C 170 -60.83 -2.23 9.03
N ALA C 171 -61.15 -1.03 8.56
CA ALA C 171 -60.86 -0.63 7.19
C ALA C 171 -59.95 0.58 7.22
N ARG C 172 -58.71 0.43 6.77
CA ARG C 172 -57.78 1.56 6.78
C ARG C 172 -56.63 1.39 5.76
N PRO C 173 -55.98 2.52 5.39
CA PRO C 173 -54.88 2.43 4.42
C PRO C 173 -53.74 1.52 4.92
N VAL C 174 -53.05 0.85 4.00
CA VAL C 174 -52.06 -0.15 4.37
C VAL C 174 -50.95 0.44 5.27
N LEU C 175 -50.58 1.70 5.05
CA LEU C 175 -49.53 2.30 5.86
C LEU C 175 -50.04 2.64 7.26
N THR C 176 -51.32 2.98 7.39
CA THR C 176 -51.90 3.22 8.70
C THR C 176 -51.85 1.92 9.49
N SER C 177 -52.21 0.82 8.85
CA SER C 177 -52.13 -0.51 9.46
C SER C 177 -50.69 -0.85 9.84
N TYR C 178 -49.75 -0.49 8.97
CA TYR C 178 -48.36 -0.82 9.24
C TYR C 178 -47.75 0.00 10.39
N TYR C 179 -47.89 1.33 10.35
CA TYR C 179 -47.34 2.21 11.38
C TYR C 179 -47.80 1.86 12.80
N LYS C 180 -49.05 1.38 12.91
CA LYS C 180 -49.64 1.02 14.21
C LYS C 180 -49.24 -0.38 14.66
N SER C 181 -48.56 -1.11 13.78
CA SER C 181 -48.20 -2.49 14.05
C SER C 181 -46.87 -2.57 14.79
N SER C 182 -46.54 -3.78 15.26
CA SER C 182 -45.33 -3.98 16.02
C SER C 182 -44.06 -3.93 15.15
N HIS C 183 -44.21 -4.03 13.85
CA HIS C 183 -43.09 -3.92 12.98
C HIS C 183 -42.63 -2.51 12.82
N PHE C 184 -43.50 -1.55 13.09
CA PHE C 184 -43.10 -0.17 13.10
C PHE C 184 -42.95 0.29 14.53
N LYS C 185 -42.19 -0.09 15.61
CA LYS C 185 -41.58 0.27 16.88
C LYS C 185 -40.15 0.67 16.71
N ASP C 190 -33.05 -1.13 15.25
CA ASP C 190 -32.24 -1.04 14.04
C ASP C 190 -31.67 0.38 13.95
N PRO C 191 -30.33 0.51 13.99
CA PRO C 191 -29.67 1.83 13.99
C PRO C 191 -29.83 2.57 12.66
N TYR C 192 -30.47 1.92 11.70
CA TYR C 192 -30.90 2.55 10.45
C TYR C 192 -32.33 3.08 10.61
N THR C 193 -32.94 2.80 11.75
CA THR C 193 -34.30 3.25 12.03
C THR C 193 -34.35 4.27 13.15
N ASN C 194 -33.58 5.34 12.99
CA ASN C 194 -33.61 6.46 13.91
C ASN C 194 -34.20 7.67 13.21
N TYR C 195 -35.51 7.85 13.37
CA TYR C 195 -36.22 8.97 12.79
C TYR C 195 -36.30 10.15 13.74
N THR C 196 -36.33 11.35 13.19
CA THR C 196 -36.49 12.55 14.00
C THR C 196 -37.89 12.59 14.61
N SER C 197 -38.84 11.95 13.94
CA SER C 197 -40.24 11.96 14.37
C SER C 197 -40.59 10.79 15.27
N PRO C 198 -40.94 11.08 16.54
CA PRO C 198 -41.38 10.00 17.46
C PRO C 198 -42.62 9.30 16.94
N ASN C 199 -42.80 8.04 17.32
CA ASN C 199 -43.94 7.26 16.86
C ASN C 199 -45.28 7.91 17.18
N GLU C 200 -45.40 8.47 18.38
CA GLU C 200 -46.64 9.06 18.86
C GLU C 200 -46.99 10.28 18.01
N THR C 201 -45.95 10.97 17.59
CA THR C 201 -46.07 12.09 16.68
C THR C 201 -46.63 11.63 15.31
N ILE C 202 -46.16 10.49 14.81
CA ILE C 202 -46.68 9.91 13.57
C ILE C 202 -48.10 9.38 13.74
N LEU C 203 -48.37 8.75 14.88
CA LEU C 203 -49.65 8.07 15.12
C LEU C 203 -50.76 9.02 15.60
N CYS C 204 -50.49 10.32 15.56
CA CYS C 204 -51.49 11.32 15.94
C CYS C 204 -52.61 11.39 14.90
N SER C 205 -53.85 11.35 15.37
CA SER C 205 -55.02 11.41 14.49
C SER C 205 -55.18 12.78 13.86
N ASP C 206 -54.82 13.84 14.60
CA ASP C 206 -54.88 15.21 14.10
C ASP C 206 -53.72 15.50 13.15
N SER C 207 -54.03 15.79 11.89
CA SER C 207 -53.01 16.02 10.86
C SER C 207 -52.21 17.29 11.10
N TYR C 208 -52.85 18.35 11.61
CA TYR C 208 -52.12 19.58 11.91
C TYR C 208 -51.07 19.32 12.99
N GLN C 209 -51.51 18.73 14.10
CA GLN C 209 -50.62 18.48 15.23
C GLN C 209 -49.51 17.50 14.84
N SER C 210 -49.89 16.50 14.05
CA SER C 210 -48.93 15.55 13.50
C SER C 210 -47.88 16.27 12.66
N MET C 211 -48.32 17.02 11.66
CA MET C 211 -47.38 17.77 10.82
C MET C 211 -46.52 18.76 11.65
N TYR C 212 -47.17 19.54 12.52
CA TYR C 212 -46.45 20.56 13.31
C TYR C 212 -45.38 19.95 14.23
N SER C 213 -45.74 18.94 15.01
CA SER C 213 -44.76 18.30 15.89
C SER C 213 -43.60 17.60 15.16
N GLN C 214 -43.88 16.96 14.01
CA GLN C 214 -42.82 16.32 13.20
C GLN C 214 -41.83 17.35 12.69
N MET C 215 -42.37 18.49 12.25
CA MET C 215 -41.54 19.59 11.77
C MET C 215 -40.66 20.16 12.89
N LEU C 216 -41.24 20.33 14.08
CA LEU C 216 -40.51 20.89 15.21
C LEU C 216 -39.38 19.96 15.62
N CYS C 217 -39.69 18.67 15.71
CA CYS C 217 -38.69 17.66 16.06
C CYS C 217 -37.61 17.55 15.00
N GLY C 218 -37.99 17.71 13.73
CA GLY C 218 -37.03 17.69 12.65
C GLY C 218 -36.06 18.86 12.77
N LEU C 219 -36.59 20.02 13.16
CA LEU C 219 -35.79 21.22 13.36
C LEU C 219 -34.90 21.13 14.58
N CYS C 220 -35.47 20.61 15.68
CA CYS C 220 -34.73 20.44 16.94
C CYS C 220 -33.53 19.49 16.80
N GLN C 221 -33.64 18.49 15.95
CA GLN C 221 -32.54 17.56 15.71
C GLN C 221 -31.84 17.76 14.35
N HIS C 222 -31.80 19.00 13.87
CA HIS C 222 -31.48 19.26 12.46
C HIS C 222 -30.05 18.88 12.01
N GLN C 223 -29.02 19.03 12.84
CA GLN C 223 -27.68 18.66 12.37
C GLN C 223 -27.43 17.15 12.34
N GLU C 224 -28.26 16.37 13.04
CA GLU C 224 -28.18 14.90 13.02
C GLU C 224 -28.76 14.29 11.74
N VAL C 225 -29.55 15.07 11.01
CA VAL C 225 -30.29 14.61 9.84
C VAL C 225 -29.39 14.33 8.63
N LEU C 226 -29.41 13.08 8.16
CA LEU C 226 -28.60 12.65 7.02
C LEU C 226 -29.43 12.30 5.80
N ARG C 227 -30.74 12.17 6.00
CA ARG C 227 -31.68 11.98 4.90
C ARG C 227 -33.07 12.50 5.24
N VAL C 228 -33.81 12.88 4.20
CA VAL C 228 -35.17 13.37 4.38
C VAL C 228 -36.10 12.74 3.38
N GLY C 229 -37.40 12.84 3.67
CA GLY C 229 -38.40 12.35 2.75
C GLY C 229 -39.77 12.13 3.35
N ALA C 230 -40.56 11.40 2.58
CA ALA C 230 -41.93 11.01 2.91
C ALA C 230 -42.28 9.87 1.96
N VAL C 231 -43.44 9.26 2.12
CA VAL C 231 -43.87 8.23 1.20
C VAL C 231 -43.97 8.78 -0.24
N PHE C 232 -44.72 9.87 -0.40
CA PHE C 232 -44.88 10.53 -1.70
C PHE C 232 -44.18 11.88 -1.77
N ALA C 233 -43.77 12.23 -2.99
CA ALA C 233 -43.26 13.57 -3.26
C ALA C 233 -44.23 14.67 -2.77
N SER C 234 -45.52 14.52 -3.06
CA SER C 234 -46.51 15.52 -2.67
C SER C 234 -46.55 15.77 -1.16
N GLY C 235 -46.39 14.70 -0.38
CA GLY C 235 -46.35 14.80 1.07
C GLY C 235 -45.14 15.56 1.61
N PHE C 236 -43.98 15.40 1.00
CA PHE C 236 -42.79 16.11 1.47
C PHE C 236 -42.92 17.58 1.13
N ILE C 237 -43.48 17.82 -0.05
CA ILE C 237 -43.79 19.16 -0.54
C ILE C 237 -44.73 19.91 0.42
N ARG C 238 -45.82 19.27 0.85
CA ARG C 238 -46.77 19.92 1.76
C ARG C 238 -46.14 20.21 3.12
N ALA C 239 -45.15 19.41 3.51
CA ALA C 239 -44.44 19.60 4.78
C ALA C 239 -43.58 20.87 4.72
N ILE C 240 -42.91 21.10 3.59
CA ILE C 240 -42.11 22.32 3.40
C ILE C 240 -43.01 23.54 3.38
N LYS C 241 -44.14 23.42 2.68
CA LYS C 241 -45.14 24.47 2.62
C LYS C 241 -45.69 24.78 4.01
N PHE C 242 -45.83 23.74 4.84
CA PHE C 242 -46.22 23.92 6.24
C PHE C 242 -45.20 24.78 6.98
N LEU C 243 -43.91 24.53 6.74
CA LEU C 243 -42.86 25.34 7.35
C LEU C 243 -42.95 26.81 6.92
N GLU C 244 -43.26 27.07 5.64
CA GLU C 244 -43.49 28.42 5.13
C GLU C 244 -44.47 29.22 5.97
N LYS C 245 -45.62 28.59 6.25
CA LYS C 245 -46.73 29.23 6.94
C LYS C 245 -46.56 29.27 8.46
N HIS C 246 -45.79 28.34 9.02
CA HIS C 246 -45.78 28.19 10.49
C HIS C 246 -44.41 28.31 11.17
N TRP C 247 -43.38 28.72 10.43
CA TRP C 247 -42.06 28.81 11.01
C TRP C 247 -41.96 29.80 12.17
N ILE C 248 -42.74 30.88 12.13
CA ILE C 248 -42.72 31.88 13.22
C ILE C 248 -43.10 31.25 14.56
N GLU C 249 -44.22 30.52 14.58
CA GLU C 249 -44.65 29.76 15.76
C GLU C 249 -43.59 28.74 16.19
N LEU C 250 -43.02 28.02 15.22
CA LEU C 250 -42.02 26.98 15.48
C LEU C 250 -40.74 27.56 16.11
N VAL C 251 -40.32 28.71 15.62
CA VAL C 251 -39.20 29.43 16.19
C VAL C 251 -39.51 29.88 17.63
N ARG C 252 -40.72 30.39 17.87
CA ARG C 252 -41.08 30.82 19.22
C ARG C 252 -41.09 29.62 20.18
N ASP C 253 -41.52 28.45 19.69
CA ASP C 253 -41.50 27.23 20.49
C ASP C 253 -40.07 26.79 20.81
N ILE C 254 -39.19 26.81 19.81
CA ILE C 254 -37.81 26.42 19.98
C ILE C 254 -37.08 27.35 20.97
N ARG C 255 -37.30 28.65 20.81
CA ARG C 255 -36.64 29.65 21.63
C ARG C 255 -37.03 29.51 23.08
N THR C 256 -38.32 29.30 23.33
CA THR C 256 -38.83 29.17 24.69
C THR C 256 -38.63 27.75 25.22
N GLY C 257 -38.67 26.77 24.33
CA GLY C 257 -38.64 25.38 24.74
C GLY C 257 -39.99 24.89 25.22
N THR C 258 -41.04 25.65 24.88
CA THR C 258 -42.40 25.28 25.27
C THR C 258 -43.20 24.98 24.02
N LEU C 259 -43.89 23.85 24.03
CA LEU C 259 -44.60 23.43 22.84
C LEU C 259 -45.90 24.22 22.71
N SER C 260 -46.19 24.67 21.49
CA SER C 260 -47.38 25.48 21.22
C SER C 260 -48.60 24.86 21.91
N SER C 261 -49.40 25.68 22.58
CA SER C 261 -50.58 25.16 23.24
C SER C 261 -51.70 24.81 22.24
N LEU C 262 -51.49 25.16 20.98
CA LEU C 262 -52.48 24.79 19.95
C LEU C 262 -52.61 23.28 19.76
N ILE C 263 -51.70 22.52 20.32
CA ILE C 263 -51.87 21.09 20.24
C ILE C 263 -52.63 20.70 21.49
N THR C 264 -53.18 19.50 21.49
CA THR C 264 -54.01 19.05 22.58
C THR C 264 -53.79 17.57 22.85
N ASP C 265 -53.17 16.87 21.91
CA ASP C 265 -52.99 15.43 22.04
C ASP C 265 -51.88 15.08 23.03
N PRO C 266 -52.24 14.36 24.11
CA PRO C 266 -51.38 14.15 25.29
C PRO C 266 -49.97 13.55 25.06
N SER C 267 -49.82 12.48 24.28
CA SER C 267 -48.52 11.81 24.19
C SER C 267 -47.77 12.31 22.96
N VAL C 268 -48.41 13.14 22.14
CA VAL C 268 -47.63 13.94 21.21
C VAL C 268 -46.83 14.90 22.09
N ARG C 269 -47.52 15.60 22.99
CA ARG C 269 -46.82 16.45 23.96
C ARG C 269 -45.78 15.68 24.74
N GLU C 270 -46.15 14.51 25.25
CA GLU C 270 -45.23 13.66 25.98
C GLU C 270 -44.00 13.34 25.12
N ALA C 271 -44.25 13.08 23.83
CA ALA C 271 -43.17 12.70 22.91
C ALA C 271 -42.27 13.87 22.57
N VAL C 272 -42.87 15.03 22.30
CA VAL C 272 -42.12 16.23 21.94
C VAL C 272 -41.25 16.74 23.11
N ALA C 273 -41.78 16.65 24.33
CA ALA C 273 -41.05 17.15 25.50
C ALA C 273 -39.69 16.46 25.70
N LYS C 274 -39.54 15.22 25.23
CA LYS C 274 -38.28 14.49 25.34
C LYS C 274 -37.20 15.10 24.46
N ILE C 275 -37.64 15.85 23.45
CA ILE C 275 -36.75 16.39 22.44
C ILE C 275 -36.63 17.92 22.53
N LEU C 276 -37.75 18.60 22.72
CA LEU C 276 -37.77 20.06 22.80
C LEU C 276 -37.05 20.61 24.05
N LYS C 277 -36.04 21.44 23.80
CA LYS C 277 -35.33 22.16 24.86
C LYS C 277 -35.16 23.63 24.46
N PRO C 278 -35.21 24.54 25.44
CA PRO C 278 -35.00 25.97 25.16
C PRO C 278 -33.66 26.20 24.45
N SER C 279 -33.72 26.75 23.25
CA SER C 279 -32.50 26.97 22.47
C SER C 279 -32.60 28.24 21.61
N PRO C 280 -32.28 29.40 22.19
CA PRO C 280 -32.24 30.70 21.50
C PRO C 280 -31.36 30.72 20.25
N LYS C 281 -30.27 29.96 20.25
CA LYS C 281 -29.36 29.97 19.11
C LYS C 281 -29.92 29.17 17.92
N LEU C 282 -30.66 28.11 18.21
CA LEU C 282 -31.33 27.33 17.17
C LEU C 282 -32.45 28.17 16.57
N ALA C 283 -33.27 28.74 17.45
CA ALA C 283 -34.32 29.67 17.05
C ALA C 283 -33.79 30.77 16.14
N ASP C 284 -32.68 31.39 16.53
CA ASP C 284 -32.03 32.41 15.70
C ASP C 284 -31.58 31.86 14.34
N PHE C 285 -30.97 30.68 14.35
CA PHE C 285 -30.54 30.01 13.13
C PHE C 285 -31.70 29.73 12.18
N VAL C 286 -32.77 29.15 12.70
CA VAL C 286 -33.93 28.81 11.88
C VAL C 286 -34.61 30.07 11.34
N GLU C 287 -34.83 31.04 12.22
CA GLU C 287 -35.38 32.34 11.83
C GLU C 287 -34.58 33.01 10.71
N PHE C 288 -33.26 32.94 10.79
CA PHE C 288 -32.39 33.56 9.79
C PHE C 288 -32.61 32.94 8.41
N GLU C 289 -32.76 31.62 8.36
CA GLU C 289 -32.94 30.92 7.09
C GLU C 289 -34.34 31.12 6.53
N CYS C 290 -35.34 31.15 7.41
CA CYS C 290 -36.73 31.31 7.00
C CYS C 290 -37.03 32.75 6.56
N LYS C 291 -36.29 33.71 7.07
CA LYS C 291 -36.41 35.07 6.65
C LYS C 291 -35.96 35.35 5.23
N LYS C 292 -35.13 34.50 4.66
CA LYS C 292 -34.61 34.72 3.33
C LYS C 292 -35.70 34.74 2.27
N SER C 293 -35.50 35.47 1.18
CA SER C 293 -36.57 35.67 0.19
C SER C 293 -37.10 34.43 -0.51
N SER C 294 -36.26 33.47 -0.86
CA SER C 294 -36.73 32.21 -1.37
C SER C 294 -36.46 31.17 -0.31
N TRP C 295 -37.30 30.16 -0.35
CA TRP C 295 -37.14 28.97 0.37
C TRP C 295 -36.33 28.05 -0.47
N GLN C 296 -35.64 28.54 -1.50
CA GLN C 296 -35.15 27.65 -2.51
C GLN C 296 -34.16 26.57 -2.13
N GLY C 297 -33.00 26.82 -1.57
CA GLY C 297 -32.25 25.68 -1.04
C GLY C 297 -32.49 25.39 0.43
N ILE C 298 -33.73 25.53 0.89
CA ILE C 298 -33.99 25.56 2.32
C ILE C 298 -33.68 24.23 3.01
N ILE C 299 -33.84 23.12 2.30
CA ILE C 299 -33.58 21.79 2.88
C ILE C 299 -32.10 21.62 3.26
N THR C 300 -31.20 21.98 2.36
CA THR C 300 -29.78 21.82 2.65
C THR C 300 -29.26 22.96 3.51
N ARG C 301 -30.09 23.96 3.75
CA ARG C 301 -29.69 25.06 4.63
C ARG C 301 -30.13 24.77 6.08
N LEU C 302 -31.36 24.31 6.25
CA LEU C 302 -31.82 23.92 7.57
C LEU C 302 -31.25 22.57 8.00
N TRP C 303 -31.05 21.66 7.04
CA TRP C 303 -30.48 20.33 7.30
C TRP C 303 -29.29 20.10 6.38
N PRO C 304 -28.13 20.67 6.75
CA PRO C 304 -26.95 20.71 5.87
C PRO C 304 -26.26 19.37 5.66
N ASN C 305 -26.58 18.36 6.47
CA ASN C 305 -25.95 17.05 6.29
C ASN C 305 -26.85 16.09 5.52
N THR C 306 -27.91 16.63 4.92
CA THR C 306 -28.83 15.82 4.14
C THR C 306 -28.11 15.29 2.90
N LYS C 307 -28.15 13.97 2.70
CA LYS C 307 -27.43 13.35 1.59
C LYS C 307 -28.34 13.09 0.40
N TYR C 308 -29.62 12.89 0.67
CA TYR C 308 -30.62 12.68 -0.38
C TYR C 308 -32.05 12.88 0.12
N VAL C 309 -32.96 12.93 -0.84
CA VAL C 309 -34.39 13.05 -0.57
C VAL C 309 -35.06 11.75 -0.98
N ASP C 310 -35.65 11.08 0.01
CA ASP C 310 -36.30 9.79 -0.14
C ASP C 310 -37.81 9.95 -0.30
N VAL C 311 -38.28 9.99 -1.55
CA VAL C 311 -39.68 10.14 -1.88
C VAL C 311 -39.99 9.46 -3.21
N ILE C 312 -41.21 8.95 -3.36
CA ILE C 312 -41.60 8.40 -4.64
C ILE C 312 -41.78 9.56 -5.61
N VAL C 313 -40.99 9.55 -6.69
CA VAL C 313 -41.21 10.47 -7.79
C VAL C 313 -41.38 9.72 -9.11
N THR C 314 -41.65 8.43 -9.03
CA THR C 314 -42.06 7.66 -10.21
C THR C 314 -43.59 7.71 -10.32
N GLY C 315 -44.10 7.36 -11.51
CA GLY C 315 -45.52 7.53 -11.80
C GLY C 315 -45.93 8.99 -11.84
N THR C 316 -47.16 9.29 -11.45
CA THR C 316 -47.67 10.66 -11.55
C THR C 316 -46.92 11.64 -10.65
N MET C 317 -46.19 11.11 -9.67
CA MET C 317 -45.42 11.94 -8.74
C MET C 317 -44.19 12.56 -9.40
N SER C 318 -43.91 12.21 -10.65
CA SER C 318 -42.79 12.81 -11.37
C SER C 318 -43.03 14.29 -11.62
N GLN C 319 -44.30 14.71 -11.58
CA GLN C 319 -44.65 16.11 -11.80
C GLN C 319 -44.02 17.01 -10.73
N TYR C 320 -43.55 16.42 -9.63
CA TYR C 320 -43.03 17.16 -8.49
C TYR C 320 -41.50 17.26 -8.46
N ILE C 321 -40.83 16.67 -9.44
CA ILE C 321 -39.39 16.69 -9.46
C ILE C 321 -38.80 18.13 -9.53
N PRO C 322 -39.36 19.02 -10.38
CA PRO C 322 -38.77 20.38 -10.34
C PRO C 322 -38.98 21.11 -9.00
N THR C 323 -40.09 20.86 -8.33
CA THR C 323 -40.34 21.45 -7.01
C THR C 323 -39.36 20.95 -5.97
N LEU C 324 -39.12 19.63 -5.97
CA LEU C 324 -38.17 19.03 -5.03
C LEU C 324 -36.76 19.53 -5.29
N ASP C 325 -36.36 19.61 -6.57
CA ASP C 325 -35.06 20.17 -6.93
C ASP C 325 -34.91 21.61 -6.45
N TYR C 326 -35.98 22.40 -6.59
CA TYR C 326 -35.98 23.79 -6.16
C TYR C 326 -35.68 23.87 -4.66
N TYR C 327 -36.42 23.09 -3.88
CA TYR C 327 -36.29 23.10 -2.42
C TYR C 327 -35.01 22.43 -1.91
N SER C 328 -34.49 21.44 -2.64
CA SER C 328 -33.33 20.69 -2.17
C SER C 328 -32.02 21.17 -2.80
N ASN C 329 -32.10 22.08 -3.76
CA ASN C 329 -30.93 22.58 -4.47
C ASN C 329 -30.23 21.46 -5.25
N GLY C 330 -31.03 20.53 -5.77
CA GLY C 330 -30.52 19.52 -6.66
C GLY C 330 -30.02 18.23 -6.02
N LEU C 331 -30.40 17.99 -4.77
CA LEU C 331 -30.10 16.73 -4.08
C LEU C 331 -30.66 15.53 -4.84
N PRO C 332 -29.98 14.38 -4.76
CA PRO C 332 -30.47 13.14 -5.37
C PRO C 332 -31.86 12.74 -4.86
N LEU C 333 -32.71 12.30 -5.78
CA LEU C 333 -34.06 11.86 -5.42
C LEU C 333 -34.09 10.35 -5.47
N VAL C 334 -34.59 9.75 -4.40
CA VAL C 334 -34.51 8.30 -4.24
C VAL C 334 -35.89 7.65 -4.10
N CYS C 335 -36.16 6.70 -4.99
CA CYS C 335 -37.38 5.89 -4.93
C CYS C 335 -37.03 4.48 -4.46
N THR C 336 -37.38 4.14 -3.23
CA THR C 336 -36.89 2.90 -2.65
C THR C 336 -37.75 1.68 -2.94
N MET C 337 -39.06 1.84 -3.03
CA MET C 337 -39.92 0.68 -3.19
C MET C 337 -41.21 0.89 -3.99
N TYR C 338 -41.88 -0.22 -4.25
CA TYR C 338 -43.10 -0.31 -5.05
C TYR C 338 -44.06 -1.28 -4.35
N ALA C 339 -45.21 -0.77 -3.92
CA ALA C 339 -46.12 -1.56 -3.11
C ALA C 339 -47.55 -1.04 -3.24
N SER C 340 -48.49 -1.82 -2.73
CA SER C 340 -49.90 -1.45 -2.79
C SER C 340 -50.64 -1.99 -1.58
N SER C 341 -51.94 -1.67 -1.53
CA SER C 341 -52.83 -2.14 -0.47
C SER C 341 -52.99 -3.66 -0.51
N GLU C 342 -53.18 -4.20 -1.71
CA GLU C 342 -53.42 -5.62 -1.88
C GLU C 342 -52.15 -6.43 -1.72
N CYS C 343 -50.99 -5.81 -2.00
CA CYS C 343 -49.73 -6.53 -2.03
C CYS C 343 -48.50 -5.62 -2.12
N TYR C 344 -47.48 -5.92 -1.32
CA TYR C 344 -46.20 -5.25 -1.47
C TYR C 344 -45.45 -5.96 -2.59
N PHE C 345 -44.78 -5.22 -3.46
CA PHE C 345 -44.31 -5.83 -4.70
C PHE C 345 -42.81 -6.05 -4.77
N GLY C 346 -42.05 -4.97 -4.59
CA GLY C 346 -40.65 -5.01 -4.92
C GLY C 346 -39.84 -3.83 -4.44
N VAL C 347 -38.53 -3.87 -4.70
CA VAL C 347 -37.62 -2.84 -4.24
C VAL C 347 -36.71 -2.37 -5.37
N ASN C 348 -36.27 -1.12 -5.28
CA ASN C 348 -35.29 -0.56 -6.21
C ASN C 348 -33.91 -1.01 -5.78
N LEU C 349 -33.25 -1.84 -6.59
CA LEU C 349 -31.94 -2.38 -6.22
C LEU C 349 -30.80 -1.41 -6.57
N ARG C 350 -31.14 -0.31 -7.24
CA ARG C 350 -30.21 0.80 -7.46
C ARG C 350 -30.88 2.14 -7.14
N PRO C 351 -31.05 2.42 -5.85
CA PRO C 351 -31.83 3.58 -5.38
C PRO C 351 -31.20 4.95 -5.72
N LEU C 352 -29.90 5.02 -5.95
CA LEU C 352 -29.25 6.30 -6.28
C LEU C 352 -29.19 6.59 -7.78
N CYS C 353 -30.00 5.88 -8.57
CA CYS C 353 -30.10 6.14 -10.00
C CYS C 353 -30.90 7.41 -10.30
N LYS C 354 -30.89 7.85 -11.56
CA LYS C 354 -31.75 8.95 -12.02
C LYS C 354 -33.22 8.58 -11.85
N PRO C 355 -34.06 9.56 -11.47
CA PRO C 355 -35.50 9.30 -11.32
C PRO C 355 -36.14 8.72 -12.59
N SER C 356 -35.53 8.97 -13.75
CA SER C 356 -36.05 8.49 -15.02
C SER C 356 -35.51 7.10 -15.38
N GLU C 357 -34.57 6.57 -14.58
CA GLU C 357 -34.11 5.20 -14.81
C GLU C 357 -34.50 4.24 -13.72
N VAL C 358 -35.43 4.64 -12.86
CA VAL C 358 -35.79 3.81 -11.72
C VAL C 358 -36.46 2.51 -12.17
N SER C 359 -35.94 1.38 -11.67
CA SER C 359 -36.59 0.07 -11.87
C SER C 359 -36.84 -0.61 -10.55
N TYR C 360 -37.91 -1.39 -10.51
CA TYR C 360 -38.24 -2.12 -9.29
C TYR C 360 -38.15 -3.62 -9.50
N THR C 361 -37.37 -4.25 -8.63
CA THR C 361 -37.21 -5.70 -8.63
C THR C 361 -38.25 -6.32 -7.71
N LEU C 362 -39.20 -7.05 -8.31
CA LEU C 362 -40.24 -7.76 -7.55
C LEU C 362 -39.61 -8.88 -6.70
N ILE C 363 -39.99 -8.95 -5.42
CA ILE C 363 -39.50 -9.97 -4.49
C ILE C 363 -40.40 -11.21 -4.61
N PRO C 364 -39.84 -12.34 -5.04
CA PRO C 364 -40.65 -13.49 -5.45
C PRO C 364 -41.39 -14.20 -4.31
N SER C 365 -41.14 -13.80 -3.06
CA SER C 365 -41.82 -14.43 -1.93
C SER C 365 -43.04 -13.63 -1.44
N MET C 366 -43.31 -12.50 -2.07
CA MET C 366 -44.40 -11.64 -1.60
C MET C 366 -45.77 -12.20 -1.99
N ALA C 367 -45.83 -12.78 -3.17
CA ALA C 367 -47.08 -13.25 -3.77
C ALA C 367 -46.76 -13.98 -5.06
N TYR C 368 -47.78 -14.60 -5.65
CA TYR C 368 -47.61 -15.24 -6.93
C TYR C 368 -47.92 -14.22 -8.01
N PHE C 369 -46.89 -13.82 -8.75
CA PHE C 369 -47.00 -12.73 -9.74
C PHE C 369 -47.22 -13.22 -11.16
N GLU C 370 -48.19 -12.64 -11.85
CA GLU C 370 -48.45 -12.96 -13.25
C GLU C 370 -48.50 -11.70 -14.10
N PHE C 371 -48.32 -11.86 -15.41
CA PHE C 371 -48.20 -10.69 -16.27
C PHE C 371 -48.99 -10.79 -17.58
N LEU C 372 -49.89 -9.82 -17.79
CA LEU C 372 -50.69 -9.71 -19.01
C LEU C 372 -50.04 -8.78 -20.04
N PRO C 373 -49.60 -9.34 -21.18
CA PRO C 373 -48.88 -8.53 -22.19
C PRO C 373 -49.70 -7.35 -22.68
N VAL C 374 -49.11 -6.18 -22.66
CA VAL C 374 -49.74 -5.00 -23.15
C VAL C 374 -49.15 -4.63 -24.52
N HIS C 375 -50.00 -4.43 -25.52
CA HIS C 375 -49.56 -4.03 -26.85
C HIS C 375 -50.30 -2.80 -27.23
N ARG C 376 -49.61 -1.73 -27.61
CA ARG C 376 -50.30 -0.46 -27.94
C ARG C 376 -50.62 -0.26 -29.40
N ASN C 377 -51.68 0.50 -29.71
CA ASN C 377 -52.26 0.44 -31.09
C ASN C 377 -52.18 -0.98 -31.71
N ALA C 389 -61.98 -7.57 -22.44
CA ALA C 389 -62.57 -8.81 -21.92
C ALA C 389 -61.73 -10.03 -22.32
N LEU C 390 -60.88 -10.48 -21.39
CA LEU C 390 -59.91 -11.54 -21.67
C LEU C 390 -60.56 -12.86 -21.98
N THR C 391 -60.29 -13.35 -23.18
CA THR C 391 -60.64 -14.69 -23.57
C THR C 391 -60.13 -15.66 -22.53
N GLU C 392 -60.75 -16.83 -22.44
CA GLU C 392 -60.21 -17.83 -21.53
C GLU C 392 -58.76 -18.12 -21.93
N LYS C 393 -58.47 -18.01 -23.23
CA LYS C 393 -57.11 -18.23 -23.70
C LYS C 393 -56.13 -17.19 -23.11
N GLU C 394 -56.50 -15.91 -23.12
CA GLU C 394 -55.60 -14.88 -22.59
C GLU C 394 -55.38 -15.08 -21.10
N GLN C 395 -56.38 -15.65 -20.42
CA GLN C 395 -56.32 -15.89 -18.98
C GLN C 395 -55.35 -17.01 -18.63
N GLN C 396 -55.49 -18.14 -19.33
CA GLN C 396 -54.62 -19.29 -19.13
C GLN C 396 -53.17 -19.00 -19.47
N GLU C 397 -52.91 -18.01 -20.32
CA GLU C 397 -51.57 -17.78 -20.83
C GLU C 397 -50.90 -16.52 -20.30
N LEU C 398 -51.35 -16.02 -19.16
CA LEU C 398 -50.60 -14.94 -18.50
C LEU C 398 -49.16 -15.42 -18.31
N VAL C 399 -48.21 -14.52 -18.50
CA VAL C 399 -46.79 -14.87 -18.38
C VAL C 399 -46.37 -14.92 -16.92
N ASP C 400 -45.57 -15.92 -16.57
CA ASP C 400 -44.97 -16.01 -15.23
C ASP C 400 -43.81 -15.03 -15.05
N LEU C 401 -43.44 -14.79 -13.78
CA LEU C 401 -42.42 -13.80 -13.40
C LEU C 401 -41.11 -13.95 -14.17
N VAL C 402 -40.59 -15.17 -14.26
CA VAL C 402 -39.26 -15.39 -14.83
C VAL C 402 -39.29 -15.45 -16.35
N ASP C 403 -40.50 -15.56 -16.93
CA ASP C 403 -40.69 -15.71 -18.37
C ASP C 403 -40.97 -14.39 -19.12
N VAL C 404 -41.07 -13.28 -18.39
CA VAL C 404 -41.32 -11.98 -19.03
C VAL C 404 -40.12 -11.60 -19.89
N LYS C 405 -40.39 -10.83 -20.93
CA LYS C 405 -39.41 -10.42 -21.94
C LYS C 405 -38.91 -9.00 -21.73
N LEU C 406 -37.58 -8.85 -21.82
CA LEU C 406 -36.92 -7.56 -21.82
C LEU C 406 -37.58 -6.60 -22.82
N GLY C 407 -37.92 -5.40 -22.37
CA GLY C 407 -38.50 -4.38 -23.21
C GLY C 407 -40.01 -4.41 -23.36
N GLN C 408 -40.65 -5.48 -22.89
CA GLN C 408 -42.09 -5.66 -23.09
C GLN C 408 -42.91 -5.06 -21.94
N GLU C 409 -44.04 -4.45 -22.29
CA GLU C 409 -44.95 -3.86 -21.32
C GLU C 409 -45.99 -4.90 -20.89
N TYR C 410 -46.26 -4.95 -19.59
CA TYR C 410 -47.23 -5.88 -19.02
C TYR C 410 -48.12 -5.21 -17.99
N GLU C 411 -49.30 -5.79 -17.80
CA GLU C 411 -50.15 -5.41 -16.69
C GLU C 411 -49.90 -6.43 -15.57
N LEU C 412 -49.67 -5.91 -14.35
CA LEU C 412 -49.39 -6.74 -13.18
C LEU C 412 -50.61 -7.49 -12.68
N VAL C 413 -50.45 -8.79 -12.42
CA VAL C 413 -51.54 -9.63 -11.92
C VAL C 413 -51.05 -10.39 -10.69
N VAL C 414 -51.79 -10.34 -9.59
CA VAL C 414 -51.30 -10.90 -8.33
CA VAL C 414 -51.30 -10.91 -8.34
C VAL C 414 -52.23 -11.94 -7.69
N THR C 415 -51.63 -12.95 -7.07
CA THR C 415 -52.34 -13.95 -6.28
C THR C 415 -51.77 -13.88 -4.88
N THR C 416 -52.59 -13.48 -3.90
CA THR C 416 -52.08 -13.18 -2.57
C THR C 416 -52.51 -14.20 -1.52
N TYR C 417 -51.85 -14.14 -0.36
CA TYR C 417 -52.11 -15.06 0.73
C TYR C 417 -53.53 -14.90 1.31
N ALA C 418 -54.09 -13.68 1.26
CA ALA C 418 -55.42 -13.46 1.85
C ALA C 418 -56.56 -13.85 0.90
N GLY C 419 -56.22 -14.37 -0.28
CA GLY C 419 -57.24 -14.96 -1.12
C GLY C 419 -57.54 -14.33 -2.48
N LEU C 420 -56.87 -13.24 -2.82
CA LEU C 420 -57.02 -12.67 -4.15
C LEU C 420 -56.39 -13.63 -5.14
N CYS C 421 -57.15 -14.10 -6.10
CA CYS C 421 -56.63 -15.03 -7.08
C CYS C 421 -56.64 -14.41 -8.46
N ARG C 422 -55.43 -14.17 -8.97
CA ARG C 422 -55.22 -13.63 -10.33
C ARG C 422 -55.94 -12.29 -10.48
N TYR C 423 -55.74 -11.43 -9.50
CA TYR C 423 -56.32 -10.10 -9.46
C TYR C 423 -55.48 -9.11 -10.29
N ARG C 424 -56.14 -8.44 -11.23
CA ARG C 424 -55.49 -7.39 -12.03
C ARG C 424 -55.27 -6.14 -11.17
N VAL C 425 -54.01 -5.78 -10.98
CA VAL C 425 -53.68 -4.63 -10.15
C VAL C 425 -54.04 -3.36 -10.90
N GLY C 426 -53.90 -3.40 -12.23
CA GLY C 426 -54.13 -2.23 -13.08
C GLY C 426 -52.88 -1.42 -13.33
N ASP C 427 -51.73 -1.90 -12.82
CA ASP C 427 -50.46 -1.23 -13.02
C ASP C 427 -49.79 -1.71 -14.31
N LEU C 428 -49.24 -0.79 -15.08
CA LEU C 428 -48.50 -1.12 -16.29
C LEU C 428 -47.02 -0.98 -16.03
N LEU C 429 -46.27 -2.04 -16.34
CA LEU C 429 -44.83 -2.11 -16.07
C LEU C 429 -44.08 -2.48 -17.33
N ARG C 430 -42.82 -2.06 -17.41
CA ARG C 430 -41.96 -2.44 -18.51
C ARG C 430 -40.67 -3.09 -18.01
N VAL C 431 -40.34 -4.24 -18.58
CA VAL C 431 -39.16 -4.97 -18.18
C VAL C 431 -37.93 -4.23 -18.70
N THR C 432 -37.04 -3.87 -17.79
CA THR C 432 -35.81 -3.13 -18.13
C THR C 432 -34.57 -4.01 -18.02
N GLY C 433 -34.69 -5.13 -17.30
CA GLY C 433 -33.59 -6.05 -17.08
C GLY C 433 -33.94 -7.09 -16.03
N PHE C 434 -32.94 -7.84 -15.60
CA PHE C 434 -33.07 -8.91 -14.61
C PHE C 434 -32.02 -8.89 -13.51
N LYS C 435 -32.46 -9.11 -12.27
CA LYS C 435 -31.56 -9.45 -11.20
C LYS C 435 -31.54 -10.96 -11.06
N ASN C 436 -30.44 -11.58 -11.49
CA ASN C 436 -30.35 -13.03 -11.65
C ASN C 436 -31.53 -13.50 -12.48
N LYS C 437 -32.45 -14.28 -11.89
CA LYS C 437 -33.64 -14.71 -12.65
C LYS C 437 -34.85 -13.79 -12.46
N ALA C 438 -34.73 -12.80 -11.59
CA ALA C 438 -35.86 -11.93 -11.27
C ALA C 438 -35.92 -10.68 -12.14
N PRO C 439 -37.08 -10.45 -12.79
CA PRO C 439 -37.21 -9.28 -13.66
C PRO C 439 -37.28 -7.96 -12.90
N GLN C 440 -36.81 -6.90 -13.53
CA GLN C 440 -36.86 -5.58 -12.96
C GLN C 440 -37.73 -4.71 -13.84
N PHE C 441 -38.59 -3.92 -13.22
CA PHE C 441 -39.64 -3.20 -13.93
C PHE C 441 -39.58 -1.70 -13.74
N SER C 442 -39.72 -0.99 -14.86
CA SER C 442 -40.03 0.43 -14.86
C SER C 442 -41.52 0.65 -14.67
N PHE C 443 -41.89 1.55 -13.76
CA PHE C 443 -43.30 1.83 -13.52
C PHE C 443 -43.81 2.80 -14.58
N ILE C 444 -44.85 2.40 -15.30
CA ILE C 444 -45.41 3.28 -16.31
C ILE C 444 -46.58 4.08 -15.74
N CYS C 445 -47.65 3.37 -15.36
CA CYS C 445 -48.83 4.05 -14.85
C CYS C 445 -49.82 3.07 -14.22
N ARG C 446 -50.77 3.62 -13.48
CA ARG C 446 -51.97 2.89 -13.14
C ARG C 446 -52.92 3.17 -14.30
N LYS C 447 -53.51 2.14 -14.89
CA LYS C 447 -54.31 2.27 -16.13
C LYS C 447 -55.39 3.33 -16.05
N ASN C 448 -55.50 4.12 -17.11
CA ASN C 448 -56.56 5.11 -17.32
C ASN C 448 -56.52 6.38 -16.45
N VAL C 449 -55.49 6.55 -15.63
CA VAL C 449 -55.40 7.76 -14.81
C VAL C 449 -55.05 8.97 -15.70
N VAL C 450 -55.85 10.03 -15.57
CA VAL C 450 -55.71 11.24 -16.37
C VAL C 450 -55.27 12.41 -15.49
N LEU C 451 -55.89 12.54 -14.32
CA LEU C 451 -55.56 13.62 -13.40
C LEU C 451 -55.23 13.09 -12.00
N SER C 452 -54.22 13.69 -11.39
CA SER C 452 -53.82 13.29 -10.05
C SER C 452 -52.96 14.37 -9.40
N ILE C 453 -53.31 14.75 -8.18
CA ILE C 453 -52.49 15.68 -7.42
C ILE C 453 -51.74 14.93 -6.32
N ASP C 454 -52.43 14.15 -5.51
CA ASP C 454 -51.73 13.29 -4.56
C ASP C 454 -52.10 11.82 -4.82
N SER C 455 -52.74 11.17 -3.84
CA SER C 455 -53.19 9.78 -4.01
C SER C 455 -54.46 9.69 -4.85
N ASP C 456 -55.13 10.82 -5.03
CA ASP C 456 -56.35 10.88 -5.84
C ASP C 456 -56.08 10.51 -7.30
N LYS C 457 -57.02 9.81 -7.91
CA LYS C 457 -56.84 9.33 -9.28
C LYS C 457 -58.12 9.44 -10.09
N THR C 458 -58.16 10.42 -11.00
CA THR C 458 -59.36 10.66 -11.78
C THR C 458 -59.11 10.08 -13.15
N ASP C 459 -59.94 9.11 -13.53
CA ASP C 459 -59.77 8.49 -14.82
C ASP C 459 -60.60 9.24 -15.84
N GLU C 460 -60.53 8.79 -17.08
CA GLU C 460 -61.16 9.49 -18.17
C GLU C 460 -62.69 9.39 -18.19
N VAL C 461 -63.25 8.22 -17.87
CA VAL C 461 -64.69 8.05 -17.84
CA VAL C 461 -64.70 8.10 -17.88
C VAL C 461 -65.28 8.94 -16.74
N GLU C 462 -64.57 8.96 -15.61
CA GLU C 462 -64.92 9.78 -14.46
C GLU C 462 -64.94 11.26 -14.81
N LEU C 463 -63.90 11.72 -15.49
CA LEU C 463 -63.82 13.10 -15.94
C LEU C 463 -64.92 13.41 -16.95
N GLN C 464 -65.12 12.50 -17.92
CA GLN C 464 -66.15 12.73 -18.93
C GLN C 464 -67.53 12.85 -18.28
N ASN C 465 -67.82 11.94 -17.36
CA ASN C 465 -69.12 11.97 -16.68
C ASN C 465 -69.24 13.16 -15.74
N ALA C 466 -68.13 13.56 -15.12
CA ALA C 466 -68.09 14.78 -14.31
C ALA C 466 -68.43 16.00 -15.15
N VAL C 467 -67.83 16.09 -16.34
CA VAL C 467 -68.11 17.21 -17.19
C VAL C 467 -69.58 17.19 -17.65
N LYS C 468 -70.08 16.01 -18.02
CA LYS C 468 -71.46 15.92 -18.50
C LYS C 468 -72.48 16.28 -17.42
N ASN C 469 -72.18 16.00 -16.15
CA ASN C 469 -73.06 16.44 -15.05
C ASN C 469 -73.05 17.96 -14.96
N ALA C 470 -71.86 18.54 -15.10
CA ALA C 470 -71.67 19.98 -14.96
C ALA C 470 -72.39 20.77 -16.05
N VAL C 471 -72.51 20.16 -17.21
CA VAL C 471 -73.12 20.75 -18.37
C VAL C 471 -74.59 21.09 -18.23
N THR C 472 -75.43 20.29 -17.59
CA THR C 472 -76.87 20.54 -17.64
C THR C 472 -77.18 21.89 -17.09
N HIS C 473 -76.30 22.40 -16.27
CA HIS C 473 -76.45 23.68 -15.67
C HIS C 473 -76.49 24.81 -16.66
N LEU C 474 -75.87 24.60 -17.80
CA LEU C 474 -75.87 25.53 -18.91
C LEU C 474 -77.18 25.67 -19.66
N VAL C 475 -77.98 24.63 -19.65
CA VAL C 475 -78.99 24.40 -20.64
C VAL C 475 -79.91 25.60 -20.59
N PRO C 476 -80.15 26.15 -19.33
CA PRO C 476 -81.14 27.23 -19.33
C PRO C 476 -80.79 28.36 -20.23
N PHE C 477 -79.54 28.71 -20.37
CA PHE C 477 -79.20 29.77 -21.28
C PHE C 477 -78.91 29.21 -22.64
N ASP C 478 -79.26 27.96 -22.85
CA ASP C 478 -79.20 27.37 -24.14
C ASP C 478 -77.79 27.54 -24.70
N ALA C 479 -76.81 27.20 -23.89
CA ALA C 479 -75.43 27.54 -24.09
C ALA C 479 -74.64 26.28 -24.23
N SER C 480 -73.50 26.38 -24.85
CA SER C 480 -72.84 25.21 -25.36
C SER C 480 -71.47 25.03 -24.78
N LEU C 481 -71.15 23.79 -24.41
CA LEU C 481 -69.78 23.41 -24.24
C LEU C 481 -69.40 22.75 -25.53
N SER C 482 -68.47 23.36 -26.22
CA SER C 482 -68.00 22.82 -27.47
C SER C 482 -66.81 21.87 -27.33
N GLU C 483 -65.80 22.22 -26.56
CA GLU C 483 -64.65 21.36 -26.31
C GLU C 483 -64.02 21.68 -24.96
N TYR C 484 -63.32 20.71 -24.37
CA TYR C 484 -62.63 20.96 -23.11
C TYR C 484 -61.34 20.18 -22.98
N THR C 485 -60.46 20.66 -22.10
CA THR C 485 -59.29 19.90 -21.67
C THR C 485 -58.98 20.22 -20.20
N SER C 486 -58.06 19.46 -19.64
CA SER C 486 -57.80 19.54 -18.21
C SER C 486 -56.31 19.59 -17.95
N TYR C 487 -55.96 19.85 -16.70
CA TYR C 487 -54.60 20.13 -16.33
C TYR C 487 -54.45 20.11 -14.81
N ALA C 488 -53.48 19.33 -14.34
CA ALA C 488 -53.13 19.26 -12.92
C ALA C 488 -52.22 20.43 -12.58
N ASP C 489 -52.78 21.43 -11.92
CA ASP C 489 -52.05 22.66 -11.64
C ASP C 489 -51.27 22.50 -10.35
N THR C 490 -49.96 22.29 -10.44
CA THR C 490 -49.16 22.07 -9.24
C THR C 490 -48.31 23.29 -8.87
N SER C 491 -48.60 24.43 -9.49
CA SER C 491 -47.79 25.63 -9.29
C SER C 491 -47.92 26.20 -7.87
N SER C 492 -49.04 25.92 -7.20
CA SER C 492 -49.14 26.24 -5.77
C SER C 492 -49.41 24.95 -4.99
N ILE C 493 -49.23 24.99 -3.67
CA ILE C 493 -49.41 23.81 -2.85
C ILE C 493 -50.55 24.06 -1.86
N PRO C 494 -51.56 23.17 -1.85
CA PRO C 494 -51.64 21.99 -2.72
C PRO C 494 -52.15 22.32 -4.12
N GLY C 495 -51.82 21.47 -5.09
CA GLY C 495 -52.29 21.64 -6.43
C GLY C 495 -53.80 21.47 -6.56
N HIS C 496 -54.34 21.79 -7.74
CA HIS C 496 -55.75 21.60 -8.01
C HIS C 496 -55.99 21.25 -9.47
N TYR C 497 -57.20 20.80 -9.77
CA TYR C 497 -57.58 20.46 -11.14
C TYR C 497 -58.04 21.74 -11.84
N VAL C 498 -57.56 21.94 -13.06
CA VAL C 498 -58.05 23.03 -13.88
C VAL C 498 -58.70 22.47 -15.14
N LEU C 499 -59.89 22.96 -15.45
CA LEU C 499 -60.59 22.64 -16.67
C LEU C 499 -60.66 23.88 -17.57
N PHE C 500 -60.24 23.74 -18.82
CA PHE C 500 -60.40 24.78 -19.82
C PHE C 500 -61.67 24.47 -20.61
N TRP C 501 -62.59 25.42 -20.67
CA TRP C 501 -63.86 25.22 -21.34
C TRP C 501 -64.01 26.18 -22.51
N GLU C 502 -64.54 25.71 -23.60
CA GLU C 502 -64.87 26.55 -24.72
C GLU C 502 -66.32 26.30 -25.08
N LEU C 503 -67.13 27.34 -25.10
CA LEU C 503 -68.58 27.22 -25.21
C LEU C 503 -69.20 27.73 -26.48
N CYS C 504 -70.28 27.07 -26.89
CA CYS C 504 -71.18 27.67 -27.86
C CYS C 504 -72.38 28.34 -27.17
N LEU C 505 -72.49 29.64 -27.37
CA LEU C 505 -73.55 30.50 -26.89
C LEU C 505 -75.00 30.34 -27.41
N ASP C 506 -75.19 30.07 -28.69
CA ASP C 506 -76.52 29.75 -29.17
C ASP C 506 -76.96 28.39 -28.64
N PRO C 512 -74.59 33.89 -15.90
CA PRO C 512 -74.08 34.68 -14.79
C PRO C 512 -73.11 33.88 -14.03
N PRO C 513 -72.26 34.58 -13.18
CA PRO C 513 -71.18 33.76 -12.66
C PRO C 513 -71.63 32.58 -11.79
N SER C 514 -72.58 32.78 -10.91
CA SER C 514 -72.83 31.81 -9.88
C SER C 514 -73.17 30.49 -10.55
N VAL C 515 -73.60 30.56 -11.80
CA VAL C 515 -73.83 29.40 -12.62
C VAL C 515 -72.60 28.56 -13.00
N PHE C 516 -71.50 29.23 -13.30
CA PHE C 516 -70.25 28.53 -13.46
C PHE C 516 -69.75 27.88 -12.22
N GLU C 517 -69.87 28.57 -11.09
CA GLU C 517 -69.43 28.07 -9.78
C GLU C 517 -70.24 26.83 -9.51
N ASP C 518 -71.51 26.84 -9.89
CA ASP C 518 -72.33 25.66 -9.73
C ASP C 518 -71.66 24.60 -10.57
N CYS C 519 -71.11 25.01 -11.72
CA CYS C 519 -70.44 24.04 -12.57
C CYS C 519 -69.24 23.48 -11.93
N CYS C 520 -68.43 24.29 -11.25
CA CYS C 520 -67.21 23.73 -10.67
C CYS C 520 -67.57 22.66 -9.61
N LEU C 521 -68.58 22.96 -8.81
CA LEU C 521 -69.03 22.08 -7.74
C LEU C 521 -69.63 20.79 -8.30
N ALA C 522 -70.41 20.91 -9.36
CA ALA C 522 -70.99 19.73 -10.01
C ALA C 522 -69.90 18.77 -10.50
N VAL C 523 -68.79 19.32 -11.00
CA VAL C 523 -67.67 18.47 -11.41
C VAL C 523 -67.10 17.74 -10.19
N GLU C 524 -66.81 18.51 -9.14
CA GLU C 524 -66.15 17.99 -7.95
C GLU C 524 -67.00 16.92 -7.28
N GLU C 525 -68.32 17.07 -7.38
CA GLU C 525 -69.24 16.17 -6.71
C GLU C 525 -69.49 14.90 -7.54
N SER C 526 -68.90 14.85 -8.73
CA SER C 526 -68.95 13.66 -9.58
C SER C 526 -67.69 12.80 -9.45
N PHE C 527 -66.68 13.34 -8.77
CA PHE C 527 -65.40 12.67 -8.56
C PHE C 527 -65.50 11.66 -7.42
N ASN C 528 -64.52 10.79 -7.29
CA ASN C 528 -64.58 9.70 -6.31
C ASN C 528 -64.21 10.15 -4.90
N THR C 529 -64.36 9.24 -3.95
CA THR C 529 -64.31 9.63 -2.55
C THR C 529 -62.89 9.96 -2.09
N VAL C 530 -61.90 9.61 -2.90
CA VAL C 530 -60.52 9.91 -2.56
C VAL C 530 -60.20 11.35 -2.97
N TYR C 531 -60.78 11.81 -4.08
CA TYR C 531 -60.72 13.23 -4.43
C TYR C 531 -61.37 14.08 -3.33
N ARG C 532 -62.61 13.77 -2.96
CA ARG C 532 -63.34 14.57 -1.98
C ARG C 532 -62.68 14.48 -0.60
N GLN C 533 -62.02 13.37 -0.31
CA GLN C 533 -61.31 13.22 0.96
C GLN C 533 -60.09 14.14 0.98
N GLY C 534 -59.43 14.23 -0.17
CA GLY C 534 -58.34 15.16 -0.36
C GLY C 534 -58.74 16.61 -0.18
N ARG C 535 -59.93 16.95 -0.69
CA ARG C 535 -60.49 18.30 -0.57
C ARG C 535 -60.95 18.67 0.85
N VAL C 536 -61.71 17.78 1.48
CA VAL C 536 -62.36 18.10 2.75
C VAL C 536 -61.47 17.86 3.97
N SER C 537 -60.84 16.69 4.06
CA SER C 537 -60.10 16.34 5.27
C SER C 537 -58.57 16.45 5.14
N ASP C 538 -57.98 15.72 4.19
CA ASP C 538 -56.52 15.67 4.04
C ASP C 538 -55.89 17.00 3.61
N LYS C 539 -56.69 17.89 3.02
CA LYS C 539 -56.23 19.17 2.49
C LYS C 539 -55.11 19.02 1.46
N SER C 540 -55.16 17.93 0.71
CA SER C 540 -54.16 17.63 -0.30
C SER C 540 -54.54 18.15 -1.68
N ILE C 541 -55.77 18.64 -1.82
CA ILE C 541 -56.26 19.14 -3.11
C ILE C 541 -56.94 20.49 -2.93
N GLY C 542 -56.60 21.45 -3.80
CA GLY C 542 -57.23 22.75 -3.80
C GLY C 542 -58.52 22.72 -4.58
N PRO C 543 -59.34 23.79 -4.47
CA PRO C 543 -60.63 23.89 -5.17
C PRO C 543 -60.47 23.78 -6.68
N LEU C 544 -61.38 23.06 -7.34
CA LEU C 544 -61.32 22.91 -8.78
C LEU C 544 -61.55 24.26 -9.45
N GLU C 545 -60.85 24.50 -10.55
CA GLU C 545 -60.98 25.74 -11.30
C GLU C 545 -61.42 25.46 -12.74
N ILE C 546 -62.45 26.19 -13.18
CA ILE C 546 -62.84 26.17 -14.57
C ILE C 546 -62.46 27.49 -15.22
N LYS C 547 -61.72 27.39 -16.32
CA LYS C 547 -61.29 28.55 -17.09
C LYS C 547 -61.99 28.57 -18.43
N ILE C 548 -62.74 29.63 -18.68
CA ILE C 548 -63.43 29.78 -19.96
C ILE C 548 -62.45 30.39 -20.94
N VAL C 549 -62.35 29.81 -22.14
CA VAL C 549 -61.39 30.33 -23.12
C VAL C 549 -62.11 30.90 -24.35
N GLU C 550 -61.40 31.75 -25.09
CA GLU C 550 -61.94 32.42 -26.29
C GLU C 550 -62.38 31.41 -27.35
N PRO C 551 -63.44 31.74 -28.10
CA PRO C 551 -63.81 30.87 -29.22
C PRO C 551 -62.65 30.74 -30.20
N GLY C 552 -62.34 29.50 -30.61
CA GLY C 552 -61.26 29.26 -31.55
C GLY C 552 -59.94 28.90 -30.88
N THR C 553 -59.98 28.77 -29.55
CA THR C 553 -58.78 28.49 -28.75
C THR C 553 -58.24 27.09 -28.97
N PHE C 554 -59.14 26.11 -29.01
CA PHE C 554 -58.75 24.74 -29.27
C PHE C 554 -58.42 24.53 -30.75
N ASP C 555 -58.80 25.48 -31.61
CA ASP C 555 -58.28 25.49 -32.98
C ASP C 555 -56.80 25.83 -32.93
N LYS C 556 -56.46 26.82 -32.12
CA LYS C 556 -55.05 27.21 -31.98
C LYS C 556 -54.26 26.11 -31.30
N LEU C 557 -54.88 25.42 -30.34
CA LEU C 557 -54.24 24.28 -29.70
C LEU C 557 -53.91 23.20 -30.75
N MET C 558 -54.88 22.90 -31.60
CA MET C 558 -54.68 21.94 -32.69
C MET C 558 -53.55 22.35 -33.62
N ASP C 559 -53.53 23.61 -34.08
CA ASP C 559 -52.48 24.08 -34.99
C ASP C 559 -51.10 23.89 -34.36
N TYR C 560 -50.99 24.19 -33.07
CA TYR C 560 -49.72 24.08 -32.36
C TYR C 560 -49.34 22.60 -32.20
N ALA C 561 -50.31 21.76 -31.84
CA ALA C 561 -50.03 20.34 -31.65
C ALA C 561 -49.58 19.70 -32.96
N ILE C 562 -50.15 20.11 -34.08
CA ILE C 562 -49.69 19.64 -35.39
C ILE C 562 -48.22 20.01 -35.60
N SER C 563 -47.85 21.20 -35.16
CA SER C 563 -46.46 21.65 -35.23
C SER C 563 -45.52 20.78 -34.38
N LEU C 564 -46.05 20.12 -33.35
CA LEU C 564 -45.23 19.30 -32.47
C LEU C 564 -45.10 17.87 -33.00
N GLY C 565 -46.00 17.49 -33.90
CA GLY C 565 -45.94 16.17 -34.51
C GLY C 565 -47.21 15.35 -34.34
N ALA C 566 -48.25 15.96 -33.77
CA ALA C 566 -49.53 15.28 -33.62
C ALA C 566 -50.11 14.95 -35.00
N SER C 567 -50.63 13.74 -35.14
CA SER C 567 -51.28 13.33 -36.39
C SER C 567 -52.57 14.10 -36.62
N ILE C 568 -52.70 14.69 -37.78
CA ILE C 568 -53.90 15.38 -38.18
C ILE C 568 -55.07 14.44 -38.31
N ASN C 569 -54.83 13.22 -38.67
CA ASN C 569 -55.89 12.26 -38.87
C ASN C 569 -56.67 12.12 -37.57
N GLN C 570 -56.08 12.49 -36.45
CA GLN C 570 -56.76 12.52 -35.14
C GLN C 570 -57.16 13.88 -34.61
N TYR C 571 -58.47 14.00 -34.45
CA TYR C 571 -59.02 15.23 -34.02
C TYR C 571 -59.21 15.28 -32.62
N LYS C 572 -58.93 14.21 -31.91
CA LYS C 572 -59.39 14.17 -30.55
C LYS C 572 -58.65 15.31 -29.83
N THR C 573 -59.38 16.28 -29.30
CA THR C 573 -58.78 17.28 -28.42
C THR C 573 -58.39 16.48 -27.22
N PRO C 574 -57.12 16.77 -26.70
CA PRO C 574 -56.75 15.84 -25.62
C PRO C 574 -57.54 16.10 -24.34
N ARG C 575 -57.74 15.06 -23.57
CA ARG C 575 -58.45 15.16 -22.33
C ARG C 575 -57.69 15.87 -21.23
N CYS C 576 -56.38 15.81 -21.33
CA CYS C 576 -55.44 16.38 -20.37
C CYS C 576 -54.26 16.99 -21.11
N VAL C 577 -53.71 18.09 -20.59
CA VAL C 577 -52.50 18.68 -21.15
C VAL C 577 -51.52 18.99 -20.02
N LYS C 578 -50.22 18.98 -20.37
CA LYS C 578 -49.15 19.08 -19.37
C LYS C 578 -47.99 19.94 -19.87
N PHE C 579 -47.76 19.92 -21.18
CA PHE C 579 -46.69 20.68 -21.81
C PHE C 579 -46.84 22.18 -21.55
N ALA C 580 -45.83 22.79 -20.93
CA ALA C 580 -45.92 24.17 -20.47
C ALA C 580 -46.29 25.18 -21.56
N PRO C 581 -45.66 25.11 -22.75
CA PRO C 581 -46.09 26.07 -23.77
C PRO C 581 -47.55 25.92 -24.17
N ILE C 582 -48.09 24.70 -24.13
CA ILE C 582 -49.51 24.48 -24.42
C ILE C 582 -50.40 25.12 -23.33
N ILE C 583 -50.05 24.90 -22.07
CA ILE C 583 -50.79 25.50 -20.95
C ILE C 583 -50.72 27.02 -21.02
N GLU C 584 -49.55 27.54 -21.37
CA GLU C 584 -49.40 28.98 -21.45
C GLU C 584 -50.24 29.53 -22.61
N LEU C 585 -50.31 28.77 -23.71
CA LEU C 585 -51.16 29.16 -24.83
C LEU C 585 -52.63 29.21 -24.42
N LEU C 586 -53.09 28.19 -23.70
CA LEU C 586 -54.47 28.14 -23.21
C LEU C 586 -54.75 29.25 -22.21
N ASN C 587 -53.85 29.44 -21.25
CA ASN C 587 -53.96 30.50 -20.25
C ASN C 587 -53.98 31.89 -20.85
N SER C 588 -53.33 32.08 -21.99
CA SER C 588 -53.28 33.39 -22.62
C SER C 588 -54.61 33.80 -23.26
N ARG C 589 -55.50 32.83 -23.42
CA ARG C 589 -56.76 33.06 -24.11
C ARG C 589 -57.96 32.96 -23.15
N VAL C 590 -57.69 33.06 -21.84
CA VAL C 590 -58.76 32.92 -20.83
C VAL C 590 -59.61 34.18 -20.68
N VAL C 591 -60.92 34.00 -20.79
CA VAL C 591 -61.88 35.10 -20.69
C VAL C 591 -62.38 35.29 -19.25
N ASP C 592 -62.68 34.17 -18.59
CA ASP C 592 -63.15 34.15 -17.21
C ASP C 592 -62.63 32.92 -16.48
N SER C 593 -62.47 33.07 -15.18
CA SER C 593 -61.97 32.02 -14.29
C SER C 593 -62.90 31.84 -13.09
N TYR C 594 -63.15 30.61 -12.65
CA TYR C 594 -64.05 30.35 -11.52
C TYR C 594 -63.56 29.20 -10.65
N PHE C 595 -63.84 29.28 -9.36
CA PHE C 595 -63.49 28.23 -8.41
C PHE C 595 -64.73 27.66 -7.73
N SER C 596 -64.68 26.36 -7.42
CA SER C 596 -65.74 25.73 -6.66
C SER C 596 -65.97 26.56 -5.41
N PRO C 597 -67.22 27.00 -5.21
CA PRO C 597 -67.57 27.91 -4.13
C PRO C 597 -67.54 27.25 -2.75
N LYS C 598 -67.62 25.92 -2.71
CA LYS C 598 -67.58 25.18 -1.46
C LYS C 598 -67.05 23.78 -1.66
N CYS C 599 -66.66 23.11 -0.58
CA CYS C 599 -66.15 21.75 -0.64
C CYS C 599 -67.21 20.76 -1.13
N PRO C 600 -66.78 19.71 -1.84
CA PRO C 600 -67.74 18.77 -2.43
C PRO C 600 -68.49 17.96 -1.38
N LYS C 601 -69.71 17.60 -1.71
CA LYS C 601 -70.49 16.70 -0.87
C LYS C 601 -69.84 15.32 -0.84
N THR D 16 17.91 -2.07 -18.10
CA THR D 16 17.37 -3.36 -18.53
C THR D 16 17.85 -4.57 -17.69
N LEU D 17 19.10 -4.61 -17.25
CA LEU D 17 19.55 -5.75 -16.46
C LEU D 17 18.96 -5.68 -15.06
N ASP D 18 18.95 -4.47 -14.53
CA ASP D 18 18.23 -4.16 -13.31
C ASP D 18 16.78 -4.60 -13.46
N GLN D 19 16.24 -4.32 -14.64
CA GLN D 19 14.86 -4.64 -14.98
C GLN D 19 14.63 -6.12 -15.21
N LYS D 20 15.59 -6.80 -15.85
CA LYS D 20 15.47 -8.25 -16.07
C LYS D 20 15.33 -9.00 -14.76
N ASN D 21 16.09 -8.60 -13.75
CA ASN D 21 16.00 -9.11 -12.41
C ASN D 21 14.61 -8.82 -11.78
N LYS D 22 14.06 -7.62 -11.98
CA LYS D 22 12.77 -7.26 -11.38
C LYS D 22 11.68 -8.14 -11.87
N GLN D 23 11.73 -8.45 -13.13
CA GLN D 23 10.80 -9.30 -13.77
C GLN D 23 10.74 -10.74 -13.18
N LYS D 24 11.88 -11.36 -12.94
CA LYS D 24 11.96 -12.62 -12.25
C LYS D 24 11.50 -12.54 -10.81
N LEU D 25 11.89 -11.49 -10.12
CA LEU D 25 11.47 -11.28 -8.76
C LEU D 25 9.98 -11.07 -8.66
N GLN D 26 9.41 -10.36 -9.59
CA GLN D 26 7.97 -10.11 -9.59
C GLN D 26 7.21 -11.38 -9.94
N LEU D 27 7.79 -12.20 -10.82
CA LEU D 27 7.24 -13.51 -11.15
C LEU D 27 7.12 -14.37 -9.89
N ILE D 28 8.17 -14.37 -9.08
CA ILE D 28 8.15 -15.12 -7.84
C ILE D 28 7.01 -14.65 -6.93
N GLU D 29 6.84 -13.33 -6.81
CA GLU D 29 5.73 -12.77 -6.05
C GLU D 29 4.37 -13.25 -6.56
N GLU D 30 4.16 -13.20 -7.87
CA GLU D 30 2.89 -13.63 -8.46
C GLU D 30 2.57 -15.09 -8.17
N LEU D 31 3.55 -15.93 -8.44
CA LEU D 31 3.45 -17.37 -8.28
C LEU D 31 3.17 -17.74 -6.84
N THR D 32 3.84 -17.08 -5.89
CA THR D 32 3.67 -17.41 -4.49
C THR D 32 2.40 -16.77 -3.93
N SER D 33 2.04 -15.58 -4.42
CA SER D 33 0.81 -14.91 -4.00
C SER D 33 -0.45 -15.66 -4.45
N ASN D 34 -0.35 -16.34 -5.59
CA ASN D 34 -1.46 -17.09 -6.16
C ASN D 34 -1.16 -18.60 -6.22
N ALA D 35 -0.39 -19.09 -5.24
CA ALA D 35 0.11 -20.45 -5.20
C ALA D 35 -0.96 -21.54 -5.32
N ASP D 36 -2.11 -21.35 -4.69
CA ASP D 36 -3.15 -22.38 -4.76
C ASP D 36 -3.76 -22.46 -6.17
N GLN D 37 -4.05 -21.31 -6.77
CA GLN D 37 -4.63 -21.28 -8.12
C GLN D 37 -3.66 -21.81 -9.15
N VAL D 38 -2.36 -21.56 -8.96
CA VAL D 38 -1.34 -22.10 -9.86
C VAL D 38 -1.31 -23.62 -9.75
N GLN D 39 -1.39 -24.12 -8.51
CA GLN D 39 -1.46 -25.56 -8.27
C GLN D 39 -2.70 -26.17 -8.92
N ARG D 40 -3.83 -25.49 -8.83
CA ARG D 40 -5.06 -25.92 -9.52
C ARG D 40 -4.87 -26.00 -11.02
N GLN D 41 -4.34 -24.93 -11.59
CA GLN D 41 -4.08 -24.85 -13.03
C GLN D 41 -3.15 -25.97 -13.49
N VAL D 42 -2.13 -26.27 -12.70
CA VAL D 42 -1.13 -27.26 -13.08
C VAL D 42 -1.74 -28.66 -13.10
N LEU D 43 -2.52 -29.00 -12.08
CA LEU D 43 -3.14 -30.32 -12.02
C LEU D 43 -4.20 -30.51 -13.10
N GLU D 44 -5.08 -29.52 -13.25
CA GLU D 44 -6.12 -29.56 -14.27
C GLU D 44 -5.48 -29.70 -15.65
N GLU D 45 -4.32 -29.07 -15.82
CA GLU D 45 -3.59 -29.10 -17.08
C GLU D 45 -3.03 -30.50 -17.34
N ILE D 46 -2.38 -31.08 -16.34
CA ILE D 46 -1.82 -32.43 -16.46
C ILE D 46 -2.93 -33.46 -16.73
N LEU D 47 -3.96 -33.43 -15.89
CA LEU D 47 -5.04 -34.40 -16.02
C LEU D 47 -5.86 -34.20 -17.30
N THR D 48 -5.82 -33.00 -17.87
CA THR D 48 -6.54 -32.76 -19.12
C THR D 48 -5.73 -33.31 -20.29
N ARG D 49 -4.45 -32.98 -20.36
CA ARG D 49 -3.58 -33.49 -21.41
C ARG D 49 -3.42 -35.01 -21.39
N ASN D 50 -3.20 -35.55 -20.20
CA ASN D 50 -2.96 -36.98 -20.05
C ASN D 50 -4.24 -37.79 -19.82
N ALA D 51 -5.39 -37.18 -20.10
CA ALA D 51 -6.69 -37.77 -19.81
C ALA D 51 -6.86 -39.16 -20.42
N ASP D 52 -6.23 -39.37 -21.58
CA ASP D 52 -6.37 -40.62 -22.32
C ASP D 52 -5.14 -41.54 -22.29
N VAL D 53 -4.17 -41.26 -21.42
CA VAL D 53 -3.02 -42.17 -21.27
C VAL D 53 -3.48 -43.38 -20.47
N GLU D 54 -2.76 -44.49 -20.61
CA GLU D 54 -3.19 -45.74 -20.00
C GLU D 54 -3.32 -45.69 -18.47
N TYR D 55 -2.36 -45.02 -17.82
CA TYR D 55 -2.32 -44.99 -16.36
C TYR D 55 -3.55 -44.34 -15.74
N LEU D 56 -4.00 -43.21 -16.29
CA LEU D 56 -5.21 -42.56 -15.81
C LEU D 56 -6.50 -43.31 -16.19
N ARG D 57 -6.57 -43.83 -17.42
CA ARG D 57 -7.74 -44.58 -17.89
C ARG D 57 -7.99 -45.85 -17.07
N ARG D 58 -6.90 -46.54 -16.72
CA ARG D 58 -7.00 -47.78 -15.95
C ARG D 58 -7.64 -47.52 -14.59
N HIS D 59 -7.36 -46.35 -14.03
CA HIS D 59 -7.84 -46.02 -12.69
C HIS D 59 -9.21 -45.38 -12.76
N ASP D 60 -9.85 -45.54 -13.92
CA ASP D 60 -11.19 -45.06 -14.20
C ASP D 60 -11.38 -43.61 -13.79
N LEU D 61 -10.42 -42.77 -14.17
CA LEU D 61 -10.49 -41.36 -13.85
C LEU D 61 -11.51 -40.71 -14.77
N ASN D 62 -11.89 -41.45 -15.82
CA ASN D 62 -12.98 -41.06 -16.71
C ASN D 62 -12.93 -39.58 -17.11
N GLY D 63 -11.75 -39.12 -17.51
CA GLY D 63 -11.56 -37.78 -18.04
C GLY D 63 -11.63 -36.64 -17.05
N ARG D 64 -12.19 -36.89 -15.87
CA ARG D 64 -12.41 -35.84 -14.86
C ARG D 64 -11.09 -35.33 -14.30
N THR D 65 -11.06 -34.04 -14.01
CA THR D 65 -9.80 -33.38 -13.70
C THR D 65 -9.85 -32.56 -12.42
N ASP D 66 -10.94 -32.71 -11.67
CA ASP D 66 -11.08 -31.96 -10.43
C ASP D 66 -10.18 -32.53 -9.34
N ARG D 67 -9.87 -31.71 -8.35
CA ARG D 67 -8.93 -32.09 -7.31
C ARG D 67 -9.46 -33.17 -6.38
N GLU D 68 -10.69 -32.99 -5.90
CA GLU D 68 -11.29 -33.91 -4.92
C GLU D 68 -11.33 -35.34 -5.46
N THR D 69 -11.75 -35.49 -6.71
CA THR D 69 -11.75 -36.79 -7.39
C THR D 69 -10.34 -37.37 -7.49
N PHE D 70 -9.40 -36.54 -7.92
CA PHE D 70 -7.99 -36.94 -8.07
C PHE D 70 -7.46 -37.54 -6.77
N LYS D 71 -7.70 -36.84 -5.67
CA LYS D 71 -7.22 -37.27 -4.36
C LYS D 71 -7.95 -38.53 -3.85
N ASN D 72 -9.23 -38.64 -4.15
CA ASN D 72 -10.03 -39.77 -3.67
C ASN D 72 -9.87 -41.04 -4.51
N ILE D 73 -9.35 -40.91 -5.72
CA ILE D 73 -9.33 -42.03 -6.67
C ILE D 73 -7.92 -42.52 -6.97
N MET D 74 -7.02 -41.61 -7.33
CA MET D 74 -5.66 -41.98 -7.70
C MET D 74 -4.84 -42.38 -6.48
N PRO D 75 -4.21 -43.55 -6.53
CA PRO D 75 -3.42 -44.02 -5.38
C PRO D 75 -2.11 -43.26 -5.23
N VAL D 76 -1.65 -43.14 -3.98
CA VAL D 76 -0.33 -42.59 -3.67
C VAL D 76 0.63 -43.73 -3.90
N ILE D 77 1.66 -43.51 -4.72
CA ILE D 77 2.51 -44.61 -5.17
C ILE D 77 4.00 -44.41 -4.90
N THR D 78 4.75 -45.52 -4.97
CA THR D 78 6.21 -45.46 -5.02
C THR D 78 6.67 -45.96 -6.39
N TYR D 79 7.98 -45.98 -6.62
CA TYR D 79 8.55 -46.39 -7.90
C TYR D 79 8.18 -47.82 -8.27
N GLU D 80 8.15 -48.69 -7.28
CA GLU D 80 7.87 -50.09 -7.49
C GLU D 80 6.45 -50.25 -8.05
N ASP D 81 5.59 -49.26 -7.83
CA ASP D 81 4.21 -49.30 -8.30
C ASP D 81 4.10 -49.05 -9.80
N ILE D 82 4.95 -48.18 -10.35
CA ILE D 82 4.85 -47.88 -11.77
C ILE D 82 6.01 -48.44 -12.61
N GLU D 83 6.85 -49.28 -12.01
CA GLU D 83 7.95 -49.91 -12.75
C GLU D 83 7.47 -50.73 -13.96
N PRO D 84 6.36 -51.50 -13.84
CA PRO D 84 5.90 -52.19 -15.06
C PRO D 84 5.69 -51.23 -16.24
N GLU D 85 5.08 -50.08 -15.99
CA GLU D 85 4.93 -49.06 -17.04
C GLU D 85 6.26 -48.52 -17.53
N ILE D 86 7.16 -48.19 -16.60
CA ILE D 86 8.49 -47.68 -16.92
C ILE D 86 9.29 -48.66 -17.79
N ASN D 87 9.38 -49.92 -17.35
CA ASN D 87 10.02 -50.99 -18.12
C ASN D 87 9.44 -51.09 -19.55
N ARG D 88 8.12 -51.07 -19.66
CA ARG D 88 7.45 -51.17 -20.96
C ARG D 88 7.87 -50.05 -21.91
N ILE D 89 7.97 -48.83 -21.37
CA ILE D 89 8.36 -47.67 -22.17
C ILE D 89 9.84 -47.76 -22.52
N ALA D 90 10.64 -48.15 -21.53
CA ALA D 90 12.07 -48.38 -21.72
C ALA D 90 12.34 -49.42 -22.81
N ASN D 91 11.49 -50.44 -22.88
CA ASN D 91 11.66 -51.50 -23.88
C ASN D 91 11.16 -51.12 -25.26
N GLY D 92 10.55 -49.95 -25.38
CA GLY D 92 10.20 -49.44 -26.69
C GLY D 92 8.73 -49.20 -26.97
N ASP D 93 7.87 -49.35 -25.98
CA ASP D 93 6.45 -49.10 -26.20
C ASP D 93 6.21 -47.59 -26.22
N LYS D 94 5.75 -47.07 -27.35
CA LYS D 94 5.57 -45.62 -27.48
C LYS D 94 4.11 -45.17 -27.45
N SER D 95 3.22 -46.06 -27.02
CA SER D 95 1.82 -45.68 -26.87
C SER D 95 1.70 -44.80 -25.61
N PRO D 96 0.62 -43.99 -25.53
CA PRO D 96 0.46 -43.10 -24.37
C PRO D 96 0.17 -43.89 -23.10
N ILE D 97 1.19 -44.10 -22.28
CA ILE D 97 1.06 -44.97 -21.12
C ILE D 97 1.00 -44.13 -19.85
N LEU D 98 1.95 -43.19 -19.71
CA LEU D 98 1.94 -42.22 -18.63
C LEU D 98 1.72 -40.80 -19.15
N SER D 99 2.14 -40.53 -20.38
CA SER D 99 2.12 -39.17 -20.90
C SER D 99 1.59 -39.08 -22.33
N SER D 100 0.80 -38.04 -22.60
CA SER D 100 0.27 -37.80 -23.94
C SER D 100 1.41 -37.39 -24.87
N LYS D 101 2.37 -36.67 -24.33
CA LYS D 101 3.57 -36.33 -25.09
C LYS D 101 4.63 -37.41 -24.96
N PRO D 102 5.37 -37.67 -26.04
CA PRO D 102 6.41 -38.71 -26.02
C PRO D 102 7.41 -38.52 -24.89
N ILE D 103 7.74 -39.61 -24.22
CA ILE D 103 8.84 -39.62 -23.27
C ILE D 103 10.13 -39.46 -24.06
N SER D 104 10.86 -38.37 -23.80
CA SER D 104 12.07 -38.05 -24.56
C SER D 104 13.29 -38.82 -24.07
N GLU D 105 13.34 -39.08 -22.76
CA GLU D 105 14.45 -39.82 -22.16
C GLU D 105 14.07 -40.24 -20.73
N PHE D 106 14.92 -41.07 -20.14
CA PHE D 106 14.78 -41.39 -18.73
C PHE D 106 15.88 -40.70 -17.96
N LEU D 107 15.49 -40.04 -16.88
CA LEU D 107 16.44 -39.39 -16.01
C LEU D 107 16.77 -40.34 -14.87
N THR D 108 17.99 -40.86 -14.89
CA THR D 108 18.42 -41.87 -13.95
C THR D 108 18.71 -41.22 -12.60
N SER D 109 17.88 -41.55 -11.62
CA SER D 109 17.95 -41.02 -10.28
C SER D 109 19.11 -41.64 -9.50
N SER D 110 19.64 -40.90 -8.53
CA SER D 110 20.63 -41.46 -7.62
C SER D 110 19.92 -42.36 -6.62
N GLY D 111 18.60 -42.23 -6.53
CA GLY D 111 17.80 -43.17 -5.78
C GLY D 111 17.72 -44.49 -6.53
N THR D 112 17.85 -45.61 -5.82
CA THR D 112 17.87 -46.91 -6.47
C THR D 112 16.75 -47.82 -6.06
N SER D 113 16.55 -48.84 -6.90
CA SER D 113 15.58 -49.90 -6.71
C SER D 113 16.21 -51.19 -7.19
N GLY D 114 16.21 -52.21 -6.33
CA GLY D 114 16.89 -53.46 -6.63
C GLY D 114 18.36 -53.26 -6.95
N GLY D 115 18.95 -52.23 -6.36
CA GLY D 115 20.35 -51.90 -6.58
C GLY D 115 20.65 -51.01 -7.77
N GLU D 116 19.62 -50.77 -8.60
CA GLU D 116 19.75 -50.07 -9.88
C GLU D 116 19.10 -48.71 -9.86
N ARG D 117 19.58 -47.79 -10.69
CA ARG D 117 19.05 -46.44 -10.73
C ARG D 117 17.61 -46.42 -11.17
N LYS D 118 16.80 -45.65 -10.44
CA LYS D 118 15.40 -45.43 -10.78
C LYS D 118 15.30 -44.63 -12.09
N LEU D 119 14.45 -45.09 -12.98
CA LEU D 119 14.26 -44.43 -14.27
C LEU D 119 13.05 -43.51 -14.20
N MET D 120 13.30 -42.22 -14.15
CA MET D 120 12.25 -41.21 -14.08
C MET D 120 11.97 -40.66 -15.46
N PRO D 121 10.72 -40.84 -15.91
CA PRO D 121 10.32 -40.36 -17.22
C PRO D 121 10.23 -38.84 -17.26
N THR D 122 10.66 -38.27 -18.37
CA THR D 122 10.56 -36.84 -18.57
C THR D 122 10.07 -36.60 -20.00
N ILE D 123 9.73 -35.35 -20.29
CA ILE D 123 9.30 -34.96 -21.63
C ILE D 123 10.06 -33.71 -22.00
N GLU D 124 10.18 -33.43 -23.29
CA GLU D 124 10.98 -32.31 -23.78
C GLU D 124 10.59 -31.00 -23.11
N GLU D 125 9.30 -30.81 -22.91
CA GLU D 125 8.74 -29.62 -22.27
C GLU D 125 9.37 -29.28 -20.91
N GLU D 126 9.78 -30.29 -20.14
CA GLU D 126 10.28 -30.06 -18.79
C GLU D 126 11.62 -29.30 -18.75
N LEU D 127 12.37 -29.32 -19.85
CA LEU D 127 13.61 -28.55 -19.92
C LEU D 127 13.29 -27.06 -19.74
N ASP D 128 12.18 -26.61 -20.33
CA ASP D 128 11.72 -25.23 -20.15
C ASP D 128 11.49 -24.85 -18.68
N ARG D 129 10.98 -25.80 -17.90
CA ARG D 129 10.67 -25.56 -16.51
C ARG D 129 11.93 -25.64 -15.65
N ARG D 130 12.90 -26.45 -16.06
CA ARG D 130 14.20 -26.48 -15.38
C ARG D 130 14.93 -25.18 -15.64
N SER D 131 14.87 -24.69 -16.88
CA SER D 131 15.48 -23.43 -17.21
C SER D 131 14.82 -22.26 -16.48
N LEU D 132 13.50 -22.33 -16.29
CA LEU D 132 12.79 -21.32 -15.51
C LEU D 132 13.39 -21.26 -14.12
N LEU D 133 13.43 -22.42 -13.46
CA LEU D 133 14.04 -22.55 -12.14
C LEU D 133 15.43 -21.88 -12.07
N TYR D 134 16.34 -22.27 -12.98
CA TYR D 134 17.68 -21.67 -13.00
C TYR D 134 17.67 -20.16 -13.21
N SER D 135 16.70 -19.64 -13.97
CA SER D 135 16.65 -18.22 -14.30
C SER D 135 16.20 -17.34 -13.12
N LEU D 136 15.70 -17.99 -12.08
CA LEU D 136 15.32 -17.31 -10.84
C LEU D 136 16.52 -17.02 -9.93
N LEU D 137 17.59 -17.81 -10.08
CA LEU D 137 18.64 -17.86 -9.05
C LEU D 137 19.47 -16.57 -8.93
N MET D 138 20.01 -16.06 -10.03
CA MET D 138 20.79 -14.84 -9.98
C MET D 138 19.96 -13.56 -9.67
N PRO D 139 18.72 -13.44 -10.20
CA PRO D 139 17.95 -12.27 -9.75
C PRO D 139 17.68 -12.30 -8.25
N VAL D 140 17.44 -13.48 -7.69
CA VAL D 140 17.30 -13.58 -6.25
C VAL D 140 18.62 -13.16 -5.58
N MET D 141 19.74 -13.69 -6.09
CA MET D 141 21.05 -13.37 -5.56
C MET D 141 21.40 -11.89 -5.67
N SER D 142 20.87 -11.23 -6.71
CA SER D 142 21.21 -9.84 -6.99
C SER D 142 20.75 -8.91 -5.85
N GLN D 143 19.81 -9.38 -5.02
CA GLN D 143 19.35 -8.58 -3.89
C GLN D 143 20.32 -8.60 -2.70
N PHE D 144 21.28 -9.53 -2.69
CA PHE D 144 22.10 -9.73 -1.50
C PHE D 144 23.59 -9.55 -1.76
N VAL D 145 24.02 -9.83 -2.98
CA VAL D 145 25.41 -9.67 -3.38
C VAL D 145 25.46 -8.87 -4.68
N PRO D 146 26.06 -7.66 -4.64
CA PRO D 146 26.12 -6.77 -5.81
C PRO D 146 27.31 -7.08 -6.74
N GLY D 147 27.24 -6.60 -7.98
CA GLY D 147 28.34 -6.63 -8.91
C GLY D 147 28.70 -7.95 -9.58
N LEU D 148 27.90 -8.99 -9.37
CA LEU D 148 28.21 -10.32 -9.92
C LEU D 148 28.21 -10.37 -11.45
N GLU D 149 27.57 -9.38 -12.06
CA GLU D 149 27.56 -9.23 -13.51
C GLU D 149 28.89 -8.73 -14.07
N ASN D 150 29.78 -8.24 -13.21
CA ASN D 150 31.05 -7.67 -13.68
C ASN D 150 32.22 -8.65 -13.51
N GLY D 151 31.90 -9.93 -13.36
CA GLY D 151 32.91 -10.95 -13.21
C GLY D 151 32.43 -12.34 -13.57
N LYS D 152 33.21 -13.34 -13.22
CA LYS D 152 32.86 -14.71 -13.56
C LYS D 152 32.63 -15.56 -12.33
N GLY D 153 31.95 -16.69 -12.54
CA GLY D 153 31.79 -17.68 -11.51
C GLY D 153 32.60 -18.89 -11.90
N MET D 154 33.33 -19.47 -10.95
CA MET D 154 34.13 -20.65 -11.25
C MET D 154 33.41 -21.88 -10.73
N TYR D 155 32.66 -22.54 -11.63
CA TYR D 155 31.88 -23.71 -11.26
C TYR D 155 32.44 -24.95 -11.95
N PHE D 156 32.60 -26.00 -11.16
CA PHE D 156 33.06 -27.28 -11.66
C PHE D 156 31.81 -28.15 -11.90
N LEU D 157 31.39 -28.18 -13.16
CA LEU D 157 30.21 -28.91 -13.61
C LEU D 157 30.64 -30.13 -14.42
N PHE D 158 29.96 -31.26 -14.21
CA PHE D 158 30.36 -32.51 -14.85
C PHE D 158 29.19 -33.31 -15.44
N ILE D 159 29.41 -33.85 -16.65
CA ILE D 159 28.50 -34.85 -17.20
C ILE D 159 28.90 -36.22 -16.66
N LYS D 160 27.99 -37.19 -16.80
CA LYS D 160 28.21 -38.52 -16.28
C LYS D 160 27.96 -39.55 -17.38
N SER D 161 28.17 -40.81 -17.05
CA SER D 161 27.92 -41.90 -17.96
C SER D 161 26.48 -41.85 -18.45
N GLU D 162 26.34 -42.18 -19.73
CA GLU D 162 25.07 -42.21 -20.41
C GLU D 162 24.83 -43.64 -20.89
N SER D 163 23.58 -44.05 -20.98
CA SER D 163 23.23 -45.37 -21.48
C SER D 163 21.98 -45.29 -22.33
N LYS D 164 21.66 -46.40 -23.00
CA LYS D 164 20.44 -46.46 -23.81
C LYS D 164 19.58 -47.64 -23.40
N THR D 165 18.28 -47.39 -23.28
CA THR D 165 17.29 -48.42 -23.01
C THR D 165 17.21 -49.34 -24.23
N PRO D 166 16.64 -50.55 -24.06
CA PRO D 166 16.48 -51.47 -25.18
C PRO D 166 15.61 -50.90 -26.30
N GLY D 167 14.70 -50.00 -25.95
CA GLY D 167 13.83 -49.37 -26.92
C GLY D 167 14.47 -48.20 -27.67
N GLY D 168 15.67 -47.80 -27.24
CA GLY D 168 16.41 -46.77 -27.94
C GLY D 168 16.42 -45.42 -27.24
N LEU D 169 15.69 -45.29 -26.14
CA LEU D 169 15.65 -44.04 -25.39
C LEU D 169 16.90 -43.85 -24.56
N PRO D 170 17.41 -42.60 -24.50
CA PRO D 170 18.54 -42.33 -23.62
C PRO D 170 18.16 -42.47 -22.14
N ALA D 171 19.10 -42.98 -21.36
CA ALA D 171 18.93 -43.08 -19.92
C ALA D 171 20.16 -42.43 -19.30
N ARG D 172 19.97 -41.27 -18.67
CA ARG D 172 21.09 -40.51 -18.13
C ARG D 172 20.68 -39.55 -17.01
N PRO D 173 21.65 -39.17 -16.14
CA PRO D 173 21.36 -38.27 -15.02
C PRO D 173 20.80 -36.92 -15.49
N VAL D 174 19.93 -36.31 -14.67
CA VAL D 174 19.23 -35.10 -15.08
C VAL D 174 20.17 -33.98 -15.52
N LEU D 175 21.28 -33.77 -14.81
CA LEU D 175 22.20 -32.71 -15.19
C LEU D 175 23.03 -33.02 -16.44
N THR D 176 23.33 -34.30 -16.68
CA THR D 176 23.98 -34.70 -17.93
C THR D 176 23.07 -34.33 -19.11
N SER D 177 21.79 -34.64 -18.96
CA SER D 177 20.78 -34.30 -19.97
C SER D 177 20.64 -32.79 -20.10
N TYR D 178 20.76 -32.05 -19.00
CA TYR D 178 20.59 -30.60 -19.08
C TYR D 178 21.77 -29.91 -19.75
N TYR D 179 22.99 -30.31 -19.39
CA TYR D 179 24.22 -29.70 -19.91
C TYR D 179 24.37 -29.97 -21.40
N LYS D 180 23.81 -31.08 -21.88
CA LYS D 180 23.91 -31.42 -23.29
C LYS D 180 22.76 -30.82 -24.12
N SER D 181 21.77 -30.24 -23.44
CA SER D 181 20.63 -29.66 -24.15
C SER D 181 20.95 -28.25 -24.68
N SER D 182 20.16 -27.80 -25.64
CA SER D 182 20.32 -26.46 -26.19
C SER D 182 20.05 -25.37 -25.14
N HIS D 183 19.32 -25.73 -24.09
CA HIS D 183 19.03 -24.80 -22.99
C HIS D 183 20.29 -24.41 -22.21
N PHE D 184 21.31 -25.27 -22.24
CA PHE D 184 22.60 -24.94 -21.65
C PHE D 184 23.66 -24.65 -22.73
N LYS D 185 23.74 -25.52 -23.74
CA LYS D 185 24.69 -25.38 -24.83
C LYS D 185 24.52 -24.10 -25.65
N GLU D 186 23.27 -23.80 -25.98
CA GLU D 186 22.92 -22.63 -26.78
C GLU D 186 22.16 -21.62 -25.94
N ARG D 187 22.57 -21.46 -24.69
CA ARG D 187 21.90 -20.55 -23.77
C ARG D 187 22.18 -19.09 -24.12
N PRO D 188 21.21 -18.19 -23.84
CA PRO D 188 21.39 -16.77 -24.14
C PRO D 188 22.50 -16.15 -23.33
N TYR D 189 23.15 -15.10 -23.84
CA TYR D 189 24.16 -14.43 -23.05
C TYR D 189 23.50 -13.83 -21.81
N ASP D 190 24.21 -13.91 -20.71
CA ASP D 190 23.79 -13.32 -19.45
C ASP D 190 25.05 -13.19 -18.60
N PRO D 191 25.42 -11.95 -18.29
CA PRO D 191 26.66 -11.71 -17.54
C PRO D 191 26.59 -12.24 -16.11
N TYR D 192 25.40 -12.68 -15.68
CA TYR D 192 25.25 -13.23 -14.33
C TYR D 192 25.67 -14.70 -14.26
N THR D 193 25.73 -15.35 -15.40
CA THR D 193 26.14 -16.74 -15.43
C THR D 193 27.22 -16.87 -16.51
N ASN D 194 28.29 -16.13 -16.26
CA ASN D 194 29.49 -16.21 -17.06
C ASN D 194 30.51 -17.11 -16.35
N TYR D 195 30.69 -18.32 -16.88
CA TYR D 195 31.52 -19.41 -16.33
C TYR D 195 32.97 -19.41 -16.80
N THR D 196 33.90 -19.74 -15.91
CA THR D 196 35.29 -19.86 -16.32
C THR D 196 35.43 -21.07 -17.27
N SER D 197 34.63 -22.10 -17.02
CA SER D 197 34.64 -23.34 -17.82
C SER D 197 33.86 -23.24 -19.14
N PRO D 198 34.56 -23.31 -20.28
CA PRO D 198 33.89 -23.36 -21.58
C PRO D 198 33.01 -24.62 -21.65
N ASN D 199 31.98 -24.59 -22.50
CA ASN D 199 31.05 -25.72 -22.59
C ASN D 199 31.75 -27.03 -22.99
N GLU D 200 32.75 -26.94 -23.87
CA GLU D 200 33.47 -28.12 -24.34
C GLU D 200 34.14 -28.83 -23.16
N THR D 201 34.50 -28.05 -22.16
CA THR D 201 35.31 -28.57 -21.10
C THR D 201 34.36 -29.29 -20.10
N ILE D 202 33.10 -28.87 -20.08
CA ILE D 202 32.10 -29.49 -19.24
C ILE D 202 31.57 -30.76 -19.91
N LEU D 203 31.39 -30.71 -21.23
CA LEU D 203 30.82 -31.82 -21.98
C LEU D 203 31.84 -32.90 -22.35
N CYS D 204 33.06 -32.75 -21.87
CA CYS D 204 34.10 -33.76 -22.09
C CYS D 204 33.72 -35.02 -21.33
N SER D 205 33.72 -36.15 -22.03
CA SER D 205 33.27 -37.41 -21.43
C SER D 205 34.33 -38.03 -20.51
N ASP D 206 35.59 -37.63 -20.68
CA ASP D 206 36.67 -38.09 -19.80
C ASP D 206 36.73 -37.22 -18.55
N SER D 207 36.50 -37.85 -17.39
CA SER D 207 36.41 -37.18 -16.09
C SER D 207 37.68 -36.43 -15.70
N TYR D 208 38.84 -37.02 -15.99
CA TYR D 208 40.12 -36.40 -15.67
C TYR D 208 40.36 -35.14 -16.53
N GLN D 209 40.13 -35.28 -17.83
CA GLN D 209 40.32 -34.15 -18.75
C GLN D 209 39.37 -33.00 -18.46
N SER D 210 38.12 -33.34 -18.15
CA SER D 210 37.12 -32.34 -17.77
C SER D 210 37.58 -31.58 -16.52
N MET D 211 37.99 -32.31 -15.49
CA MET D 211 38.42 -31.68 -14.24
C MET D 211 39.70 -30.87 -14.44
N TYR D 212 40.69 -31.42 -15.15
CA TYR D 212 41.97 -30.74 -15.38
C TYR D 212 41.80 -29.41 -16.14
N SER D 213 41.13 -29.46 -17.29
CA SER D 213 40.92 -28.27 -18.12
C SER D 213 40.04 -27.21 -17.43
N GLN D 214 39.00 -27.61 -16.71
CA GLN D 214 38.19 -26.68 -15.90
C GLN D 214 39.05 -25.98 -14.85
N MET D 215 39.92 -26.72 -14.17
CA MET D 215 40.81 -26.14 -13.16
CA MET D 215 40.78 -26.12 -13.16
C MET D 215 41.78 -25.16 -13.82
N LEU D 216 42.35 -25.55 -14.96
CA LEU D 216 43.29 -24.69 -15.68
C LEU D 216 42.59 -23.39 -16.13
N CYS D 217 41.41 -23.50 -16.72
CA CYS D 217 40.64 -22.32 -17.11
C CYS D 217 40.29 -21.46 -15.89
N GLY D 218 39.98 -22.10 -14.78
CA GLY D 218 39.69 -21.38 -13.55
C GLY D 218 40.87 -20.57 -13.06
N LEU D 219 42.05 -21.17 -13.14
CA LEU D 219 43.31 -20.52 -12.78
C LEU D 219 43.69 -19.37 -13.73
N CYS D 220 43.51 -19.59 -15.04
CA CYS D 220 43.86 -18.59 -16.05
C CYS D 220 42.99 -17.30 -15.97
N GLN D 221 41.75 -17.43 -15.53
CA GLN D 221 40.86 -16.29 -15.39
C GLN D 221 40.63 -15.95 -13.90
N HIS D 222 41.62 -16.28 -13.07
CA HIS D 222 41.42 -16.29 -11.61
C HIS D 222 41.01 -14.93 -11.01
N GLN D 223 41.47 -13.81 -11.58
CA GLN D 223 41.13 -12.49 -11.03
C GLN D 223 39.70 -12.01 -11.33
N GLU D 224 39.12 -12.54 -12.40
CA GLU D 224 37.72 -12.28 -12.80
C GLU D 224 36.71 -13.02 -11.92
N VAL D 225 37.18 -13.96 -11.11
CA VAL D 225 36.29 -14.85 -10.37
C VAL D 225 35.65 -14.17 -9.16
N LEU D 226 34.32 -14.13 -9.12
CA LEU D 226 33.62 -13.44 -8.04
C LEU D 226 32.84 -14.41 -7.17
N ARG D 227 32.67 -15.63 -7.65
CA ARG D 227 32.02 -16.69 -6.86
C ARG D 227 32.56 -18.03 -7.34
N VAL D 228 32.47 -19.05 -6.49
CA VAL D 228 32.97 -20.36 -6.87
C VAL D 228 31.99 -21.42 -6.42
N GLY D 229 32.07 -22.60 -7.02
CA GLY D 229 31.28 -23.70 -6.51
C GLY D 229 31.15 -24.88 -7.44
N ALA D 230 30.07 -25.61 -7.22
CA ALA D 230 29.72 -26.85 -7.92
C ALA D 230 28.31 -27.18 -7.47
N VAL D 231 27.71 -28.21 -8.06
CA VAL D 231 26.37 -28.60 -7.64
C VAL D 231 26.40 -29.04 -6.18
N PHE D 232 27.34 -29.94 -5.84
CA PHE D 232 27.49 -30.41 -4.46
C PHE D 232 28.79 -29.93 -3.83
N ALA D 233 28.78 -29.81 -2.51
CA ALA D 233 29.99 -29.56 -1.73
C ALA D 233 31.12 -30.51 -2.06
N SER D 234 30.80 -31.80 -2.09
CA SER D 234 31.71 -32.88 -2.41
C SER D 234 32.40 -32.62 -3.75
N GLY D 235 31.63 -32.10 -4.69
CA GLY D 235 32.16 -31.80 -6.01
C GLY D 235 33.22 -30.71 -5.94
N PHE D 236 33.00 -29.72 -5.08
CA PHE D 236 33.92 -28.60 -5.05
C PHE D 236 35.20 -28.98 -4.32
N ILE D 237 35.04 -29.76 -3.26
CA ILE D 237 36.15 -30.32 -2.51
C ILE D 237 37.09 -31.13 -3.40
N ARG D 238 36.52 -32.03 -4.20
CA ARG D 238 37.31 -32.84 -5.13
C ARG D 238 38.11 -31.94 -6.09
N ALA D 239 37.56 -30.79 -6.45
CA ALA D 239 38.25 -29.90 -7.35
C ALA D 239 39.49 -29.31 -6.67
N ILE D 240 39.34 -28.95 -5.38
CA ILE D 240 40.46 -28.44 -4.58
C ILE D 240 41.51 -29.54 -4.38
N LYS D 241 41.08 -30.75 -4.07
CA LYS D 241 42.00 -31.88 -4.00
C LYS D 241 42.71 -32.15 -5.34
N PHE D 242 41.99 -32.01 -6.45
CA PHE D 242 42.59 -32.18 -7.77
C PHE D 242 43.70 -31.17 -7.98
N LEU D 243 43.47 -29.94 -7.56
CA LEU D 243 44.50 -28.92 -7.61
C LEU D 243 45.71 -29.37 -6.75
N GLU D 244 45.44 -29.89 -5.55
CA GLU D 244 46.51 -30.33 -4.63
C GLU D 244 47.42 -31.37 -5.28
N LYS D 245 46.80 -32.27 -6.04
CA LYS D 245 47.48 -33.38 -6.69
C LYS D 245 48.17 -33.01 -8.02
N HIS D 246 47.61 -32.06 -8.80
CA HIS D 246 48.17 -31.78 -10.14
C HIS D 246 48.56 -30.34 -10.44
N TRP D 247 48.69 -29.52 -9.40
CA TRP D 247 49.07 -28.14 -9.61
C TRP D 247 50.44 -28.02 -10.27
N ILE D 248 51.30 -29.03 -10.11
CA ILE D 248 52.64 -28.98 -10.70
C ILE D 248 52.53 -29.03 -12.21
N GLU D 249 51.72 -29.96 -12.72
CA GLU D 249 51.39 -29.98 -14.14
C GLU D 249 50.66 -28.70 -14.62
N LEU D 250 49.71 -28.21 -13.83
CA LEU D 250 48.91 -27.06 -14.24
C LEU D 250 49.77 -25.80 -14.36
N VAL D 251 50.67 -25.61 -13.42
CA VAL D 251 51.59 -24.49 -13.43
C VAL D 251 52.52 -24.54 -14.64
N ARG D 252 53.05 -25.73 -14.92
CA ARG D 252 53.90 -25.91 -16.09
C ARG D 252 53.12 -25.52 -17.37
N ASP D 253 51.85 -25.91 -17.43
CA ASP D 253 50.99 -25.54 -18.57
C ASP D 253 50.86 -24.00 -18.67
N ILE D 254 50.56 -23.36 -17.56
CA ILE D 254 50.41 -21.90 -17.51
C ILE D 254 51.70 -21.20 -17.95
N ARG D 255 52.83 -21.62 -17.38
CA ARG D 255 54.15 -21.04 -17.65
C ARG D 255 54.55 -21.13 -19.14
N THR D 256 54.33 -22.30 -19.73
CA THR D 256 54.68 -22.54 -21.13
C THR D 256 53.57 -22.13 -22.10
N GLY D 257 52.34 -22.01 -21.59
CA GLY D 257 51.19 -21.70 -22.42
C GLY D 257 50.83 -22.89 -23.30
N THR D 258 51.20 -24.07 -22.87
CA THR D 258 50.94 -25.28 -23.63
C THR D 258 50.15 -26.27 -22.78
N LEU D 259 49.02 -26.74 -23.31
CA LEU D 259 48.18 -27.69 -22.61
C LEU D 259 48.85 -29.08 -22.53
N SER D 260 48.77 -29.68 -21.36
CA SER D 260 49.30 -31.03 -21.14
C SER D 260 48.90 -32.01 -22.23
N SER D 261 49.86 -32.80 -22.68
CA SER D 261 49.58 -33.76 -23.74
C SER D 261 48.58 -34.83 -23.29
N LEU D 262 48.36 -34.96 -21.98
CA LEU D 262 47.39 -35.94 -21.48
C LEU D 262 45.97 -35.53 -21.85
N ILE D 263 45.77 -34.24 -22.14
CA ILE D 263 44.47 -33.76 -22.61
C ILE D 263 44.34 -34.05 -24.11
N THR D 264 43.71 -35.18 -24.43
CA THR D 264 43.62 -35.67 -25.81
C THR D 264 42.32 -35.31 -26.53
N ASP D 265 41.30 -34.90 -25.78
CA ASP D 265 40.06 -34.47 -26.41
C ASP D 265 40.34 -33.17 -27.19
N PRO D 266 40.12 -33.19 -28.51
CA PRO D 266 40.50 -32.02 -29.31
C PRO D 266 39.52 -30.86 -29.18
N SER D 267 38.29 -31.13 -28.74
CA SER D 267 37.35 -30.05 -28.45
C SER D 267 37.85 -29.25 -27.26
N VAL D 268 38.31 -29.97 -26.26
CA VAL D 268 38.88 -29.38 -25.05
C VAL D 268 40.15 -28.59 -25.39
N ARG D 269 41.01 -29.15 -26.24
CA ARG D 269 42.26 -28.48 -26.63
C ARG D 269 41.99 -27.16 -27.37
N GLU D 270 41.04 -27.20 -28.30
CA GLU D 270 40.59 -26.01 -29.03
C GLU D 270 40.03 -24.96 -28.07
N ALA D 271 39.20 -25.41 -27.13
CA ALA D 271 38.60 -24.52 -26.14
C ALA D 271 39.65 -23.90 -25.22
N VAL D 272 40.57 -24.72 -24.70
CA VAL D 272 41.61 -24.25 -23.79
C VAL D 272 42.60 -23.30 -24.49
N ALA D 273 42.88 -23.57 -25.76
CA ALA D 273 43.81 -22.75 -26.55
C ALA D 273 43.38 -21.27 -26.64
N LYS D 274 42.08 -21.03 -26.68
CA LYS D 274 41.54 -19.67 -26.73
C LYS D 274 41.83 -18.87 -25.45
N ILE D 275 42.04 -19.59 -24.35
CA ILE D 275 42.22 -18.99 -23.04
C ILE D 275 43.67 -19.07 -22.57
N LEU D 276 44.29 -20.24 -22.73
CA LEU D 276 45.64 -20.47 -22.21
C LEU D 276 46.72 -19.71 -22.97
N LYS D 277 47.53 -18.97 -22.23
CA LYS D 277 48.64 -18.19 -22.78
C LYS D 277 49.85 -18.25 -21.82
N PRO D 278 51.07 -18.20 -22.36
CA PRO D 278 52.24 -18.32 -21.47
C PRO D 278 52.31 -17.14 -20.52
N SER D 279 52.28 -17.42 -19.23
CA SER D 279 52.33 -16.36 -18.23
C SER D 279 53.15 -16.81 -17.02
N PRO D 280 54.47 -16.55 -17.05
CA PRO D 280 55.38 -16.90 -15.96
C PRO D 280 54.94 -16.27 -14.65
N LYS D 281 54.36 -15.08 -14.75
CA LYS D 281 53.94 -14.35 -13.57
C LYS D 281 52.73 -15.05 -12.90
N LEU D 282 51.82 -15.60 -13.69
CA LEU D 282 50.72 -16.38 -13.12
C LEU D 282 51.24 -17.70 -12.58
N ALA D 283 52.10 -18.37 -13.34
CA ALA D 283 52.71 -19.63 -12.91
C ALA D 283 53.41 -19.47 -11.56
N ASP D 284 54.20 -18.41 -11.42
CA ASP D 284 54.88 -18.11 -10.16
C ASP D 284 53.87 -17.87 -9.02
N PHE D 285 52.80 -17.16 -9.34
CA PHE D 285 51.78 -16.81 -8.35
C PHE D 285 51.07 -18.06 -7.83
N VAL D 286 50.75 -18.98 -8.74
CA VAL D 286 50.00 -20.18 -8.36
C VAL D 286 50.90 -21.14 -7.54
N GLU D 287 52.14 -21.35 -7.99
CA GLU D 287 53.03 -22.23 -7.26
C GLU D 287 53.37 -21.67 -5.88
N PHE D 288 53.45 -20.34 -5.77
CA PHE D 288 53.70 -19.70 -4.47
C PHE D 288 52.64 -20.09 -3.44
N GLU D 289 51.37 -20.13 -3.85
CA GLU D 289 50.30 -20.49 -2.92
C GLU D 289 50.20 -22.00 -2.70
N CYS D 290 50.35 -22.80 -3.77
CA CYS D 290 50.17 -24.24 -3.70
C CYS D 290 51.34 -24.94 -2.96
N LYS D 291 52.53 -24.36 -3.00
CA LYS D 291 53.68 -24.91 -2.29
C LYS D 291 53.54 -24.83 -0.77
N LYS D 292 52.82 -23.82 -0.30
CA LYS D 292 52.57 -23.64 1.13
C LYS D 292 52.06 -24.90 1.81
N SER D 293 52.56 -25.21 2.99
CA SER D 293 52.15 -26.45 3.66
C SER D 293 50.70 -26.36 4.14
N SER D 294 50.29 -25.18 4.61
CA SER D 294 48.88 -24.97 4.97
C SER D 294 48.07 -24.46 3.78
N TRP D 295 46.98 -25.16 3.46
CA TRP D 295 46.08 -24.71 2.41
C TRP D 295 44.85 -23.98 2.98
N GLN D 296 44.91 -23.59 4.24
CA GLN D 296 43.76 -22.89 4.82
C GLN D 296 43.58 -21.53 4.16
N GLY D 297 42.36 -21.23 3.76
CA GLY D 297 42.04 -20.01 3.04
C GLY D 297 42.63 -19.92 1.62
N ILE D 298 43.14 -21.03 1.07
CA ILE D 298 43.76 -20.99 -0.25
C ILE D 298 42.83 -20.43 -1.36
N ILE D 299 41.51 -20.65 -1.23
CA ILE D 299 40.56 -20.13 -2.22
C ILE D 299 40.58 -18.59 -2.33
N THR D 300 40.59 -17.90 -1.19
CA THR D 300 40.66 -16.44 -1.17
C THR D 300 42.06 -15.88 -1.51
N ARG D 301 43.06 -16.76 -1.65
CA ARG D 301 44.38 -16.33 -2.12
C ARG D 301 44.54 -16.55 -3.63
N LEU D 302 44.10 -17.70 -4.13
CA LEU D 302 44.13 -17.96 -5.58
C LEU D 302 43.02 -17.22 -6.32
N TRP D 303 41.84 -17.12 -5.71
CA TRP D 303 40.74 -16.31 -6.26
C TRP D 303 40.31 -15.26 -5.24
N PRO D 304 41.09 -14.17 -5.14
CA PRO D 304 40.95 -13.17 -4.07
C PRO D 304 39.66 -12.34 -4.12
N ASN D 305 38.98 -12.32 -5.25
CA ASN D 305 37.74 -11.56 -5.37
C ASN D 305 36.50 -12.45 -5.15
N THR D 306 36.71 -13.68 -4.69
CA THR D 306 35.62 -14.59 -4.40
C THR D 306 34.77 -14.02 -3.25
N LYS D 307 33.47 -13.96 -3.48
CA LYS D 307 32.51 -13.37 -2.53
C LYS D 307 31.78 -14.45 -1.75
N TYR D 308 31.57 -15.60 -2.39
CA TYR D 308 30.96 -16.75 -1.71
C TYR D 308 31.22 -18.07 -2.43
N VAL D 309 30.89 -19.16 -1.72
CA VAL D 309 30.98 -20.52 -2.24
C VAL D 309 29.57 -21.07 -2.46
N ASP D 310 29.23 -21.34 -3.72
CA ASP D 310 27.90 -21.77 -4.15
C ASP D 310 27.87 -23.27 -4.37
N VAL D 311 27.52 -24.00 -3.30
CA VAL D 311 27.44 -25.45 -3.27
C VAL D 311 26.31 -25.88 -2.34
N ILE D 312 25.70 -27.03 -2.63
CA ILE D 312 24.70 -27.53 -1.73
C ILE D 312 25.37 -28.03 -0.45
N VAL D 313 24.97 -27.48 0.70
CA VAL D 313 25.47 -28.00 1.98
C VAL D 313 24.34 -28.37 2.94
N THR D 314 23.12 -28.43 2.43
CA THR D 314 21.99 -29.03 3.14
C THR D 314 21.91 -30.52 2.89
N GLY D 315 21.08 -31.19 3.68
CA GLY D 315 21.03 -32.63 3.65
C GLY D 315 22.35 -33.23 4.10
N THR D 316 22.71 -34.37 3.54
CA THR D 316 23.91 -35.06 3.97
C THR D 316 25.18 -34.28 3.63
N MET D 317 25.09 -33.35 2.68
CA MET D 317 26.24 -32.52 2.29
C MET D 317 26.74 -31.60 3.42
N SER D 318 25.97 -31.49 4.49
CA SER D 318 26.38 -30.63 5.62
C SER D 318 27.66 -31.12 6.28
N GLN D 319 27.99 -32.40 6.08
CA GLN D 319 29.19 -32.97 6.65
C GLN D 319 30.47 -32.29 6.12
N TYR D 320 30.34 -31.52 5.02
CA TYR D 320 31.50 -30.89 4.38
C TYR D 320 31.73 -29.42 4.78
N ILE D 321 30.86 -28.87 5.61
CA ILE D 321 30.97 -27.45 5.99
C ILE D 321 32.32 -27.09 6.65
N PRO D 322 32.83 -27.89 7.61
CA PRO D 322 34.16 -27.57 8.15
C PRO D 322 35.31 -27.58 7.12
N THR D 323 35.24 -28.46 6.13
CA THR D 323 36.24 -28.54 5.07
C THR D 323 36.17 -27.28 4.20
N LEU D 324 34.95 -26.90 3.82
CA LEU D 324 34.75 -25.73 2.97
C LEU D 324 35.21 -24.48 3.70
N ASP D 325 34.79 -24.33 4.96
CA ASP D 325 35.19 -23.21 5.80
C ASP D 325 36.71 -23.08 5.90
N TYR D 326 37.38 -24.22 6.05
CA TYR D 326 38.84 -24.27 6.15
C TYR D 326 39.56 -23.73 4.89
N TYR D 327 39.16 -24.23 3.71
CA TYR D 327 39.79 -23.78 2.46
C TYR D 327 39.40 -22.37 2.02
N SER D 328 38.25 -21.88 2.48
CA SER D 328 37.70 -20.60 2.03
C SER D 328 37.94 -19.48 3.04
N ASN D 329 38.44 -19.87 4.22
CA ASN D 329 38.73 -18.93 5.32
C ASN D 329 37.42 -18.36 5.86
N GLY D 330 36.39 -19.20 5.92
CA GLY D 330 35.08 -18.84 6.42
C GLY D 330 34.15 -18.04 5.52
N LEU D 331 34.35 -18.08 4.20
CA LEU D 331 33.45 -17.44 3.23
C LEU D 331 32.00 -17.94 3.35
N PRO D 332 31.01 -17.09 3.03
CA PRO D 332 29.60 -17.53 3.09
C PRO D 332 29.34 -18.75 2.20
N LEU D 333 28.57 -19.69 2.73
CA LEU D 333 28.17 -20.86 1.97
C LEU D 333 26.73 -20.69 1.50
N VAL D 334 26.53 -20.85 0.20
CA VAL D 334 25.24 -20.60 -0.44
C VAL D 334 24.63 -21.89 -1.01
N CYS D 335 23.39 -22.18 -0.61
CA CYS D 335 22.59 -23.25 -1.19
C CYS D 335 21.45 -22.65 -2.00
N THR D 336 21.49 -22.78 -3.33
CA THR D 336 20.61 -22.00 -4.17
C THR D 336 19.27 -22.68 -4.48
N MET D 337 19.27 -24.01 -4.63
CA MET D 337 18.09 -24.72 -5.11
C MET D 337 17.93 -26.18 -4.63
N TYR D 338 16.71 -26.66 -4.81
CA TYR D 338 16.27 -27.99 -4.37
C TYR D 338 15.59 -28.68 -5.55
N ALA D 339 16.18 -29.76 -6.05
CA ALA D 339 15.66 -30.42 -7.25
C ALA D 339 16.02 -31.90 -7.31
N SER D 340 15.37 -32.60 -8.25
CA SER D 340 15.51 -34.04 -8.39
C SER D 340 15.39 -34.48 -9.86
N SER D 341 15.65 -35.76 -10.11
CA SER D 341 15.48 -36.36 -11.43
C SER D 341 14.02 -36.30 -11.93
N GLU D 342 13.09 -36.65 -11.07
CA GLU D 342 11.67 -36.72 -11.43
C GLU D 342 11.06 -35.33 -11.57
N CYS D 343 11.66 -34.35 -10.92
CA CYS D 343 11.03 -33.05 -10.82
C CYS D 343 11.92 -32.01 -10.13
N TYR D 344 12.02 -30.82 -10.72
CA TYR D 344 12.63 -29.68 -10.06
C TYR D 344 11.61 -29.06 -9.09
N PHE D 345 12.06 -28.71 -7.88
CA PHE D 345 11.10 -28.35 -6.83
C PHE D 345 11.08 -26.87 -6.50
N GLY D 346 12.20 -26.32 -6.06
CA GLY D 346 12.19 -24.96 -5.55
C GLY D 346 13.53 -24.28 -5.35
N VAL D 347 13.46 -23.06 -4.81
CA VAL D 347 14.65 -22.22 -4.64
C VAL D 347 14.76 -21.60 -3.22
N ASN D 348 15.99 -21.37 -2.79
CA ASN D 348 16.24 -20.67 -1.54
C ASN D 348 16.12 -19.15 -1.78
N LEU D 349 15.06 -18.55 -1.25
CA LEU D 349 14.81 -17.12 -1.46
C LEU D 349 15.70 -16.23 -0.55
N ARG D 350 16.45 -16.87 0.34
CA ARG D 350 17.44 -16.16 1.17
C ARG D 350 18.78 -16.89 1.11
N PRO D 351 19.50 -16.74 -0.01
CA PRO D 351 20.72 -17.53 -0.24
C PRO D 351 21.88 -17.20 0.68
N LEU D 352 21.89 -16.03 1.31
CA LEU D 352 23.01 -15.66 2.17
C LEU D 352 22.72 -15.95 3.64
N CYS D 353 21.68 -16.74 3.89
CA CYS D 353 21.34 -17.21 5.24
C CYS D 353 22.40 -18.16 5.79
N LYS D 354 22.25 -18.53 7.06
CA LYS D 354 23.12 -19.57 7.63
C LYS D 354 22.83 -20.93 7.02
N PRO D 355 23.87 -21.77 6.83
CA PRO D 355 23.68 -23.11 6.26
C PRO D 355 22.70 -23.95 7.07
N SER D 356 22.69 -23.75 8.39
CA SER D 356 21.77 -24.48 9.29
C SER D 356 20.34 -23.94 9.25
N GLU D 357 20.14 -22.81 8.58
CA GLU D 357 18.83 -22.18 8.54
C GLU D 357 18.31 -22.05 7.11
N VAL D 358 18.76 -22.94 6.23
CA VAL D 358 18.33 -22.88 4.85
C VAL D 358 16.90 -23.41 4.72
N SER D 359 16.04 -22.64 4.05
CA SER D 359 14.72 -23.10 3.64
C SER D 359 14.51 -22.94 2.13
N TYR D 360 13.80 -23.89 1.52
CA TYR D 360 13.54 -23.85 0.08
C TYR D 360 12.05 -23.55 -0.16
N THR D 361 11.80 -22.55 -1.01
CA THR D 361 10.45 -22.20 -1.41
C THR D 361 10.14 -22.93 -2.71
N LEU D 362 9.14 -23.81 -2.66
CA LEU D 362 8.70 -24.57 -3.82
C LEU D 362 7.96 -23.67 -4.79
N ILE D 363 8.35 -23.77 -6.06
CA ILE D 363 7.74 -23.01 -7.15
C ILE D 363 6.50 -23.74 -7.65
N PRO D 364 5.31 -23.14 -7.44
CA PRO D 364 4.03 -23.80 -7.65
C PRO D 364 3.71 -24.19 -9.10
N SER D 365 4.48 -23.70 -10.06
CA SER D 365 4.21 -23.99 -11.48
C SER D 365 5.00 -25.19 -12.00
N MET D 366 5.88 -25.74 -11.16
CA MET D 366 6.73 -26.85 -11.56
C MET D 366 5.98 -28.18 -11.64
N ALA D 367 5.04 -28.39 -10.72
CA ALA D 367 4.31 -29.66 -10.63
C ALA D 367 3.16 -29.53 -9.62
N TYR D 368 2.26 -30.51 -9.56
CA TYR D 368 1.30 -30.53 -8.47
C TYR D 368 1.91 -31.20 -7.22
N PHE D 369 2.15 -30.42 -6.17
CA PHE D 369 2.76 -30.92 -4.93
C PHE D 369 1.75 -31.31 -3.84
N GLU D 370 1.90 -32.51 -3.29
CA GLU D 370 1.10 -32.93 -2.14
C GLU D 370 2.01 -33.37 -1.01
N PHE D 371 1.46 -33.53 0.19
CA PHE D 371 2.29 -33.75 1.37
C PHE D 371 1.71 -34.76 2.37
N LEU D 372 2.45 -35.83 2.58
CA LEU D 372 2.11 -36.87 3.55
C LEU D 372 2.61 -36.46 4.94
N PRO D 373 1.68 -36.22 5.87
CA PRO D 373 2.11 -35.87 7.23
C PRO D 373 2.94 -36.99 7.88
N VAL D 374 4.06 -36.61 8.47
CA VAL D 374 4.91 -37.54 9.19
C VAL D 374 4.85 -37.21 10.67
N HIS D 375 4.40 -38.17 11.47
CA HIS D 375 4.26 -37.97 12.91
C HIS D 375 5.20 -38.87 13.69
N GLN D 396 -5.44 -41.79 1.60
CA GLN D 396 -4.37 -41.24 0.81
C GLN D 396 -4.82 -39.85 0.38
N GLU D 397 -5.49 -39.21 1.29
CA GLU D 397 -5.71 -37.82 1.18
C GLU D 397 -4.46 -37.14 1.72
N LEU D 398 -3.81 -36.41 0.86
CA LEU D 398 -2.62 -35.72 1.23
C LEU D 398 -3.00 -34.34 1.68
N VAL D 399 -2.05 -33.50 1.97
CA VAL D 399 -2.30 -32.12 2.23
C VAL D 399 -1.74 -31.34 1.06
N ASP D 400 -2.45 -30.35 0.60
CA ASP D 400 -2.01 -29.50 -0.49
C ASP D 400 -0.92 -28.52 -0.05
N LEU D 401 -0.17 -28.01 -1.03
CA LEU D 401 0.90 -27.03 -0.84
C LEU D 401 0.55 -25.88 0.11
N VAL D 402 -0.52 -25.15 -0.14
CA VAL D 402 -0.86 -23.99 0.70
C VAL D 402 -1.49 -24.35 2.05
N ASP D 403 -1.88 -25.62 2.21
CA ASP D 403 -2.57 -26.03 3.43
C ASP D 403 -1.63 -26.66 4.46
N VAL D 404 -0.33 -26.81 4.13
CA VAL D 404 0.64 -27.37 5.07
C VAL D 404 0.79 -26.46 6.29
N LYS D 405 1.02 -27.09 7.44
CA LYS D 405 1.10 -26.39 8.73
C LYS D 405 2.53 -26.11 9.13
N LEU D 406 2.73 -24.92 9.69
CA LEU D 406 4.04 -24.50 10.18
C LEU D 406 4.57 -25.48 11.23
N GLY D 407 5.82 -25.89 11.07
CA GLY D 407 6.46 -26.79 12.02
C GLY D 407 6.17 -28.27 11.83
N GLN D 408 5.25 -28.61 10.92
CA GLN D 408 4.89 -30.00 10.68
C GLN D 408 5.80 -30.66 9.65
N GLU D 409 6.18 -31.92 9.92
CA GLU D 409 6.99 -32.70 8.99
C GLU D 409 6.15 -33.46 7.97
N TYR D 410 6.55 -33.39 6.70
CA TYR D 410 5.86 -34.10 5.62
C TYR D 410 6.82 -34.85 4.69
N GLU D 411 6.31 -35.92 4.09
CA GLU D 411 6.96 -36.56 2.96
C GLU D 411 6.46 -35.92 1.66
N LEU D 412 7.39 -35.47 0.80
CA LEU D 412 7.02 -34.83 -0.45
C LEU D 412 6.41 -35.82 -1.46
N VAL D 413 5.25 -35.47 -2.01
CA VAL D 413 4.58 -36.32 -3.02
C VAL D 413 4.34 -35.50 -4.28
N VAL D 414 4.74 -36.02 -5.45
CA VAL D 414 4.61 -35.19 -6.66
C VAL D 414 3.78 -35.79 -7.80
N THR D 415 3.15 -34.89 -8.54
CA THR D 415 2.42 -35.22 -9.76
C THR D 415 2.97 -34.37 -10.89
N THR D 416 3.58 -35.02 -11.87
CA THR D 416 4.33 -34.30 -12.90
C THR D 416 3.71 -34.37 -14.29
N TYR D 417 4.18 -33.48 -15.16
CA TYR D 417 3.73 -33.41 -16.54
C TYR D 417 4.07 -34.67 -17.35
N ALA D 418 5.13 -35.39 -16.97
CA ALA D 418 5.53 -36.59 -17.71
C ALA D 418 4.70 -37.81 -17.31
N GLY D 419 3.88 -37.66 -16.27
CA GLY D 419 2.90 -38.68 -15.96
C GLY D 419 3.06 -39.38 -14.62
N LEU D 420 4.06 -38.99 -13.83
CA LEU D 420 4.15 -39.47 -12.47
C LEU D 420 2.95 -38.91 -11.69
N CYS D 421 2.14 -39.79 -11.12
CA CYS D 421 0.94 -39.36 -10.41
C CYS D 421 1.02 -39.71 -8.94
N ARG D 422 1.03 -38.69 -8.11
CA ARG D 422 1.09 -38.87 -6.66
C ARG D 422 2.26 -39.77 -6.25
N TYR D 423 3.42 -39.48 -6.82
CA TYR D 423 4.64 -40.25 -6.58
C TYR D 423 5.39 -39.77 -5.35
N ARG D 424 5.67 -40.69 -4.43
CA ARG D 424 6.39 -40.35 -3.20
C ARG D 424 7.86 -40.22 -3.52
N VAL D 425 8.40 -39.02 -3.30
CA VAL D 425 9.78 -38.74 -3.59
C VAL D 425 10.69 -39.44 -2.58
N GLY D 426 10.24 -39.52 -1.33
CA GLY D 426 11.01 -40.10 -0.24
C GLY D 426 11.76 -39.04 0.56
N ASP D 427 11.59 -37.78 0.17
CA ASP D 427 12.19 -36.64 0.86
C ASP D 427 11.30 -36.19 2.02
N LEU D 428 11.91 -35.99 3.20
CA LEU D 428 11.16 -35.48 4.35
C LEU D 428 11.44 -33.99 4.52
N LEU D 429 10.38 -33.20 4.73
CA LEU D 429 10.49 -31.74 4.78
C LEU D 429 9.77 -31.19 5.99
N ARG D 430 10.24 -30.06 6.53
CA ARG D 430 9.54 -29.40 7.62
C ARG D 430 9.24 -27.96 7.23
N VAL D 431 7.98 -27.57 7.38
CA VAL D 431 7.57 -26.20 7.08
C VAL D 431 8.22 -25.25 8.08
N THR D 432 8.92 -24.24 7.58
CA THR D 432 9.55 -23.24 8.46
C THR D 432 8.86 -21.89 8.39
N GLY D 433 8.01 -21.70 7.39
CA GLY D 433 7.35 -20.42 7.19
C GLY D 433 6.79 -20.31 5.79
N PHE D 434 6.27 -19.14 5.44
CA PHE D 434 5.63 -18.92 4.15
C PHE D 434 6.15 -17.67 3.42
N LYS D 435 6.23 -17.79 2.10
CA LYS D 435 6.43 -16.65 1.22
C LYS D 435 5.07 -16.38 0.58
N ASN D 436 4.41 -15.32 1.02
CA ASN D 436 3.02 -15.09 0.65
C ASN D 436 2.21 -16.35 1.00
N LYS D 437 1.52 -16.95 0.02
CA LYS D 437 0.76 -18.18 0.28
C LYS D 437 1.59 -19.48 0.13
N ALA D 438 2.79 -19.37 -0.45
CA ALA D 438 3.59 -20.56 -0.74
C ALA D 438 4.54 -20.91 0.41
N PRO D 439 4.53 -22.17 0.84
CA PRO D 439 5.32 -22.58 2.01
C PRO D 439 6.80 -22.70 1.71
N GLN D 440 7.60 -22.57 2.77
CA GLN D 440 9.04 -22.72 2.72
C GLN D 440 9.43 -23.92 3.59
N PHE D 441 10.32 -24.78 3.09
CA PHE D 441 10.69 -26.03 3.75
C PHE D 441 12.16 -26.19 4.03
N SER D 442 12.49 -26.59 5.26
CA SER D 442 13.83 -27.06 5.56
C SER D 442 13.92 -28.52 5.12
N PHE D 443 15.03 -28.88 4.50
CA PHE D 443 15.22 -30.23 4.04
C PHE D 443 15.74 -31.07 5.20
N ILE D 444 15.02 -32.14 5.52
CA ILE D 444 15.44 -33.03 6.60
C ILE D 444 16.32 -34.16 6.06
N CYS D 445 15.75 -34.99 5.19
CA CYS D 445 16.49 -36.11 4.64
C CYS D 445 15.79 -36.80 3.49
N ARG D 446 16.56 -37.63 2.78
CA ARG D 446 15.96 -38.65 1.93
C ARG D 446 15.83 -39.86 2.82
N LYS D 447 14.63 -40.44 2.91
CA LYS D 447 14.37 -41.53 3.85
C LYS D 447 15.35 -42.70 3.72
N ASN D 448 15.71 -43.27 4.87
CA ASN D 448 16.52 -44.49 4.97
C ASN D 448 18.00 -44.32 4.63
N VAL D 449 18.44 -43.12 4.27
CA VAL D 449 19.86 -42.96 3.96
C VAL D 449 20.75 -42.97 5.20
N VAL D 450 21.70 -43.91 5.21
CA VAL D 450 22.62 -44.07 6.34
C VAL D 450 24.00 -43.47 6.04
N LEU D 451 24.58 -43.86 4.92
CA LEU D 451 25.90 -43.39 4.54
C LEU D 451 25.84 -42.70 3.18
N SER D 452 26.54 -41.58 3.05
CA SER D 452 26.59 -40.88 1.78
C SER D 452 27.86 -40.04 1.71
N ILE D 453 28.65 -40.22 0.65
CA ILE D 453 29.81 -39.34 0.41
C ILE D 453 29.44 -38.25 -0.59
N ASP D 454 28.97 -38.65 -1.77
CA ASP D 454 28.53 -37.73 -2.84
C ASP D 454 27.04 -38.01 -3.10
N SER D 455 26.67 -38.35 -4.34
CA SER D 455 25.29 -38.66 -4.75
C SER D 455 24.78 -39.95 -4.12
N ASP D 456 25.74 -40.83 -3.85
CA ASP D 456 25.50 -42.19 -3.42
C ASP D 456 24.71 -42.24 -2.10
N LYS D 457 23.84 -43.24 -2.01
CA LYS D 457 22.97 -43.39 -0.85
C LYS D 457 22.94 -44.84 -0.43
N THR D 458 23.51 -45.13 0.72
CA THR D 458 23.49 -46.49 1.22
C THR D 458 22.58 -46.54 2.42
N ASP D 459 21.67 -47.52 2.46
CA ASP D 459 20.74 -47.64 3.58
C ASP D 459 21.16 -48.79 4.48
N GLU D 460 20.40 -49.02 5.55
CA GLU D 460 20.72 -50.04 6.54
C GLU D 460 20.67 -51.46 6.01
N VAL D 461 19.62 -51.78 5.25
CA VAL D 461 19.49 -53.11 4.63
C VAL D 461 20.69 -53.40 3.72
N GLU D 462 21.05 -52.44 2.86
CA GLU D 462 22.20 -52.60 1.97
C GLU D 462 23.51 -52.78 2.75
N LEU D 463 23.69 -51.93 3.77
CA LEU D 463 24.87 -51.99 4.60
C LEU D 463 25.00 -53.35 5.27
N GLN D 464 23.93 -53.80 5.94
CA GLN D 464 23.95 -55.08 6.64
C GLN D 464 24.27 -56.25 5.70
N ASN D 465 23.57 -56.31 4.58
CA ASN D 465 23.73 -57.38 3.59
C ASN D 465 25.15 -57.38 3.01
N ALA D 466 25.70 -56.19 2.81
CA ALA D 466 27.06 -56.02 2.35
C ALA D 466 28.09 -56.54 3.37
N VAL D 467 27.90 -56.16 4.63
CA VAL D 467 28.82 -56.58 5.67
C VAL D 467 28.76 -58.10 5.82
N LYS D 468 27.56 -58.67 5.75
CA LYS D 468 27.42 -60.12 5.84
C LYS D 468 27.99 -60.89 4.63
N ASN D 469 27.83 -60.34 3.42
CA ASN D 469 28.50 -60.91 2.26
C ASN D 469 30.01 -61.01 2.50
N ALA D 470 30.60 -59.99 3.13
CA ALA D 470 32.03 -59.94 3.40
C ALA D 470 32.52 -60.92 4.48
N VAL D 471 31.71 -61.18 5.50
CA VAL D 471 32.17 -62.04 6.61
C VAL D 471 32.34 -63.50 6.19
N THR D 472 31.82 -63.89 5.04
CA THR D 472 31.96 -65.28 4.61
C THR D 472 33.42 -65.58 4.27
N HIS D 473 34.20 -64.52 4.04
CA HIS D 473 35.66 -64.65 3.88
C HIS D 473 36.40 -65.00 5.18
N LEU D 474 35.76 -64.82 6.33
CA LEU D 474 36.39 -65.14 7.61
C LEU D 474 36.15 -66.59 8.06
N VAL D 475 35.20 -67.27 7.41
CA VAL D 475 34.83 -68.65 7.77
C VAL D 475 35.99 -69.65 7.72
N PRO D 476 36.81 -69.66 6.64
CA PRO D 476 37.92 -70.63 6.62
C PRO D 476 38.89 -70.47 7.80
N PHE D 477 38.89 -69.28 8.41
CA PHE D 477 39.77 -68.97 9.52
C PHE D 477 39.06 -69.10 10.85
N ASP D 478 37.89 -69.77 10.81
CA ASP D 478 37.03 -69.95 11.98
C ASP D 478 36.74 -68.65 12.70
N ALA D 479 36.65 -67.55 11.96
CA ALA D 479 36.38 -66.25 12.55
C ALA D 479 35.02 -65.74 12.12
N SER D 480 34.39 -64.97 13.01
CA SER D 480 33.11 -64.36 12.70
C SER D 480 33.07 -62.92 13.20
N LEU D 481 32.07 -62.17 12.74
CA LEU D 481 31.94 -60.78 13.14
C LEU D 481 30.96 -60.66 14.31
N SER D 482 31.47 -60.21 15.45
CA SER D 482 30.62 -60.04 16.62
C SER D 482 29.73 -58.81 16.44
N GLU D 483 30.37 -57.69 16.10
CA GLU D 483 29.73 -56.38 16.08
C GLU D 483 30.40 -55.45 15.05
N TYR D 484 29.63 -54.53 14.46
CA TYR D 484 30.21 -53.49 13.60
C TYR D 484 29.42 -52.21 13.66
N THR D 485 30.09 -51.11 13.31
CA THR D 485 29.42 -49.87 12.99
C THR D 485 30.18 -49.18 11.85
N SER D 486 29.74 -47.99 11.46
CA SER D 486 30.28 -47.37 10.28
C SER D 486 30.25 -45.84 10.39
N TYR D 487 31.01 -45.18 9.52
CA TYR D 487 30.91 -43.73 9.41
C TYR D 487 31.42 -43.23 8.07
N ALA D 488 30.99 -42.03 7.70
CA ALA D 488 31.40 -41.40 6.45
C ALA D 488 32.62 -40.55 6.72
N ASP D 489 33.76 -41.02 6.27
CA ASP D 489 35.03 -40.38 6.59
C ASP D 489 35.30 -39.29 5.57
N THR D 490 35.30 -38.03 6.00
CA THR D 490 35.60 -36.91 5.13
C THR D 490 37.01 -36.36 5.34
N SER D 491 37.83 -37.06 6.13
CA SER D 491 39.18 -36.59 6.35
C SER D 491 40.00 -36.82 5.07
N SER D 492 39.51 -37.72 4.22
CA SER D 492 40.13 -37.99 2.92
C SER D 492 39.31 -37.38 1.78
N ILE D 493 39.99 -37.03 0.69
CA ILE D 493 39.29 -36.54 -0.49
C ILE D 493 39.72 -37.39 -1.68
N PRO D 494 38.76 -38.07 -2.32
CA PRO D 494 37.33 -38.08 -1.95
C PRO D 494 37.08 -38.83 -0.64
N GLY D 495 35.97 -38.55 0.02
CA GLY D 495 35.59 -39.25 1.25
C GLY D 495 35.43 -40.74 0.98
N HIS D 496 35.33 -41.53 2.05
CA HIS D 496 35.15 -42.98 1.90
C HIS D 496 34.37 -43.55 3.08
N TYR D 497 33.78 -44.73 2.90
CA TYR D 497 33.06 -45.40 3.99
C TYR D 497 34.08 -46.10 4.89
N VAL D 498 33.90 -45.99 6.19
CA VAL D 498 34.71 -46.71 7.15
C VAL D 498 33.83 -47.65 7.97
N LEU D 499 34.26 -48.90 8.08
CA LEU D 499 33.59 -49.87 8.90
C LEU D 499 34.50 -50.22 10.09
N PHE D 500 33.98 -50.11 11.31
CA PHE D 500 34.66 -50.65 12.49
C PHE D 500 34.19 -52.09 12.76
N TRP D 501 35.12 -53.04 12.81
CA TRP D 501 34.81 -54.46 12.99
C TRP D 501 35.42 -54.99 14.26
N GLU D 502 34.59 -55.62 15.09
CA GLU D 502 35.09 -56.40 16.22
C GLU D 502 34.77 -57.86 15.97
N LEU D 503 35.81 -58.69 15.96
CA LEU D 503 35.63 -60.11 15.68
C LEU D 503 35.43 -60.95 16.94
N CYS D 504 35.04 -62.20 16.72
CA CYS D 504 34.96 -63.21 17.76
C CYS D 504 36.04 -64.27 17.54
N PRO D 510 44.34 -65.68 13.45
CA PRO D 510 45.49 -65.25 12.68
C PRO D 510 45.16 -65.06 11.19
N ILE D 511 44.43 -63.99 10.88
CA ILE D 511 43.92 -63.76 9.55
C ILE D 511 44.86 -62.82 8.79
N PRO D 512 45.38 -63.30 7.65
CA PRO D 512 46.34 -62.50 6.87
C PRO D 512 45.71 -61.23 6.27
N PRO D 513 46.53 -60.18 6.06
CA PRO D 513 46.02 -58.91 5.53
C PRO D 513 45.19 -59.05 4.24
N SER D 514 45.54 -59.97 3.36
CA SER D 514 44.87 -60.04 2.06
C SER D 514 43.42 -60.49 2.19
N VAL D 515 43.06 -61.16 3.28
CA VAL D 515 41.67 -61.60 3.51
C VAL D 515 40.76 -60.45 4.00
N PHE D 516 41.29 -59.55 4.82
CA PHE D 516 40.54 -58.35 5.20
C PHE D 516 40.36 -57.43 3.98
N GLU D 517 41.28 -57.49 3.04
CA GLU D 517 41.18 -56.72 1.80
C GLU D 517 40.12 -57.31 0.89
N ASP D 518 40.09 -58.63 0.78
CA ASP D 518 38.97 -59.32 0.15
C ASP D 518 37.65 -58.85 0.79
N CYS D 519 37.62 -58.74 2.12
CA CYS D 519 36.42 -58.32 2.84
C CYS D 519 35.97 -56.91 2.43
N CYS D 520 36.91 -55.97 2.37
CA CYS D 520 36.63 -54.61 1.90
C CYS D 520 35.98 -54.61 0.51
N LEU D 521 36.56 -55.38 -0.39
CA LEU D 521 36.10 -55.43 -1.77
C LEU D 521 34.70 -56.02 -1.81
N ALA D 522 34.48 -57.12 -1.07
CA ALA D 522 33.17 -57.78 -1.06
C ALA D 522 32.06 -56.84 -0.59
N VAL D 523 32.37 -56.03 0.43
CA VAL D 523 31.44 -54.99 0.89
C VAL D 523 31.08 -54.06 -0.27
N GLU D 524 32.09 -53.55 -0.97
CA GLU D 524 31.86 -52.62 -2.07
C GLU D 524 31.08 -53.25 -3.22
N GLU D 525 31.30 -54.53 -3.46
CA GLU D 525 30.62 -55.22 -4.56
C GLU D 525 29.13 -55.38 -4.29
N SER D 526 28.76 -55.35 -3.01
CA SER D 526 27.38 -55.52 -2.59
C SER D 526 26.59 -54.20 -2.54
N PHE D 527 27.28 -53.07 -2.72
CA PHE D 527 26.62 -51.77 -2.70
C PHE D 527 25.92 -51.50 -4.04
N ASN D 528 24.97 -50.56 -4.05
CA ASN D 528 24.18 -50.31 -5.26
C ASN D 528 24.99 -49.62 -6.37
N THR D 529 24.42 -49.56 -7.58
CA THR D 529 25.15 -49.15 -8.77
C THR D 529 25.64 -47.71 -8.69
N VAL D 530 24.99 -46.89 -7.87
CA VAL D 530 25.42 -45.50 -7.74
C VAL D 530 26.72 -45.42 -6.94
N TYR D 531 26.81 -46.23 -5.88
CA TYR D 531 28.05 -46.32 -5.12
C TYR D 531 29.17 -46.77 -6.06
N ARG D 532 28.90 -47.85 -6.80
CA ARG D 532 29.94 -48.49 -7.59
C ARG D 532 30.37 -47.57 -8.74
N GLN D 533 29.43 -46.78 -9.27
CA GLN D 533 29.73 -45.77 -10.27
C GLN D 533 30.62 -44.66 -9.72
N GLY D 534 30.35 -44.22 -8.49
CA GLY D 534 31.17 -43.19 -7.87
C GLY D 534 32.61 -43.63 -7.68
N ARG D 535 32.80 -44.90 -7.36
CA ARG D 535 34.15 -45.46 -7.20
C ARG D 535 34.85 -45.61 -8.55
N VAL D 536 34.16 -46.19 -9.54
CA VAL D 536 34.77 -46.57 -10.82
C VAL D 536 34.85 -45.45 -11.89
N SER D 537 33.77 -44.69 -12.04
CA SER D 537 33.66 -43.72 -13.12
C SER D 537 33.81 -42.25 -12.68
N ASP D 538 33.02 -41.80 -11.72
CA ASP D 538 33.04 -40.41 -11.28
C ASP D 538 34.23 -40.06 -10.37
N LYS D 539 34.81 -41.05 -9.70
CA LYS D 539 35.92 -40.79 -8.78
C LYS D 539 35.46 -39.90 -7.62
N SER D 540 34.21 -40.08 -7.20
CA SER D 540 33.70 -39.25 -6.12
C SER D 540 33.68 -39.98 -4.77
N ILE D 541 34.09 -41.26 -4.76
CA ILE D 541 34.17 -42.07 -3.54
C ILE D 541 35.50 -42.81 -3.48
N GLY D 542 36.20 -42.69 -2.34
CA GLY D 542 37.48 -43.35 -2.17
C GLY D 542 37.27 -44.78 -1.70
N PRO D 543 38.35 -45.59 -1.69
CA PRO D 543 38.24 -47.01 -1.32
C PRO D 543 37.70 -47.23 0.10
N LEU D 544 36.82 -48.20 0.27
CA LEU D 544 36.22 -48.48 1.56
C LEU D 544 37.29 -49.00 2.55
N GLU D 545 37.15 -48.62 3.82
CA GLU D 545 38.14 -48.97 4.83
C GLU D 545 37.50 -49.79 5.94
N ILE D 546 38.16 -50.88 6.30
CA ILE D 546 37.75 -51.67 7.47
C ILE D 546 38.80 -51.55 8.57
N LYS D 547 38.36 -51.07 9.74
CA LYS D 547 39.22 -50.97 10.92
C LYS D 547 38.81 -52.02 11.91
N ILE D 548 39.76 -52.88 12.28
CA ILE D 548 39.55 -53.90 13.29
C ILE D 548 39.79 -53.26 14.63
N VAL D 549 38.84 -53.44 15.54
CA VAL D 549 38.99 -52.87 16.88
C VAL D 549 39.21 -53.98 17.92
N GLU D 550 39.80 -53.60 19.05
CA GLU D 550 40.04 -54.53 20.16
C GLU D 550 38.78 -55.21 20.67
N PRO D 551 38.93 -56.43 21.21
CA PRO D 551 37.81 -57.07 21.93
C PRO D 551 37.31 -56.18 23.07
N GLY D 552 35.99 -56.09 23.22
CA GLY D 552 35.38 -55.28 24.25
C GLY D 552 35.13 -53.84 23.84
N THR D 553 35.44 -53.51 22.59
CA THR D 553 35.33 -52.12 22.14
C THR D 553 33.88 -51.62 22.06
N PHE D 554 32.99 -52.44 21.50
CA PHE D 554 31.59 -52.07 21.37
C PHE D 554 30.85 -52.11 22.71
N ASP D 555 31.35 -52.88 23.66
CA ASP D 555 30.86 -52.78 25.03
C ASP D 555 31.24 -51.41 25.60
N LYS D 556 32.45 -50.96 25.32
CA LYS D 556 32.93 -49.64 25.74
C LYS D 556 32.13 -48.51 25.08
N LEU D 557 31.77 -48.69 23.80
CA LEU D 557 30.91 -47.74 23.11
C LEU D 557 29.54 -47.67 23.78
N MET D 558 28.98 -48.82 24.13
CA MET D 558 27.72 -48.87 24.87
C MET D 558 27.84 -48.13 26.20
N ASP D 559 28.84 -48.47 27.01
CA ASP D 559 29.01 -47.84 28.33
C ASP D 559 29.18 -46.32 28.25
N TYR D 560 29.91 -45.86 27.24
CA TYR D 560 30.08 -44.42 26.98
C TYR D 560 28.75 -43.78 26.58
N ALA D 561 28.05 -44.41 25.64
CA ALA D 561 26.73 -43.95 25.23
C ALA D 561 25.79 -43.81 26.42
N ILE D 562 25.79 -44.83 27.29
CA ILE D 562 24.97 -44.80 28.51
C ILE D 562 25.27 -43.55 29.36
N SER D 563 26.54 -43.16 29.47
CA SER D 563 26.94 -42.03 30.30
C SER D 563 26.37 -40.66 29.89
N LEU D 564 26.40 -40.30 28.61
CA LEU D 564 25.75 -39.06 28.16
C LEU D 564 24.29 -39.33 27.82
N GLY D 565 23.79 -40.42 28.36
CA GLY D 565 22.36 -40.63 28.50
C GLY D 565 21.64 -41.24 27.33
N ALA D 566 22.34 -42.05 26.56
CA ALA D 566 21.67 -42.87 25.56
C ALA D 566 20.79 -43.86 26.31
N SER D 567 19.54 -43.94 25.88
CA SER D 567 18.54 -44.80 26.52
C SER D 567 18.97 -46.24 26.66
N ILE D 568 19.11 -46.70 27.90
CA ILE D 568 19.59 -48.05 28.17
C ILE D 568 18.60 -49.12 27.71
N ASN D 569 17.30 -48.85 27.83
CA ASN D 569 16.27 -49.80 27.41
C ASN D 569 16.26 -50.11 25.89
N GLN D 570 16.52 -49.10 25.07
CA GLN D 570 16.49 -49.31 23.61
C GLN D 570 17.89 -49.19 23.01
N TYR D 571 18.93 -49.42 23.81
CA TYR D 571 20.27 -49.34 23.23
C TYR D 571 20.59 -50.51 22.36
N LYS D 572 21.18 -50.17 21.22
CA LYS D 572 21.67 -51.12 20.28
C LYS D 572 22.79 -50.50 19.50
N THR D 573 23.71 -51.35 19.08
CA THR D 573 24.87 -50.91 18.36
C THR D 573 24.41 -50.20 17.11
N PRO D 574 24.66 -48.89 17.04
CA PRO D 574 24.32 -48.11 15.85
C PRO D 574 24.92 -48.70 14.59
N ARG D 575 24.22 -48.64 13.47
CA ARG D 575 24.81 -49.09 12.21
C ARG D 575 25.76 -48.03 11.68
N CYS D 576 25.61 -46.81 12.20
CA CYS D 576 26.40 -45.68 11.74
C CYS D 576 26.59 -44.71 12.90
N VAL D 577 27.77 -44.11 13.00
CA VAL D 577 28.00 -43.09 14.04
C VAL D 577 28.43 -41.75 13.42
N LYS D 578 28.14 -40.66 14.12
CA LYS D 578 28.46 -39.33 13.66
C LYS D 578 29.16 -38.45 14.71
N PHE D 579 28.90 -38.72 15.99
CA PHE D 579 29.45 -37.93 17.11
C PHE D 579 30.97 -38.08 17.21
N ALA D 580 31.68 -36.96 17.13
CA ALA D 580 33.16 -36.98 17.08
C ALA D 580 33.81 -37.73 18.27
N PRO D 581 33.40 -37.44 19.53
CA PRO D 581 34.05 -38.18 20.61
C PRO D 581 33.85 -39.69 20.51
N ILE D 582 32.73 -40.13 19.95
CA ILE D 582 32.48 -41.55 19.74
C ILE D 582 33.41 -42.12 18.66
N ILE D 583 33.59 -41.37 17.58
CA ILE D 583 34.46 -41.83 16.50
C ILE D 583 35.90 -41.88 16.99
N GLU D 584 36.29 -40.86 17.76
CA GLU D 584 37.59 -40.84 18.43
C GLU D 584 37.78 -42.05 19.37
N LEU D 585 36.76 -42.34 20.18
CA LEU D 585 36.76 -43.53 21.01
C LEU D 585 37.08 -44.81 20.21
N LEU D 586 36.38 -45.00 19.10
CA LEU D 586 36.54 -46.18 18.24
C LEU D 586 37.91 -46.24 17.57
N ASN D 587 38.39 -45.10 17.07
CA ASN D 587 39.70 -45.05 16.43
C ASN D 587 40.83 -45.37 17.41
N SER D 588 40.69 -44.93 18.65
CA SER D 588 41.73 -45.17 19.64
C SER D 588 41.86 -46.65 19.99
N ARG D 589 40.89 -47.46 19.57
CA ARG D 589 40.96 -48.89 19.81
C ARG D 589 41.18 -49.74 18.58
N VAL D 590 41.62 -49.10 17.50
CA VAL D 590 41.91 -49.82 16.27
C VAL D 590 43.25 -50.58 16.37
N VAL D 591 43.22 -51.87 16.05
CA VAL D 591 44.43 -52.69 16.07
C VAL D 591 45.03 -52.80 14.68
N ASP D 592 44.18 -52.68 13.67
CA ASP D 592 44.62 -52.74 12.28
C ASP D 592 43.56 -52.14 11.37
N SER D 593 43.97 -51.69 10.18
CA SER D 593 43.03 -51.12 9.21
C SER D 593 43.37 -51.54 7.79
N TYR D 594 42.36 -51.60 6.94
CA TYR D 594 42.49 -52.15 5.60
C TYR D 594 41.65 -51.38 4.59
N PHE D 595 42.20 -51.22 3.40
CA PHE D 595 41.46 -50.63 2.30
C PHE D 595 41.18 -51.68 1.25
N SER D 596 40.11 -51.46 0.50
CA SER D 596 39.83 -52.25 -0.68
C SER D 596 40.97 -52.03 -1.67
N PRO D 597 41.56 -53.14 -2.16
CA PRO D 597 42.74 -53.05 -3.04
C PRO D 597 42.39 -52.54 -4.43
N LYS D 598 41.16 -52.75 -4.87
CA LYS D 598 40.71 -52.31 -6.19
C LYS D 598 39.27 -51.79 -6.13
N CYS D 599 38.77 -51.18 -7.20
CA CYS D 599 37.37 -50.73 -7.15
C CYS D 599 36.43 -51.86 -7.61
N PRO D 600 35.16 -51.83 -7.15
CA PRO D 600 34.14 -52.85 -7.46
C PRO D 600 33.74 -52.87 -8.93
N LYS D 601 33.03 -53.92 -9.34
CA LYS D 601 32.54 -54.01 -10.70
C LYS D 601 31.49 -52.92 -10.96
N TRP D 602 31.61 -52.23 -12.09
CA TRP D 602 30.59 -51.29 -12.51
C TRP D 602 30.47 -51.22 -14.02
N VAL D 603 29.23 -51.38 -14.50
CA VAL D 603 28.88 -51.15 -15.91
C VAL D 603 27.58 -50.34 -15.96
N PRO D 604 27.55 -49.46 -16.93
CA PRO D 604 26.44 -48.57 -17.14
C PRO D 604 25.18 -49.28 -17.52
N GLY D 605 24.10 -48.85 -16.91
CA GLY D 605 22.74 -49.16 -17.27
C GLY D 605 21.94 -50.40 -16.89
N HIS D 606 22.39 -51.28 -16.01
CA HIS D 606 21.82 -52.66 -15.99
C HIS D 606 21.33 -53.22 -17.30
P AMP E . 32.92 10.12 21.49
O1P AMP E . 32.39 10.20 22.90
O2P AMP E . 31.84 10.04 20.45
O3P AMP E . 34.03 11.07 21.19
O5' AMP E . 33.60 8.69 21.37
C5' AMP E . 34.15 8.25 20.14
C4' AMP E . 35.05 7.05 20.33
O4' AMP E . 34.26 5.84 20.52
C3' AMP E . 35.93 6.71 19.13
O3' AMP E . 37.06 7.56 19.04
C2' AMP E . 36.26 5.26 19.37
O2' AMP E . 37.28 5.15 20.36
C1' AMP E . 34.92 4.74 19.92
N9 AMP E . 34.06 4.26 18.82
C8 AMP E . 33.23 4.99 18.04
N7 AMP E . 32.64 4.22 17.09
C5 AMP E . 33.11 2.98 17.28
C6 AMP E . 32.92 1.65 16.65
N6 AMP E . 32.11 1.47 15.61
N1 AMP E . 33.61 0.63 17.18
C2 AMP E . 34.44 0.74 18.23
N3 AMP E . 34.66 1.90 18.84
C4 AMP E . 34.05 3.01 18.41
C IAC F . 29.70 7.72 20.08
C1 IAC F . 28.71 8.81 19.90
C2 IAC F . 28.23 8.91 18.60
C3 IAC F . 28.64 8.03 17.51
C4 IAC F . 29.47 6.88 17.83
C5 IAC F . 30.09 6.89 19.08
C7 IAC F . 28.59 9.43 21.19
C8 IAC F . 29.34 8.90 22.11
C17 IAC F . 27.66 10.62 21.52
C18 IAC F . 26.88 10.46 22.78
N IAC F . 30.01 7.89 21.54
O2 IAC F . 25.71 10.09 22.76
O3 IAC F . 27.40 10.69 23.90
P AMP G . 0.05 25.45 -10.57
O1P AMP G . -0.08 24.23 -9.69
O2P AMP G . 0.82 26.59 -9.93
O3P AMP G . 0.38 25.18 -12.02
O5' AMP G . -1.43 26.04 -10.64
C5' AMP G . -2.22 26.17 -9.48
C4' AMP G . -3.48 26.96 -9.77
O4' AMP G . -4.44 26.09 -10.41
C3' AMP G . -4.22 27.49 -8.55
O3' AMP G . -3.64 28.69 -8.04
C2' AMP G . -5.63 27.67 -9.08
O2' AMP G . -5.76 28.91 -9.77
C1' AMP G . -5.75 26.51 -10.08
N9 AMP G . -6.47 25.39 -9.49
C8 AMP G . -5.94 24.42 -8.73
N7 AMP G . -6.90 23.58 -8.27
C5 AMP G . -8.09 24.02 -8.75
C6 AMP G . -9.51 23.59 -8.64
N6 AMP G . -9.87 22.50 -7.94
N1 AMP G . -10.43 24.35 -9.27
C2 AMP G . -10.10 25.45 -9.99
N3 AMP G . -8.84 25.89 -10.12
C4 AMP G . -7.80 25.23 -9.53
C IAC H . -2.36 21.71 -10.96
C1 IAC H . -1.28 20.73 -10.67
C2 IAC H . -1.53 19.96 -9.51
C3 IAC H . -2.84 19.90 -8.87
C4 IAC H . -3.85 20.88 -9.26
C5 IAC H . -3.49 21.84 -10.21
C7 IAC H . -0.30 20.90 -11.71
C8 IAC H . -0.62 21.81 -12.56
C17 IAC H . 1.02 20.14 -11.88
C18 IAC H . 1.28 19.79 -13.31
N IAC H . -1.80 22.34 -12.20
O2 IAC H . 1.82 20.55 -14.10
O3 IAC H . 0.93 18.73 -13.80
S SO4 I . -0.09 22.35 -20.27
O1 SO4 I . -0.65 22.05 -18.95
O2 SO4 I . -0.11 21.10 -21.04
O3 SO4 I . 1.29 22.78 -20.07
O4 SO4 I . -0.93 23.34 -20.98
S SO4 J . -1.30 14.05 -22.97
O1 SO4 J . 0.11 13.73 -23.23
O2 SO4 J . -1.97 12.86 -22.46
O3 SO4 J . -1.36 15.13 -21.98
O4 SO4 J . -1.97 14.46 -24.19
P AMP K . -52.63 1.94 -2.75
O1P AMP K . -53.06 0.53 -3.05
O2P AMP K . -51.72 2.09 -1.57
O3P AMP K . -53.77 2.92 -2.83
O5' AMP K . -51.69 2.36 -3.97
C5' AMP K . -50.98 1.39 -4.73
C4' AMP K . -50.59 1.95 -6.07
O4' AMP K . -49.72 3.11 -5.90
C3' AMP K . -49.76 1.04 -6.96
O3' AMP K . -50.54 0.02 -7.56
C2' AMP K . -49.16 2.02 -7.95
O2' AMP K . -50.11 2.38 -8.94
C1' AMP K . -48.88 3.23 -7.03
N9 AMP K . -47.48 3.16 -6.57
C8 AMP K . -47.07 2.48 -5.49
N7 AMP K . -45.72 2.55 -5.37
C5 AMP K . -45.25 3.29 -6.41
C6 AMP K . -43.93 3.73 -6.88
N6 AMP K . -42.80 3.41 -6.20
N1 AMP K . -43.89 4.46 -8.04
C2 AMP K . -45.00 4.78 -8.71
N3 AMP K . -46.24 4.40 -8.33
C4 AMP K . -46.42 3.66 -7.21
C IAC L . -48.95 3.76 -1.36
C1 IAC L . -49.13 3.28 0.03
C2 IAC L . -48.11 2.43 0.48
C3 IAC L . -46.91 2.20 -0.30
C4 IAC L . -46.81 2.73 -1.65
C5 IAC L . -47.91 3.43 -2.16
C7 IAC L . -50.33 3.87 0.50
C8 IAC L . -50.91 4.62 -0.37
C17 IAC L . -50.91 3.66 1.91
C18 IAC L . -51.71 4.85 2.36
N IAC L . -50.18 4.61 -1.49
O2 IAC L . -52.76 5.20 1.79
O3 IAC L . -51.34 5.52 3.33
P AMP M . 18.56 -37.15 -8.09
O1P AMP M . 19.69 -38.15 -8.24
O2P AMP M . 18.87 -35.80 -8.70
O3P AMP M . 17.19 -37.67 -8.40
O5' AMP M . 18.44 -36.83 -6.54
C5' AMP M . 17.43 -35.97 -6.03
C4' AMP M . 17.48 -35.93 -4.53
O4' AMP M . 18.67 -35.21 -4.10
C3' AMP M . 16.36 -35.19 -3.83
O3' AMP M . 15.16 -35.94 -3.76
C2' AMP M . 16.98 -34.86 -2.47
O2' AMP M . 16.91 -35.97 -1.59
C1' AMP M . 18.45 -34.61 -2.85
N9 AMP M . 18.66 -33.16 -2.95
C8 AMP M . 18.45 -32.37 -4.02
N7 AMP M . 18.70 -31.08 -3.70
C5 AMP M . 19.03 -31.03 -2.39
C6 AMP M . 19.40 -29.99 -1.41
N6 AMP M . 19.47 -28.68 -1.75
N1 AMP M . 19.66 -30.38 -0.15
C2 AMP M . 19.61 -31.67 0.22
N3 AMP M . 19.28 -32.67 -0.61
C4 AMP M . 18.98 -32.41 -1.90
C IAC N . 20.97 -33.68 -7.91
C1 IAC N . 21.18 -33.41 -9.35
C2 IAC N . 20.77 -32.11 -9.73
C3 IAC N . 20.16 -31.17 -8.80
C4 IAC N . 20.23 -31.45 -7.37
C5 IAC N . 20.44 -32.79 -7.02
C7 IAC N . 21.78 -34.59 -9.90
C8 IAC N . 21.93 -35.53 -9.03
C17 IAC N . 22.19 -34.82 -11.38
C18 IAC N . 23.49 -35.53 -11.64
N IAC N . 21.48 -35.08 -7.84
O2 IAC N . 24.44 -34.99 -12.19
O3 IAC N . 23.66 -36.71 -11.32
#